data_6VGQ
#
_entry.id   6VGQ
#
loop_
_entity.id
_entity.type
_entity.pdbx_description
1 polymer 'ATP-dependent Clp protease proteolytic subunit 1'
2 polymer 'ATP-dependent Clp protease proteolytic subunit'
3 polymer Z-Gly-leu-phe-CH2Cl
#
loop_
_entity_poly.entity_id
_entity_poly.type
_entity_poly.pdbx_seq_one_letter_code
_entity_poly.pdbx_strand_id
1 'polypeptide(L)'
;MRSNSQGLSLTDSVYERLLSERIIFLGSEVNDEIANRLCAQILLLAAEDASKDISLYINSPGGSISAGMAIYDTMVLAPC
DIATYAMGMAASMGEFLLAAGTKGKRYALPHARILMHQPLGGVTGSAADIAIQAEQFAVIKKEMFRLNAEFTGQPIERIE
ADSDRDRWFTAAEALEYGFVDHIITRAHVNGEAQ
;
N,H,I,J,K,L,M
2 'polypeptide(L)'
;ILPSFIEHSSFGVKESNPYNKLFEERIIFLGVQVDDASANDIMAQLLVLESLDPDRDITMYINSPGGGFTSLMAIYDTMQ
YVRADIQTVCLGQAASAAAVLLAAGTPGKRMALPNARVLIHQPSLSGVIQGQFSDLEIQAAEIERMRTLMETTLARHTGK
DAGVIRKDTDRDKILTAEEAKDYGIIDTVLEYRKLSAQTA
;
A,B,C,D,E,F,G
3 'polypeptide(L)' (PHQ)GLF(0QE) U,O,P,Q,R,S,T
#
loop_
_chem_comp.id
_chem_comp.type
_chem_comp.name
_chem_comp.formula
0QE non-polymer chloromethane 'C H3 Cl'
PHQ non-polymer 'benzyl chlorocarbonate' 'C8 H7 Cl O2'
#
# COMPACT_ATOMS: atom_id res chain seq x y z
N SER A 9 -0.01 28.95 -16.72
CA SER A 9 -1.21 28.40 -16.01
C SER A 9 -2.40 29.36 -16.17
N LEU A 10 -3.50 28.85 -16.72
CA LEU A 10 -4.66 29.70 -16.96
C LEU A 10 -5.25 30.24 -15.67
N THR A 11 -5.39 29.37 -14.65
CA THR A 11 -5.94 29.83 -13.38
C THR A 11 -5.15 31.01 -12.85
N ASP A 12 -3.81 30.88 -12.85
CA ASP A 12 -2.97 31.97 -12.37
C ASP A 12 -3.08 33.20 -13.27
N SER A 13 -3.19 33.00 -14.59
CA SER A 13 -3.35 34.16 -15.46
C SER A 13 -4.57 34.97 -15.07
N VAL A 14 -5.70 34.31 -14.87
CA VAL A 14 -6.92 35.01 -14.47
C VAL A 14 -6.71 35.71 -13.12
N TYR A 15 -6.17 34.98 -12.14
CA TYR A 15 -6.01 35.57 -10.81
C TYR A 15 -5.07 36.76 -10.85
N GLU A 16 -4.01 36.71 -11.65
CA GLU A 16 -3.05 37.81 -11.69
C GLU A 16 -3.65 39.03 -12.36
N ARG A 17 -4.39 38.82 -13.46
CA ARG A 17 -5.12 39.95 -14.05
C ARG A 17 -6.01 40.61 -13.01
N LEU A 18 -6.71 39.80 -12.21
CA LEU A 18 -7.57 40.40 -11.18
C LEU A 18 -6.77 41.05 -10.06
N LEU A 19 -5.61 40.48 -9.71
CA LEU A 19 -4.75 41.11 -8.71
C LEU A 19 -4.41 42.53 -9.14
N SER A 20 -4.13 42.72 -10.42
CA SER A 20 -3.88 44.08 -10.93
C SER A 20 -5.09 45.00 -10.77
N GLU A 21 -6.29 44.44 -10.60
CA GLU A 21 -7.49 45.22 -10.35
C GLU A 21 -7.81 45.27 -8.86
N ARG A 22 -6.88 44.84 -8.01
CA ARG A 22 -7.03 44.86 -6.56
C ARG A 22 -8.15 43.93 -6.10
N ILE A 23 -8.28 42.79 -6.77
CA ILE A 23 -9.20 41.73 -6.38
C ILE A 23 -8.40 40.49 -6.04
N ILE A 24 -8.63 39.94 -4.85
CA ILE A 24 -7.90 38.78 -4.37
C ILE A 24 -8.91 37.77 -3.83
N PHE A 25 -8.53 36.49 -3.89
CA PHE A 25 -9.44 35.41 -3.54
C PHE A 25 -8.89 34.57 -2.41
N LEU A 26 -9.79 34.16 -1.52
CA LEU A 26 -9.53 33.15 -0.51
C LEU A 26 -10.42 31.97 -0.88
N GLY A 27 -9.86 31.03 -1.63
CA GLY A 27 -10.66 29.99 -2.27
C GLY A 27 -10.53 28.60 -1.71
N SER A 28 -9.89 28.41 -0.56
CA SER A 28 -9.73 27.06 -0.03
C SER A 28 -9.62 27.12 1.49
N GLU A 29 -9.41 25.95 2.09
CA GLU A 29 -9.20 25.86 3.52
C GLU A 29 -8.03 26.76 3.91
N VAL A 30 -8.24 27.61 4.90
CA VAL A 30 -7.16 28.49 5.32
C VAL A 30 -6.12 27.66 6.06
N ASN A 31 -4.92 27.64 5.50
CA ASN A 31 -3.76 26.99 6.09
C ASN A 31 -2.62 27.98 5.98
N ASP A 32 -1.40 27.55 6.24
CA ASP A 32 -0.30 28.50 6.18
C ASP A 32 0.05 28.89 4.75
N GLU A 33 -0.09 27.97 3.79
CA GLU A 33 0.19 28.32 2.41
C GLU A 33 -0.74 29.43 1.93
N ILE A 34 -2.05 29.26 2.14
CA ILE A 34 -3.01 30.28 1.71
C ILE A 34 -2.77 31.57 2.49
N ALA A 35 -2.60 31.47 3.80
CA ALA A 35 -2.46 32.68 4.60
C ALA A 35 -1.23 33.47 4.15
N ASN A 36 -0.13 32.79 3.87
CA ASN A 36 1.07 33.50 3.47
C ASN A 36 0.93 34.10 2.08
N ARG A 37 0.37 33.35 1.14
CA ARG A 37 0.12 33.92 -0.18
C ARG A 37 -0.78 35.15 -0.09
N LEU A 38 -1.85 35.05 0.70
CA LEU A 38 -2.83 36.13 0.77
C LEU A 38 -2.27 37.34 1.51
N CYS A 39 -1.50 37.11 2.57
CA CYS A 39 -0.85 38.22 3.25
C CYS A 39 0.13 38.93 2.33
N ALA A 40 0.88 38.15 1.54
CA ALA A 40 1.80 38.76 0.59
C ALA A 40 1.03 39.60 -0.41
N GLN A 41 -0.12 39.11 -0.89
CA GLN A 41 -0.90 39.89 -1.85
C GLN A 41 -1.42 41.18 -1.23
N ILE A 42 -1.89 41.12 0.02
CA ILE A 42 -2.40 42.34 0.65
C ILE A 42 -1.27 43.34 0.85
N LEU A 43 -0.13 42.88 1.36
CA LEU A 43 1.02 43.78 1.51
C LEU A 43 1.39 44.41 0.19
N LEU A 44 1.43 43.61 -0.88
CA LEU A 44 1.82 44.11 -2.19
C LEU A 44 0.83 45.14 -2.71
N LEU A 45 -0.46 44.83 -2.63
CA LEU A 45 -1.48 45.76 -3.11
C LEU A 45 -1.44 47.06 -2.33
N ALA A 46 -1.32 46.99 -1.00
CA ALA A 46 -1.24 48.21 -0.21
C ALA A 46 -0.01 49.02 -0.57
N ALA A 47 1.12 48.33 -0.85
CA ALA A 47 2.32 49.04 -1.25
C ALA A 47 2.13 49.75 -2.59
N GLU A 48 1.46 49.10 -3.55
CA GLU A 48 1.27 49.71 -4.86
C GLU A 48 0.40 50.96 -4.77
N ASP A 49 -0.70 50.89 -4.01
CA ASP A 49 -1.58 52.04 -3.85
C ASP A 49 -2.33 51.87 -2.54
N ALA A 50 -1.98 52.69 -1.54
CA ALA A 50 -2.56 52.58 -0.21
C ALA A 50 -3.88 53.31 -0.06
N SER A 51 -4.33 54.04 -1.08
CA SER A 51 -5.59 54.77 -1.00
C SER A 51 -6.77 53.97 -1.55
N LYS A 52 -6.52 53.09 -2.51
CA LYS A 52 -7.59 52.34 -3.14
C LYS A 52 -7.99 51.11 -2.32
N ASP A 53 -9.25 50.73 -2.46
CA ASP A 53 -9.77 49.56 -1.76
C ASP A 53 -9.18 48.26 -2.32
N ILE A 54 -9.17 47.23 -1.48
CA ILE A 54 -8.92 45.85 -1.89
C ILE A 54 -10.23 45.09 -1.72
N SER A 55 -10.60 44.30 -2.72
CA SER A 55 -11.80 43.48 -2.68
C SER A 55 -11.41 42.03 -2.49
N LEU A 56 -11.75 41.47 -1.33
CA LEU A 56 -11.44 40.09 -0.98
C LEU A 56 -12.69 39.24 -1.10
N TYR A 57 -12.66 38.28 -2.02
CA TYR A 57 -13.76 37.34 -2.21
C TYR A 57 -13.46 36.06 -1.42
N ILE A 58 -14.42 35.65 -0.59
CA ILE A 58 -14.22 34.54 0.33
C ILE A 58 -15.14 33.40 -0.07
N ASN A 59 -14.55 32.23 -0.27
CA ASN A 59 -15.30 30.99 -0.51
C ASN A 59 -14.46 29.88 0.11
N SER A 60 -14.74 29.53 1.37
CA SER A 60 -13.83 28.66 2.09
C SER A 60 -14.53 27.73 3.08
N PRO A 61 -14.13 26.45 3.15
CA PRO A 61 -14.76 25.51 4.09
C PRO A 61 -14.32 25.68 5.54
N GLY A 62 -13.30 26.47 5.82
CA GLY A 62 -12.77 26.61 7.16
C GLY A 62 -11.27 26.77 7.11
N GLY A 63 -10.60 26.54 8.23
CA GLY A 63 -9.15 26.64 8.22
C GLY A 63 -8.56 26.75 9.61
N SER A 64 -7.24 26.86 9.62
CA SER A 64 -6.46 26.94 10.85
C SER A 64 -6.57 28.34 11.46
N ILE A 65 -6.54 28.40 12.80
CA ILE A 65 -6.73 29.70 13.46
C ILE A 65 -5.48 30.55 13.35
N SER A 66 -4.30 29.96 13.52
CA SER A 66 -3.08 30.76 13.44
C SER A 66 -2.93 31.40 12.06
N ALA A 67 -3.16 30.61 11.01
CA ALA A 67 -3.11 31.15 9.66
C ALA A 67 -4.14 32.26 9.47
N GLY A 68 -5.35 32.03 9.99
CA GLY A 68 -6.37 33.05 9.92
C GLY A 68 -5.98 34.33 10.63
N MET A 69 -5.26 34.23 11.74
CA MET A 69 -4.81 35.42 12.44
C MET A 69 -3.77 36.17 11.62
N ALA A 70 -2.87 35.44 10.95
CA ALA A 70 -1.96 36.13 10.05
C ALA A 70 -2.75 36.96 9.04
N ILE A 71 -3.73 36.34 8.38
CA ILE A 71 -4.54 37.08 7.41
C ILE A 71 -5.21 38.27 8.08
N TYR A 72 -5.79 38.05 9.25
CA TYR A 72 -6.60 39.08 9.89
C TYR A 72 -5.77 40.30 10.28
N ASP A 73 -4.60 40.08 10.88
CA ASP A 73 -3.75 41.21 11.22
C ASP A 73 -3.26 41.93 9.98
N THR A 74 -2.92 41.18 8.92
CA THR A 74 -2.51 41.85 7.70
C THR A 74 -3.65 42.73 7.16
N MET A 75 -4.88 42.23 7.22
CA MET A 75 -6.03 43.03 6.79
C MET A 75 -6.18 44.28 7.62
N VAL A 76 -6.14 44.13 8.96
CA VAL A 76 -6.38 45.26 9.84
C VAL A 76 -5.32 46.33 9.65
N LEU A 77 -4.06 45.92 9.56
CA LEU A 77 -2.97 46.89 9.54
C LEU A 77 -2.72 47.48 8.16
N ALA A 78 -3.24 46.87 7.11
CA ALA A 78 -3.06 47.46 5.79
C ALA A 78 -3.63 48.88 5.80
N PRO A 79 -2.91 49.85 5.23
CA PRO A 79 -3.40 51.24 5.25
C PRO A 79 -4.66 51.46 4.44
N CYS A 80 -5.03 50.52 3.58
CA CYS A 80 -6.18 50.65 2.69
C CYS A 80 -7.38 49.91 3.27
N ASP A 81 -8.57 50.39 2.94
CA ASP A 81 -9.78 49.67 3.30
C ASP A 81 -9.85 48.35 2.54
N ILE A 82 -10.35 47.31 3.21
CA ILE A 82 -10.52 46.01 2.60
C ILE A 82 -12.00 45.64 2.66
N ALA A 83 -12.61 45.47 1.50
CA ALA A 83 -13.98 45.01 1.39
C ALA A 83 -13.99 43.49 1.26
N THR A 84 -15.03 42.86 1.80
CA THR A 84 -15.14 41.41 1.79
C THR A 84 -16.46 40.98 1.18
N TYR A 85 -16.43 39.87 0.46
CA TYR A 85 -17.61 39.32 -0.19
C TYR A 85 -17.76 37.85 0.16
N ALA A 86 -18.96 37.46 0.57
CA ALA A 86 -19.29 36.06 0.85
C ALA A 86 -19.97 35.47 -0.37
N MET A 87 -19.25 34.62 -1.08
CA MET A 87 -19.79 33.87 -2.20
C MET A 87 -19.64 32.38 -1.90
N GLY A 88 -20.61 31.60 -2.34
CA GLY A 88 -20.57 30.19 -1.98
C GLY A 88 -20.74 30.07 -0.48
N MET A 89 -19.71 29.61 0.21
CA MET A 89 -19.77 29.39 1.65
C MET A 89 -18.59 30.05 2.36
N ALA A 90 -18.87 30.72 3.46
CA ALA A 90 -17.87 31.32 4.34
C ALA A 90 -17.96 30.62 5.70
N ALA A 91 -17.13 29.59 5.92
CA ALA A 91 -17.24 28.76 7.10
C ALA A 91 -16.06 28.95 8.04
N SER A 92 -16.38 29.42 9.24
CA SER A 92 -15.57 29.47 10.45
C SER A 92 -14.36 30.39 10.46
N MET A 93 -13.54 30.35 9.43
CA MET A 93 -12.48 31.34 9.30
C MET A 93 -12.76 32.16 8.06
N GLY A 94 -13.45 31.55 7.10
CA GLY A 94 -14.09 32.34 6.08
C GLY A 94 -15.10 33.31 6.67
N GLU A 95 -15.90 32.83 7.64
CA GLU A 95 -16.85 33.72 8.31
C GLU A 95 -16.14 34.79 9.10
N PHE A 96 -15.10 34.40 9.85
CA PHE A 96 -14.35 35.38 10.63
C PHE A 96 -13.77 36.46 9.74
N LEU A 97 -13.07 36.06 8.66
CA LEU A 97 -12.45 37.03 7.77
C LEU A 97 -13.49 37.84 7.02
N LEU A 98 -14.65 37.26 6.73
CA LEU A 98 -15.75 38.03 6.15
C LEU A 98 -16.18 39.15 7.08
N ALA A 99 -16.51 38.78 8.33
CA ALA A 99 -16.92 39.77 9.32
C ALA A 99 -15.79 40.71 9.69
N ALA A 100 -14.55 40.34 9.38
CA ALA A 100 -13.37 41.13 9.72
C ALA A 100 -13.09 42.25 8.72
N GLY A 101 -13.82 42.32 7.61
CA GLY A 101 -13.62 43.41 6.68
C GLY A 101 -14.01 44.73 7.32
N THR A 102 -13.65 45.82 6.64
CA THR A 102 -13.97 47.14 7.19
C THR A 102 -15.49 47.31 7.26
N LYS A 103 -15.96 47.87 8.36
CA LYS A 103 -17.39 48.00 8.56
C LYS A 103 -17.99 48.96 7.54
N GLY A 104 -19.07 48.54 6.90
CA GLY A 104 -19.69 49.29 5.84
C GLY A 104 -19.43 48.71 4.46
N LYS A 105 -18.48 47.79 4.33
CA LYS A 105 -18.15 47.17 3.05
C LYS A 105 -18.08 45.66 3.14
N ARG A 106 -18.78 45.05 4.10
CA ARG A 106 -18.85 43.60 4.22
C ARG A 106 -20.12 43.12 3.52
N TYR A 107 -19.94 42.39 2.42
CA TYR A 107 -21.06 42.00 1.57
C TYR A 107 -21.28 40.50 1.60
N ALA A 108 -22.56 40.12 1.50
CA ALA A 108 -22.95 38.75 1.22
C ALA A 108 -23.63 38.70 -0.14
N LEU A 109 -23.41 37.62 -0.86
CA LEU A 109 -24.20 37.47 -2.06
C LEU A 109 -25.48 36.71 -1.74
N PRO A 110 -26.54 36.92 -2.53
CA PRO A 110 -27.89 36.48 -2.10
C PRO A 110 -28.01 35.03 -1.68
N HIS A 111 -27.28 34.10 -2.31
CA HIS A 111 -27.42 32.68 -1.99
C HIS A 111 -26.18 32.14 -1.28
N ALA A 112 -25.44 33.02 -0.61
CA ALA A 112 -24.30 32.60 0.19
C ALA A 112 -24.77 31.93 1.47
N ARG A 113 -23.87 31.15 2.06
CA ARG A 113 -24.09 30.52 3.36
C ARG A 113 -22.93 30.88 4.27
N ILE A 114 -23.23 31.25 5.50
CA ILE A 114 -22.23 31.64 6.49
C ILE A 114 -22.39 30.73 7.70
N LEU A 115 -21.30 30.06 8.08
CA LEU A 115 -21.32 29.04 9.12
C LEU A 115 -20.44 29.47 10.28
N MET A 116 -21.02 29.53 11.48
CA MET A 116 -20.30 29.87 12.70
C MET A 116 -20.30 28.66 13.62
N HIS A 117 -19.13 28.32 14.15
CA HIS A 117 -18.99 27.18 15.06
C HIS A 117 -17.78 27.42 15.95
N GLN A 118 -17.78 26.78 17.12
CA GLN A 118 -16.65 26.90 18.02
C GLN A 118 -15.42 26.19 17.45
N PRO A 119 -14.22 26.57 17.88
CA PRO A 119 -13.00 25.99 17.32
C PRO A 119 -12.90 24.48 17.50
N LEU A 120 -12.18 23.85 16.59
CA LEU A 120 -11.78 22.46 16.69
C LEU A 120 -10.29 22.37 16.98
N GLY A 121 -9.88 21.24 17.56
CA GLY A 121 -8.48 21.00 17.82
C GLY A 121 -8.21 19.57 18.24
N GLY A 122 -7.15 19.35 19.01
CA GLY A 122 -6.83 18.01 19.47
C GLY A 122 -5.80 18.02 20.56
N VAL A 123 -5.74 16.89 21.27
CA VAL A 123 -4.93 16.73 22.48
C VAL A 123 -3.99 15.55 22.26
N THR A 124 -2.68 15.75 22.47
CA THR A 124 -1.68 14.77 22.05
C THR A 124 -0.65 14.33 23.09
N GLY A 125 -0.34 15.15 24.10
CA GLY A 125 0.86 14.91 24.90
C GLY A 125 0.62 14.15 26.18
N SER A 126 1.55 14.30 27.12
CA SER A 126 1.40 13.74 28.45
C SER A 126 0.43 14.60 29.26
N ALA A 127 -0.01 14.07 30.41
CA ALA A 127 -1.00 14.79 31.20
C ALA A 127 -0.59 16.25 31.43
N ALA A 128 0.70 16.48 31.68
CA ALA A 128 1.19 17.85 31.86
C ALA A 128 1.04 18.67 30.57
N ASP A 129 1.49 18.12 29.45
CA ASP A 129 1.38 18.82 28.19
C ASP A 129 -0.07 19.06 27.83
N ILE A 130 -0.95 18.13 28.23
CA ILE A 130 -2.37 18.25 27.91
C ILE A 130 -2.99 19.35 28.74
N ALA A 131 -2.60 19.46 30.01
CA ALA A 131 -3.06 20.60 30.79
C ALA A 131 -2.69 21.90 30.08
N ILE A 132 -1.47 21.98 29.56
CA ILE A 132 -1.06 23.20 28.86
C ILE A 132 -1.91 23.41 27.60
N GLN A 133 -2.08 22.36 26.79
CA GLN A 133 -2.84 22.49 25.55
C GLN A 133 -4.27 22.93 25.84
N ALA A 134 -4.88 22.39 26.90
CA ALA A 134 -6.24 22.76 27.26
C ALA A 134 -6.31 24.21 27.70
N GLU A 135 -5.33 24.67 28.48
CA GLU A 135 -5.31 26.09 28.85
C GLU A 135 -5.25 26.98 27.62
N GLN A 136 -4.39 26.63 26.66
CA GLN A 136 -4.30 27.45 25.46
C GLN A 136 -5.59 27.41 24.65
N PHE A 137 -6.27 26.26 24.63
CA PHE A 137 -7.58 26.20 23.99
C PHE A 137 -8.53 27.20 24.63
N ALA A 138 -8.61 27.21 25.96
CA ALA A 138 -9.50 28.15 26.63
C ALA A 138 -9.22 29.58 26.19
N VAL A 139 -7.93 29.95 26.16
CA VAL A 139 -7.58 31.31 25.75
C VAL A 139 -8.05 31.58 24.32
N ILE A 140 -7.76 30.66 23.41
CA ILE A 140 -8.14 30.87 22.00
C ILE A 140 -9.64 31.03 21.87
N LYS A 141 -10.40 30.15 22.53
CA LYS A 141 -11.84 30.22 22.46
C LYS A 141 -12.33 31.60 22.85
N LYS A 142 -11.85 32.09 24.00
CA LYS A 142 -12.32 33.40 24.45
C LYS A 142 -11.96 34.48 23.44
N GLU A 143 -10.74 34.45 22.89
CA GLU A 143 -10.33 35.53 21.98
C GLU A 143 -11.14 35.50 20.69
N MET A 144 -11.36 34.31 20.12
CA MET A 144 -12.14 34.23 18.89
C MET A 144 -13.56 34.75 19.12
N PHE A 145 -14.16 34.39 20.25
CA PHE A 145 -15.51 34.88 20.52
C PHE A 145 -15.52 36.38 20.74
N ARG A 146 -14.51 36.91 21.44
CA ARG A 146 -14.43 38.35 21.64
C ARG A 146 -14.38 39.09 20.31
N LEU A 147 -13.58 38.59 19.37
CA LEU A 147 -13.47 39.27 18.09
C LEU A 147 -14.75 39.15 17.29
N ASN A 148 -15.42 37.99 17.33
CA ASN A 148 -16.72 37.91 16.66
C ASN A 148 -17.70 38.90 17.24
N ALA A 149 -17.69 39.07 18.57
CA ALA A 149 -18.58 40.04 19.18
C ALA A 149 -18.27 41.45 18.72
N GLU A 150 -16.98 41.80 18.64
CA GLU A 150 -16.62 43.12 18.12
C GLU A 150 -17.10 43.30 16.69
N PHE A 151 -16.99 42.25 15.87
CA PHE A 151 -17.40 42.36 14.47
C PHE A 151 -18.90 42.57 14.34
N THR A 152 -19.69 41.71 14.99
CA THR A 152 -21.14 41.70 14.75
C THR A 152 -21.92 42.65 15.63
N GLY A 153 -21.40 43.01 16.81
CA GLY A 153 -22.16 43.80 17.75
C GLY A 153 -22.98 42.97 18.71
N GLN A 154 -22.94 41.65 18.59
CA GLN A 154 -23.65 40.78 19.52
C GLN A 154 -22.88 40.68 20.83
N PRO A 155 -23.59 40.47 21.95
CA PRO A 155 -22.88 40.17 23.21
C PRO A 155 -22.03 38.92 23.07
N ILE A 156 -20.88 38.91 23.75
CA ILE A 156 -20.00 37.74 23.68
C ILE A 156 -20.74 36.50 24.20
N GLU A 157 -21.60 36.69 25.19
CA GLU A 157 -22.39 35.57 25.70
C GLU A 157 -23.19 34.92 24.58
N ARG A 158 -23.78 35.73 23.69
CA ARG A 158 -24.56 35.17 22.60
C ARG A 158 -23.66 34.45 21.61
N ILE A 159 -22.49 35.00 21.30
CA ILE A 159 -21.60 34.31 20.39
C ILE A 159 -21.26 32.93 20.95
N GLU A 160 -20.91 32.87 22.23
CA GLU A 160 -20.54 31.58 22.81
C GLU A 160 -21.72 30.60 22.76
N ALA A 161 -22.93 31.07 23.07
CA ALA A 161 -24.07 30.16 23.02
C ALA A 161 -24.36 29.70 21.60
N ASP A 162 -24.40 30.63 20.65
CA ASP A 162 -24.77 30.28 19.28
C ASP A 162 -23.73 29.38 18.62
N SER A 163 -22.45 29.62 18.87
CA SER A 163 -21.39 28.85 18.22
C SER A 163 -21.17 27.48 18.84
N ASP A 164 -21.98 27.10 19.84
CA ASP A 164 -21.79 25.80 20.48
C ASP A 164 -21.77 24.67 19.47
N ARG A 165 -22.75 24.65 18.55
CA ARG A 165 -22.78 23.70 17.46
C ARG A 165 -23.00 24.45 16.16
N ASP A 166 -22.77 23.77 15.05
CA ASP A 166 -22.88 24.40 13.73
C ASP A 166 -24.12 25.26 13.65
N ARG A 167 -23.92 26.56 13.46
CA ARG A 167 -25.01 27.53 13.35
C ARG A 167 -24.96 28.12 11.95
N TRP A 168 -25.90 27.70 11.10
CA TRP A 168 -25.95 28.15 9.72
C TRP A 168 -26.77 29.43 9.60
N PHE A 169 -26.26 30.37 8.80
CA PHE A 169 -26.97 31.60 8.50
C PHE A 169 -27.13 31.74 6.99
N THR A 170 -28.32 32.15 6.57
CA THR A 170 -28.49 32.61 5.20
C THR A 170 -27.99 34.04 5.09
N ALA A 171 -27.86 34.53 3.86
CA ALA A 171 -27.37 35.89 3.68
C ALA A 171 -28.25 36.89 4.42
N ALA A 172 -29.57 36.70 4.36
CA ALA A 172 -30.48 37.59 5.06
C ALA A 172 -30.29 37.50 6.58
N GLU A 173 -30.20 36.27 7.09
CA GLU A 173 -29.97 36.09 8.52
C GLU A 173 -28.61 36.63 8.93
N ALA A 174 -27.60 36.49 8.07
CA ALA A 174 -26.30 37.06 8.37
C ALA A 174 -26.35 38.57 8.43
N LEU A 175 -27.16 39.19 7.56
CA LEU A 175 -27.31 40.64 7.61
C LEU A 175 -27.97 41.08 8.91
N GLU A 176 -29.03 40.38 9.33
CA GLU A 176 -29.67 40.73 10.60
C GLU A 176 -28.73 40.48 11.77
N TYR A 177 -27.95 39.40 11.71
CA TYR A 177 -27.07 39.04 12.81
C TYR A 177 -25.94 40.05 12.96
N GLY A 178 -25.34 40.47 11.85
CA GLY A 178 -24.28 41.45 11.88
C GLY A 178 -22.97 40.97 11.29
N PHE A 179 -22.97 39.83 10.59
CA PHE A 179 -21.75 39.41 9.91
C PHE A 179 -21.43 40.32 8.75
N VAL A 180 -22.46 40.78 8.03
CA VAL A 180 -22.28 41.59 6.84
C VAL A 180 -23.11 42.86 6.98
N ASP A 181 -22.75 43.85 6.17
CA ASP A 181 -23.45 45.12 6.14
C ASP A 181 -24.49 45.20 5.03
N HIS A 182 -24.24 44.52 3.93
CA HIS A 182 -25.11 44.60 2.76
C HIS A 182 -25.20 43.24 2.09
N ILE A 183 -26.30 43.03 1.39
CA ILE A 183 -26.46 41.90 0.48
C ILE A 183 -26.58 42.47 -0.92
N ILE A 184 -25.75 41.98 -1.84
CA ILE A 184 -25.69 42.54 -3.18
C ILE A 184 -26.77 41.91 -4.03
N THR A 185 -27.59 42.77 -4.65
CA THR A 185 -28.58 42.35 -5.63
C THR A 185 -28.38 43.18 -6.87
N ARG A 186 -28.86 42.66 -8.00
CA ARG A 186 -28.74 43.36 -9.26
C ARG A 186 -29.59 42.67 -10.32
N SER B 9 1.31 25.31 -21.80
CA SER B 9 0.25 24.27 -21.82
C SER B 9 -0.74 24.52 -22.96
N LEU B 10 -0.89 23.55 -23.86
CA LEU B 10 -1.76 23.74 -25.01
C LEU B 10 -3.22 23.92 -24.58
N THR B 11 -3.71 23.10 -23.64
CA THR B 11 -5.09 23.25 -23.20
C THR B 11 -5.36 24.66 -22.72
N ASP B 12 -4.46 25.19 -21.89
CA ASP B 12 -4.62 26.55 -21.39
C ASP B 12 -4.51 27.57 -22.52
N SER B 13 -3.61 27.34 -23.48
CA SER B 13 -3.51 28.27 -24.60
C SER B 13 -4.85 28.40 -25.31
N VAL B 14 -5.48 27.27 -25.63
CA VAL B 14 -6.79 27.30 -26.29
C VAL B 14 -7.81 28.02 -25.42
N TYR B 15 -7.88 27.64 -24.13
CA TYR B 15 -8.89 28.24 -23.27
C TYR B 15 -8.69 29.74 -23.13
N GLU B 16 -7.43 30.19 -23.06
CA GLU B 16 -7.19 31.63 -22.88
C GLU B 16 -7.54 32.40 -24.14
N ARG B 17 -7.19 31.87 -25.31
CA ARG B 17 -7.64 32.50 -26.54
C ARG B 17 -9.15 32.65 -26.54
N LEU B 18 -9.87 31.61 -26.10
CA LEU B 18 -11.32 31.72 -26.07
C LEU B 18 -11.80 32.68 -24.99
N LEU B 19 -11.11 32.75 -23.85
CA LEU B 19 -11.46 33.72 -22.82
C LEU B 19 -11.44 35.13 -23.39
N SER B 20 -10.45 35.43 -24.23
CA SER B 20 -10.43 36.72 -24.90
C SER B 20 -11.63 36.95 -25.81
N GLU B 21 -12.32 35.89 -26.22
CA GLU B 21 -13.54 35.99 -27.00
C GLU B 21 -14.78 35.89 -26.14
N ARG B 22 -14.60 35.96 -24.82
CA ARG B 22 -15.71 35.90 -23.85
C ARG B 22 -16.41 34.55 -23.88
N ILE B 23 -15.63 33.49 -24.06
CA ILE B 23 -16.12 32.12 -23.98
C ILE B 23 -15.40 31.43 -22.84
N ILE B 24 -16.17 30.83 -21.93
CA ILE B 24 -15.63 30.17 -20.75
C ILE B 24 -16.28 28.80 -20.63
N PHE B 25 -15.56 27.86 -20.04
CA PHE B 25 -16.01 26.48 -19.96
C PHE B 25 -16.12 26.00 -18.53
N LEU B 26 -17.17 25.23 -18.27
CA LEU B 26 -17.34 24.47 -17.05
C LEU B 26 -17.25 23.00 -17.46
N GLY B 27 -16.05 22.44 -17.37
CA GLY B 27 -15.76 21.14 -17.96
C GLY B 27 -15.57 19.99 -17.02
N SER B 28 -15.89 20.13 -15.73
CA SER B 28 -15.67 19.04 -14.80
C SER B 28 -16.66 19.14 -13.65
N GLU B 29 -16.53 18.22 -12.70
CA GLU B 29 -17.34 18.25 -11.50
C GLU B 29 -17.17 19.60 -10.82
N VAL B 30 -18.27 20.25 -10.49
CA VAL B 30 -18.18 21.54 -9.84
C VAL B 30 -17.73 21.32 -8.40
N ASN B 31 -16.58 21.88 -8.09
CA ASN B 31 -16.01 21.85 -6.75
C ASN B 31 -15.54 23.28 -6.48
N ASP B 32 -14.79 23.48 -5.41
CA ASP B 32 -14.38 24.85 -5.10
C ASP B 32 -13.32 25.35 -6.08
N GLU B 33 -12.43 24.48 -6.54
CA GLU B 33 -11.43 24.92 -7.51
C GLU B 33 -12.08 25.44 -8.78
N ILE B 34 -13.00 24.67 -9.36
CA ILE B 34 -13.68 25.09 -10.58
C ILE B 34 -14.51 26.34 -10.30
N ALA B 35 -15.27 26.34 -9.20
CA ALA B 35 -16.13 27.48 -8.94
C ALA B 35 -15.32 28.75 -8.80
N ASN B 36 -14.19 28.69 -8.11
CA ASN B 36 -13.40 29.89 -7.91
C ASN B 36 -12.75 30.34 -9.22
N ARG B 37 -12.20 29.40 -10.00
CA ARG B 37 -11.65 29.79 -11.30
C ARG B 37 -12.72 30.43 -12.17
N LEU B 38 -13.91 29.83 -12.21
CA LEU B 38 -14.97 30.30 -13.10
C LEU B 38 -15.54 31.64 -12.63
N CYS B 39 -15.69 31.82 -11.31
CA CYS B 39 -16.13 33.11 -10.79
C CYS B 39 -15.12 34.18 -11.11
N ALA B 40 -13.83 33.86 -10.98
CA ALA B 40 -12.80 34.83 -11.34
C ALA B 40 -12.91 35.21 -12.81
N GLN B 41 -13.13 34.21 -13.68
CA GLN B 41 -13.26 34.52 -15.10
C GLN B 41 -14.47 35.40 -15.38
N ILE B 42 -15.60 35.13 -14.73
CA ILE B 42 -16.78 35.96 -14.98
C ILE B 42 -16.55 37.37 -14.49
N LEU B 43 -15.99 37.52 -13.28
CA LEU B 43 -15.68 38.86 -12.79
C LEU B 43 -14.77 39.60 -13.75
N LEU B 44 -13.72 38.91 -14.23
CA LEU B 44 -12.75 39.53 -15.12
C LEU B 44 -13.39 39.95 -16.44
N LEU B 45 -14.18 39.06 -17.04
CA LEU B 45 -14.81 39.38 -18.32
C LEU B 45 -15.78 40.55 -18.15
N ALA B 46 -16.57 40.54 -17.09
CA ALA B 46 -17.50 41.65 -16.86
C ALA B 46 -16.74 42.95 -16.66
N ALA B 47 -15.60 42.90 -15.97
CA ALA B 47 -14.80 44.10 -15.77
C ALA B 47 -14.26 44.62 -17.10
N GLU B 48 -13.80 43.73 -17.98
CA GLU B 48 -13.24 44.16 -19.25
C GLU B 48 -14.31 44.84 -20.12
N ASP B 49 -15.49 44.25 -20.20
CA ASP B 49 -16.58 44.83 -21.00
C ASP B 49 -17.89 44.34 -20.42
N ALA B 50 -18.64 45.22 -19.76
CA ALA B 50 -19.87 44.84 -19.10
C ALA B 50 -21.08 44.85 -20.03
N SER B 51 -20.92 45.28 -21.28
CA SER B 51 -22.04 45.31 -22.22
C SER B 51 -22.14 44.05 -23.05
N LYS B 52 -21.02 43.38 -23.31
CA LYS B 52 -21.01 42.20 -24.16
C LYS B 52 -21.39 40.95 -23.40
N ASP B 53 -21.97 39.99 -24.12
CA ASP B 53 -22.38 38.72 -23.54
C ASP B 53 -21.16 37.87 -23.17
N ILE B 54 -21.38 36.97 -22.20
CA ILE B 54 -20.45 35.88 -21.90
C ILE B 54 -21.14 34.59 -22.30
N SER B 55 -20.41 33.71 -23.00
CA SER B 55 -20.92 32.41 -23.42
C SER B 55 -20.29 31.33 -22.56
N LEU B 56 -21.13 30.68 -21.73
CA LEU B 56 -20.67 29.63 -20.83
C LEU B 56 -21.09 28.28 -21.38
N TYR B 57 -20.11 27.44 -21.72
CA TYR B 57 -20.36 26.09 -22.21
C TYR B 57 -20.26 25.12 -21.03
N ILE B 58 -21.29 24.30 -20.86
CA ILE B 58 -21.41 23.42 -19.70
C ILE B 58 -21.33 21.98 -20.16
N ASN B 59 -20.40 21.23 -19.58
CA ASN B 59 -20.29 19.79 -19.78
C ASN B 59 -19.78 19.23 -18.46
N SER B 60 -20.70 18.79 -17.60
CA SER B 60 -20.30 18.46 -16.23
C SER B 60 -21.11 17.32 -15.62
N PRO B 61 -20.45 16.39 -14.92
CA PRO B 61 -21.17 15.27 -14.30
C PRO B 61 -21.94 15.63 -13.03
N GLY B 62 -21.75 16.81 -12.47
CA GLY B 62 -22.37 17.19 -11.22
C GLY B 62 -21.44 18.06 -10.42
N GLY B 63 -21.70 18.19 -9.12
CA GLY B 63 -20.80 18.96 -8.29
C GLY B 63 -21.41 19.36 -6.97
N SER B 64 -20.60 20.08 -6.20
CA SER B 64 -20.98 20.53 -4.87
C SER B 64 -21.95 21.70 -4.96
N ILE B 65 -22.87 21.79 -3.98
CA ILE B 65 -23.89 22.82 -4.04
C ILE B 65 -23.32 24.18 -3.65
N SER B 66 -22.47 24.23 -2.63
CA SER B 66 -21.90 25.52 -2.22
C SER B 66 -21.10 26.15 -3.35
N ALA B 67 -20.26 25.35 -3.99
CA ALA B 67 -19.48 25.84 -5.13
C ALA B 67 -20.40 26.31 -6.24
N GLY B 68 -21.45 25.53 -6.52
CA GLY B 68 -22.42 25.93 -7.52
C GLY B 68 -23.10 27.24 -7.20
N MET B 69 -23.35 27.49 -5.91
CA MET B 69 -23.97 28.76 -5.53
C MET B 69 -23.01 29.92 -5.76
N ALA B 70 -21.72 29.71 -5.46
CA ALA B 70 -20.75 30.76 -5.80
C ALA B 70 -20.86 31.10 -7.29
N ILE B 71 -20.82 30.08 -8.15
CA ILE B 71 -20.94 30.34 -9.58
C ILE B 71 -22.24 31.06 -9.89
N TYR B 72 -23.34 30.59 -9.31
CA TYR B 72 -24.65 31.11 -9.67
C TYR B 72 -24.81 32.58 -9.29
N ASP B 73 -24.39 32.94 -8.08
CA ASP B 73 -24.47 34.34 -7.70
C ASP B 73 -23.57 35.20 -8.55
N THR B 74 -22.36 34.72 -8.87
CA THR B 74 -21.50 35.50 -9.75
C THR B 74 -22.18 35.71 -11.10
N MET B 75 -22.83 34.68 -11.64
CA MET B 75 -23.54 34.82 -12.91
C MET B 75 -24.66 35.86 -12.79
N VAL B 76 -25.48 35.74 -11.75
CA VAL B 76 -26.64 36.62 -11.63
C VAL B 76 -26.21 38.07 -11.48
N LEU B 77 -25.19 38.33 -10.65
CA LEU B 77 -24.82 39.69 -10.34
C LEU B 77 -23.91 40.33 -11.39
N ALA B 78 -23.31 39.54 -12.28
CA ALA B 78 -22.51 40.13 -13.33
C ALA B 78 -23.37 41.11 -14.14
N PRO B 79 -22.87 42.31 -14.44
CA PRO B 79 -23.69 43.29 -15.18
C PRO B 79 -24.01 42.86 -16.60
N CYS B 80 -23.33 41.86 -17.13
CA CYS B 80 -23.50 41.42 -18.50
C CYS B 80 -24.40 40.20 -18.56
N ASP B 81 -25.11 40.05 -19.67
CA ASP B 81 -25.89 38.84 -19.90
C ASP B 81 -24.96 37.64 -20.05
N ILE B 82 -25.36 36.50 -19.52
CA ILE B 82 -24.60 35.26 -19.64
C ILE B 82 -25.47 34.23 -20.35
N ALA B 83 -24.99 33.78 -21.51
CA ALA B 83 -25.63 32.72 -22.26
C ALA B 83 -25.03 31.38 -21.85
N THR B 84 -25.84 30.34 -21.88
CA THR B 84 -25.40 29.01 -21.46
C THR B 84 -25.69 28.00 -22.57
N TYR B 85 -24.78 27.03 -22.70
CA TYR B 85 -24.90 25.98 -23.70
C TYR B 85 -24.72 24.63 -23.04
N ALA B 86 -25.64 23.70 -23.33
CA ALA B 86 -25.54 22.33 -22.86
C ALA B 86 -24.94 21.47 -23.96
N MET B 87 -23.69 21.07 -23.77
CA MET B 87 -23.01 20.15 -24.67
C MET B 87 -22.60 18.92 -23.86
N GLY B 88 -22.65 17.76 -24.49
CA GLY B 88 -22.39 16.55 -23.74
C GLY B 88 -23.48 16.36 -22.71
N MET B 89 -23.12 16.46 -21.44
CA MET B 89 -24.07 16.25 -20.35
C MET B 89 -24.03 17.39 -19.35
N ALA B 90 -25.20 17.84 -18.93
CA ALA B 90 -25.36 18.85 -17.89
C ALA B 90 -26.11 18.20 -16.74
N ALA B 91 -25.37 17.70 -15.73
CA ALA B 91 -25.95 16.92 -14.65
C ALA B 91 -25.91 17.67 -13.32
N SER B 92 -27.10 17.92 -12.80
CA SER B 92 -27.42 18.38 -11.44
C SER B 92 -26.97 19.76 -11.03
N MET B 93 -25.73 20.11 -11.26
CA MET B 93 -25.32 21.49 -11.06
C MET B 93 -24.93 22.07 -12.40
N GLY B 94 -24.50 21.21 -13.32
CA GLY B 94 -24.49 21.59 -14.71
C GLY B 94 -25.88 21.94 -15.19
N GLU B 95 -26.88 21.14 -14.80
CA GLU B 95 -28.26 21.45 -15.18
C GLU B 95 -28.72 22.75 -14.53
N PHE B 96 -28.43 22.91 -13.24
CA PHE B 96 -28.82 24.13 -12.54
C PHE B 96 -28.22 25.35 -13.21
N LEU B 97 -26.90 25.34 -13.44
CA LEU B 97 -26.24 26.48 -14.04
C LEU B 97 -26.67 26.70 -15.48
N LEU B 98 -27.02 25.62 -16.19
CA LEU B 98 -27.59 25.77 -17.53
C LEU B 98 -28.90 26.54 -17.47
N ALA B 99 -29.83 26.07 -16.65
CA ALA B 99 -31.11 26.73 -16.49
C ALA B 99 -30.96 28.11 -15.85
N ALA B 100 -29.83 28.37 -15.21
CA ALA B 100 -29.59 29.64 -14.53
C ALA B 100 -29.12 30.75 -15.46
N GLY B 101 -28.85 30.45 -16.73
CA GLY B 101 -28.47 31.51 -17.66
C GLY B 101 -29.62 32.48 -17.86
N THR B 102 -29.31 33.61 -18.50
CA THR B 102 -30.34 34.60 -18.72
C THR B 102 -31.42 34.03 -19.64
N LYS B 103 -32.68 34.29 -19.29
CA LYS B 103 -33.78 33.72 -20.05
C LYS B 103 -33.80 34.28 -21.47
N GLY B 104 -33.90 33.38 -22.44
CA GLY B 104 -33.83 33.72 -23.84
C GLY B 104 -32.52 33.36 -24.50
N LYS B 105 -31.50 33.00 -23.71
CA LYS B 105 -30.20 32.62 -24.25
C LYS B 105 -29.69 31.31 -23.65
N ARG B 106 -30.58 30.46 -23.16
CA ARG B 106 -30.20 29.15 -22.64
C ARG B 106 -30.36 28.11 -23.75
N TYR B 107 -29.25 27.56 -24.21
CA TYR B 107 -29.24 26.68 -25.37
C TYR B 107 -28.89 25.25 -24.98
N ALA B 108 -29.50 24.30 -25.68
CA ALA B 108 -29.08 22.92 -25.67
C ALA B 108 -28.57 22.54 -27.06
N LEU B 109 -27.56 21.69 -27.08
CA LEU B 109 -27.18 21.18 -28.39
C LEU B 109 -27.97 19.90 -28.68
N PRO B 110 -28.19 19.57 -29.95
CA PRO B 110 -29.19 18.53 -30.29
C PRO B 110 -29.04 17.20 -29.58
N HIS B 111 -27.82 16.74 -29.29
CA HIS B 111 -27.64 15.44 -28.67
C HIS B 111 -27.14 15.56 -27.23
N ALA B 112 -27.42 16.68 -26.60
CA ALA B 112 -27.10 16.87 -25.20
C ALA B 112 -28.04 16.06 -24.31
N ARG B 113 -27.59 15.81 -23.08
CA ARG B 113 -28.40 15.16 -22.06
C ARG B 113 -28.40 16.04 -20.83
N ILE B 114 -29.57 16.22 -20.23
CA ILE B 114 -29.74 17.04 -19.04
C ILE B 114 -30.35 16.18 -17.95
N LEU B 115 -29.68 16.12 -16.80
CA LEU B 115 -30.05 15.21 -15.71
C LEU B 115 -30.42 16.02 -14.48
N MET B 116 -31.63 15.80 -13.97
CA MET B 116 -32.12 16.44 -12.77
C MET B 116 -32.33 15.38 -11.69
N HIS B 117 -31.84 15.66 -10.48
CA HIS B 117 -31.96 14.72 -9.36
C HIS B 117 -31.88 15.52 -8.07
N GLN B 118 -32.46 14.96 -7.01
CA GLN B 118 -32.40 15.62 -5.72
C GLN B 118 -30.96 15.59 -5.17
N PRO B 119 -30.62 16.50 -4.25
CA PRO B 119 -29.25 16.57 -3.74
C PRO B 119 -28.79 15.30 -3.05
N LEU B 120 -27.48 15.09 -3.08
CA LEU B 120 -26.80 14.06 -2.30
C LEU B 120 -26.02 14.71 -1.17
N GLY B 121 -25.75 13.92 -0.13
CA GLY B 121 -24.95 14.38 0.98
C GLY B 121 -24.57 13.25 1.93
N GLY B 122 -24.34 13.58 3.19
CA GLY B 122 -23.98 12.56 4.15
C GLY B 122 -24.07 13.06 5.58
N VAL B 123 -24.13 12.12 6.50
CA VAL B 123 -24.37 12.37 7.91
C VAL B 123 -23.21 11.77 8.71
N THR B 124 -22.58 12.59 9.58
CA THR B 124 -21.31 12.21 10.19
C THR B 124 -21.21 12.32 11.72
N GLY B 125 -21.97 13.19 12.37
CA GLY B 125 -21.68 13.57 13.75
C GLY B 125 -22.45 12.79 14.79
N SER B 126 -22.55 13.37 15.99
CA SER B 126 -23.35 12.80 17.05
C SER B 126 -24.83 13.10 16.78
N ALA B 127 -25.71 12.43 17.53
CA ALA B 127 -27.14 12.58 17.27
C ALA B 127 -27.54 14.05 17.21
N ALA B 128 -26.97 14.89 18.08
CA ALA B 128 -27.26 16.32 18.05
C ALA B 128 -26.76 16.96 16.76
N ASP B 129 -25.51 16.70 16.38
CA ASP B 129 -24.96 17.25 15.15
C ASP B 129 -25.73 16.75 13.95
N ILE B 130 -26.24 15.52 14.02
CA ILE B 130 -26.97 14.95 12.91
C ILE B 130 -28.33 15.60 12.78
N ALA B 131 -28.99 15.89 13.90
CA ALA B 131 -30.21 16.68 13.82
C ALA B 131 -29.95 17.99 13.09
N ILE B 132 -28.83 18.66 13.42
CA ILE B 132 -28.51 19.92 12.74
C ILE B 132 -28.28 19.69 11.25
N GLN B 133 -27.47 18.68 10.90
CA GLN B 133 -27.15 18.43 9.50
C GLN B 133 -28.41 18.13 8.70
N ALA B 134 -29.34 17.36 9.30
CA ALA B 134 -30.58 17.04 8.62
C ALA B 134 -31.45 18.27 8.41
N GLU B 135 -31.51 19.15 9.42
CA GLU B 135 -32.25 20.40 9.24
C GLU B 135 -31.67 21.21 8.08
N GLN B 136 -30.35 21.31 8.02
CA GLN B 136 -29.75 22.07 6.92
C GLN B 136 -30.02 21.41 5.57
N PHE B 137 -30.03 20.08 5.53
CA PHE B 137 -30.42 19.39 4.30
C PHE B 137 -31.82 19.82 3.86
N ALA B 138 -32.77 19.79 4.79
CA ALA B 138 -34.13 20.18 4.43
C ALA B 138 -34.15 21.57 3.81
N VAL B 139 -33.43 22.52 4.43
CA VAL B 139 -33.40 23.87 3.90
C VAL B 139 -32.82 23.89 2.48
N ILE B 140 -31.69 23.21 2.29
CA ILE B 140 -31.04 23.21 0.97
C ILE B 140 -31.97 22.62 -0.08
N LYS B 141 -32.60 21.49 0.24
CA LYS B 141 -33.50 20.85 -0.71
C LYS B 141 -34.57 21.83 -1.16
N LYS B 142 -35.22 22.49 -0.20
CA LYS B 142 -36.28 23.42 -0.59
C LYS B 142 -35.74 24.54 -1.47
N GLU B 143 -34.57 25.10 -1.13
CA GLU B 143 -34.06 26.23 -1.90
C GLU B 143 -33.69 25.81 -3.32
N MET B 144 -33.03 24.66 -3.47
CA MET B 144 -32.65 24.22 -4.81
C MET B 144 -33.90 23.98 -5.66
N PHE B 145 -34.94 23.38 -5.08
CA PHE B 145 -36.15 23.16 -5.86
C PHE B 145 -36.84 24.48 -6.19
N ARG B 146 -36.85 25.44 -5.26
CA ARG B 146 -37.44 26.74 -5.54
C ARG B 146 -36.76 27.40 -6.73
N LEU B 147 -35.43 27.35 -6.75
CA LEU B 147 -34.72 27.99 -7.86
C LEU B 147 -34.95 27.27 -9.18
N ASN B 148 -35.01 25.93 -9.16
CA ASN B 148 -35.34 25.22 -10.40
C ASN B 148 -36.73 25.63 -10.89
N ALA B 149 -37.68 25.78 -9.97
CA ALA B 149 -39.02 26.21 -10.37
C ALA B 149 -38.98 27.59 -10.99
N GLU B 150 -38.23 28.52 -10.39
CA GLU B 150 -38.11 29.85 -10.99
C GLU B 150 -37.50 29.77 -12.39
N PHE B 151 -36.51 28.90 -12.57
CA PHE B 151 -35.85 28.80 -13.87
C PHE B 151 -36.79 28.26 -14.93
N THR B 152 -37.45 27.12 -14.66
CA THR B 152 -38.20 26.41 -15.68
C THR B 152 -39.64 26.87 -15.83
N GLY B 153 -40.23 27.44 -14.79
CA GLY B 153 -41.64 27.77 -14.80
C GLY B 153 -42.53 26.66 -14.32
N GLN B 154 -41.96 25.51 -13.94
CA GLN B 154 -42.75 24.41 -13.40
C GLN B 154 -43.12 24.70 -11.95
N PRO B 155 -44.25 24.18 -11.49
CA PRO B 155 -44.56 24.26 -10.06
C PRO B 155 -43.49 23.57 -9.23
N ILE B 156 -43.21 24.13 -8.04
CA ILE B 156 -42.20 23.52 -7.19
C ILE B 156 -42.58 22.09 -6.83
N GLU B 157 -43.89 21.83 -6.68
CA GLU B 157 -44.34 20.47 -6.42
C GLU B 157 -43.87 19.51 -7.49
N ARG B 158 -43.92 19.94 -8.75
CA ARG B 158 -43.48 19.06 -9.83
C ARG B 158 -41.97 18.86 -9.78
N ILE B 159 -41.21 19.92 -9.51
CA ILE B 159 -39.76 19.73 -9.40
C ILE B 159 -39.45 18.69 -8.33
N GLU B 160 -40.09 18.81 -7.16
CA GLU B 160 -39.80 17.86 -6.10
C GLU B 160 -40.17 16.44 -6.51
N ALA B 161 -41.32 16.27 -7.16
CA ALA B 161 -41.71 14.92 -7.58
C ALA B 161 -40.76 14.36 -8.63
N ASP B 162 -40.45 15.16 -9.67
CA ASP B 162 -39.63 14.68 -10.78
C ASP B 162 -38.21 14.38 -10.34
N SER B 163 -37.63 15.21 -9.46
CA SER B 163 -36.24 15.05 -9.05
C SER B 163 -36.05 13.94 -8.01
N ASP B 164 -37.11 13.23 -7.64
CA ASP B 164 -36.98 12.19 -6.62
C ASP B 164 -35.88 11.19 -6.98
N ARG B 165 -35.87 10.71 -8.22
CA ARG B 165 -34.81 9.85 -8.72
C ARG B 165 -34.34 10.40 -10.06
N ASP B 166 -33.18 9.90 -10.51
CA ASP B 166 -32.58 10.41 -11.74
C ASP B 166 -33.61 10.56 -12.83
N ARG B 167 -33.82 11.81 -13.28
CA ARG B 167 -34.77 12.13 -14.33
C ARG B 167 -34.00 12.66 -15.53
N TRP B 168 -33.87 11.84 -16.56
CA TRP B 168 -33.11 12.21 -17.75
C TRP B 168 -34.01 12.94 -18.74
N PHE B 169 -33.46 14.00 -19.34
CA PHE B 169 -34.13 14.73 -20.40
C PHE B 169 -33.25 14.77 -21.64
N THR B 170 -33.87 14.55 -22.79
CA THR B 170 -33.20 14.88 -24.05
C THR B 170 -33.31 16.37 -24.30
N ALA B 171 -32.56 16.86 -25.29
CA ALA B 171 -32.60 18.29 -25.57
C ALA B 171 -34.02 18.74 -25.89
N ALA B 172 -34.76 17.94 -26.67
CA ALA B 172 -36.14 18.28 -26.98
C ALA B 172 -37.01 18.29 -25.73
N GLU B 173 -36.87 17.27 -24.89
CA GLU B 173 -37.64 17.22 -23.65
C GLU B 173 -37.25 18.35 -22.72
N ALA B 174 -35.96 18.71 -22.71
CA ALA B 174 -35.52 19.84 -21.89
C ALA B 174 -36.13 21.14 -22.39
N LEU B 175 -36.27 21.28 -23.71
CA LEU B 175 -36.91 22.48 -24.24
C LEU B 175 -38.37 22.56 -23.83
N GLU B 176 -39.09 21.44 -23.93
CA GLU B 176 -40.49 21.45 -23.50
C GLU B 176 -40.61 21.68 -22.00
N TYR B 177 -39.68 21.11 -21.22
CA TYR B 177 -39.75 21.23 -19.77
C TYR B 177 -39.48 22.66 -19.31
N GLY B 178 -38.48 23.30 -19.91
CA GLY B 178 -38.17 24.67 -19.57
C GLY B 178 -36.75 24.88 -19.07
N PHE B 179 -35.88 23.88 -19.20
CA PHE B 179 -34.49 24.10 -18.83
C PHE B 179 -33.81 25.05 -19.79
N VAL B 180 -34.13 24.95 -21.07
CA VAL B 180 -33.49 25.74 -22.11
C VAL B 180 -34.55 26.46 -22.92
N ASP B 181 -34.12 27.48 -23.63
CA ASP B 181 -34.99 28.28 -24.49
C ASP B 181 -34.93 27.84 -25.94
N HIS B 182 -33.78 27.35 -26.39
CA HIS B 182 -33.56 27.00 -27.77
C HIS B 182 -32.69 25.77 -27.86
N ILE B 183 -32.84 25.05 -28.97
CA ILE B 183 -31.93 23.97 -29.36
C ILE B 183 -31.25 24.41 -30.64
N ILE B 184 -29.92 24.38 -30.64
CA ILE B 184 -29.16 24.90 -31.77
C ILE B 184 -29.05 23.83 -32.84
N THR B 185 -29.45 24.18 -34.05
CA THR B 185 -29.28 23.33 -35.22
C THR B 185 -28.57 24.16 -36.29
N ARG B 186 -27.94 23.46 -37.22
CA ARG B 186 -27.24 24.13 -38.31
C ARG B 186 -26.82 23.12 -39.36
N SER C 9 6.89 22.74 -23.51
CA SER C 9 6.59 21.31 -23.82
C SER C 9 6.65 21.06 -25.32
N LEU C 10 7.50 20.13 -25.74
CA LEU C 10 7.66 19.87 -27.17
C LEU C 10 6.37 19.34 -27.79
N THR C 11 5.71 18.38 -27.12
CA THR C 11 4.47 17.85 -27.68
C THR C 11 3.48 18.96 -27.96
N ASP C 12 3.30 19.86 -26.98
CA ASP C 12 2.39 20.98 -27.17
C ASP C 12 2.87 21.92 -28.27
N SER C 13 4.19 22.15 -28.36
CA SER C 13 4.69 23.00 -29.42
C SER C 13 4.26 22.47 -30.78
N VAL C 14 4.47 21.18 -31.02
CA VAL C 14 4.08 20.58 -32.29
C VAL C 14 2.59 20.71 -32.51
N TYR C 15 1.78 20.35 -31.49
CA TYR C 15 0.34 20.40 -31.66
C TYR C 15 -0.16 21.81 -31.92
N GLU C 16 0.45 22.81 -31.29
CA GLU C 16 -0.02 24.19 -31.47
C GLU C 16 0.34 24.70 -32.86
N ARG C 17 1.55 24.38 -33.32
CA ARG C 17 1.88 24.72 -34.70
C ARG C 17 0.87 24.13 -35.66
N LEU C 18 0.47 22.87 -35.42
CA LEU C 18 -0.53 22.26 -36.30
C LEU C 18 -1.90 22.88 -36.11
N LEU C 19 -2.26 23.28 -34.89
CA LEU C 19 -3.53 23.96 -34.67
C LEU C 19 -3.62 25.20 -35.54
N SER C 20 -2.51 25.93 -35.67
CA SER C 20 -2.50 27.09 -36.57
C SER C 20 -2.71 26.70 -38.03
N GLU C 21 -2.51 25.43 -38.39
CA GLU C 21 -2.80 24.94 -39.73
C GLU C 21 -4.15 24.25 -39.80
N ARG C 22 -4.95 24.40 -38.76
CA ARG C 22 -6.30 23.83 -38.69
C ARG C 22 -6.26 22.31 -38.69
N ILE C 23 -5.27 21.74 -38.00
CA ILE C 23 -5.15 20.31 -37.79
C ILE C 23 -5.24 20.05 -36.28
N ILE C 24 -6.15 19.17 -35.89
CA ILE C 24 -6.38 18.85 -34.49
C ILE C 24 -6.39 17.33 -34.34
N PHE C 25 -6.00 16.86 -33.15
CA PHE C 25 -5.87 15.43 -32.91
C PHE C 25 -6.76 14.96 -31.77
N LEU C 26 -7.32 13.78 -31.96
CA LEU C 26 -8.01 13.03 -30.92
C LEU C 26 -7.16 11.80 -30.67
N GLY C 27 -6.25 11.88 -29.71
CA GLY C 27 -5.22 10.88 -29.55
C GLY C 27 -5.33 9.96 -28.35
N SER C 28 -6.47 9.95 -27.65
CA SER C 28 -6.58 9.08 -26.48
C SER C 28 -8.04 8.71 -26.26
N GLU C 29 -8.28 7.96 -25.19
CA GLU C 29 -9.63 7.60 -24.80
C GLU C 29 -10.46 8.87 -24.65
N VAL C 30 -11.62 8.91 -25.29
CA VAL C 30 -12.45 10.09 -25.18
C VAL C 30 -13.07 10.11 -23.80
N ASN C 31 -12.74 11.17 -23.06
CA ASN C 31 -13.28 11.42 -21.74
C ASN C 31 -13.67 12.90 -21.74
N ASP C 32 -13.99 13.45 -20.57
CA ASP C 32 -14.41 14.84 -20.56
C ASP C 32 -13.24 15.79 -20.80
N GLU C 33 -12.05 15.45 -20.32
CA GLU C 33 -10.90 16.32 -20.57
C GLU C 33 -10.63 16.45 -22.07
N ILE C 34 -10.55 15.32 -22.78
CA ILE C 34 -10.30 15.38 -24.21
C ILE C 34 -11.46 16.06 -24.92
N ALA C 35 -12.70 15.70 -24.58
CA ALA C 35 -13.83 16.28 -25.28
C ALA C 35 -13.85 17.79 -25.11
N ASN C 36 -13.57 18.29 -23.90
CA ASN C 36 -13.62 19.72 -23.69
C ASN C 36 -12.48 20.42 -24.40
N ARG C 37 -11.27 19.87 -24.34
CA ARG C 37 -10.16 20.46 -25.08
C ARG C 37 -10.47 20.50 -26.57
N LEU C 38 -10.99 19.41 -27.11
CA LEU C 38 -11.23 19.31 -28.55
C LEU C 38 -12.38 20.21 -28.99
N CYS C 39 -13.44 20.29 -28.18
CA CYS C 39 -14.53 21.21 -28.49
C CYS C 39 -14.03 22.64 -28.47
N ALA C 40 -13.19 22.98 -27.50
CA ALA C 40 -12.63 24.33 -27.47
C ALA C 40 -11.82 24.60 -28.72
N GLN C 41 -11.02 23.62 -29.17
CA GLN C 41 -10.23 23.82 -30.38
C GLN C 41 -11.13 24.00 -31.60
N ILE C 42 -12.20 23.22 -31.73
CA ILE C 42 -13.08 23.38 -32.89
C ILE C 42 -13.76 24.74 -32.86
N LEU C 43 -14.28 25.14 -31.69
CA LEU C 43 -14.89 26.47 -31.58
C LEU C 43 -13.91 27.54 -31.98
N LEU C 44 -12.67 27.44 -31.48
CA LEU C 44 -11.65 28.46 -31.75
C LEU C 44 -11.31 28.51 -33.24
N LEU C 45 -11.09 27.35 -33.85
CA LEU C 45 -10.74 27.33 -35.27
C LEU C 45 -11.87 27.88 -36.12
N ALA C 46 -13.12 27.49 -35.81
CA ALA C 46 -14.25 28.02 -36.57
C ALA C 46 -14.35 29.52 -36.40
N ALA C 47 -14.07 30.03 -35.19
CA ALA C 47 -14.11 31.47 -34.97
C ALA C 47 -13.04 32.18 -35.79
N GLU C 48 -11.84 31.62 -35.86
CA GLU C 48 -10.76 32.27 -36.60
C GLU C 48 -11.09 32.35 -38.09
N ASP C 49 -11.58 31.25 -38.66
CA ASP C 49 -11.94 31.25 -40.09
C ASP C 49 -13.00 30.17 -40.30
N ALA C 50 -14.23 30.60 -40.54
CA ALA C 50 -15.35 29.67 -40.68
C ALA C 50 -15.49 29.09 -42.08
N SER C 51 -14.68 29.54 -43.05
CA SER C 51 -14.77 29.02 -44.40
C SER C 51 -13.83 27.86 -44.66
N LYS C 52 -12.70 27.82 -43.95
CA LYS C 52 -11.69 26.79 -44.18
C LYS C 52 -12.02 25.51 -43.44
N ASP C 53 -11.57 24.39 -44.00
CA ASP C 53 -11.78 23.08 -43.39
C ASP C 53 -10.96 22.92 -42.11
N ILE C 54 -11.44 22.04 -41.24
CA ILE C 54 -10.67 21.52 -40.11
C ILE C 54 -10.39 20.06 -40.37
N SER C 55 -9.14 19.64 -40.15
CA SER C 55 -8.73 18.26 -40.35
C SER C 55 -8.53 17.61 -38.98
N LEU C 56 -9.40 16.65 -38.66
CA LEU C 56 -9.36 15.95 -37.38
C LEU C 56 -8.77 14.56 -37.59
N TYR C 57 -7.63 14.30 -36.98
CA TYR C 57 -6.99 12.99 -37.03
C TYR C 57 -7.38 12.19 -35.80
N ILE C 58 -7.88 10.98 -36.00
CA ILE C 58 -8.43 10.16 -34.95
C ILE C 58 -7.56 8.92 -34.75
N ASN C 59 -7.11 8.72 -33.52
CA ASN C 59 -6.40 7.51 -33.13
C ASN C 59 -6.77 7.27 -31.67
N SER C 60 -7.80 6.44 -31.45
CA SER C 60 -8.37 6.35 -30.11
C SER C 60 -8.90 4.96 -29.76
N PRO C 61 -8.63 4.47 -28.55
CA PRO C 61 -9.13 3.14 -28.14
C PRO C 61 -10.61 3.08 -27.81
N GLY C 62 -11.29 4.22 -27.67
CA GLY C 62 -12.67 4.26 -27.26
C GLY C 62 -12.93 5.47 -26.40
N GLY C 63 -14.02 5.46 -25.66
CA GLY C 63 -14.28 6.58 -24.77
C GLY C 63 -15.72 6.63 -24.30
N SER C 64 -15.97 7.66 -23.50
CA SER C 64 -17.29 7.88 -22.90
C SER C 64 -18.27 8.44 -23.93
N ILE C 65 -19.54 8.07 -23.80
CA ILE C 65 -20.53 8.48 -24.80
C ILE C 65 -20.90 9.95 -24.62
N SER C 66 -21.08 10.41 -23.38
CA SER C 66 -21.45 11.81 -23.18
C SER C 66 -20.37 12.75 -23.73
N ALA C 67 -19.11 12.45 -23.42
CA ALA C 67 -18.00 13.25 -23.95
C ALA C 67 -18.00 13.21 -25.47
N GLY C 68 -18.21 12.03 -26.04
CA GLY C 68 -18.28 11.90 -27.48
C GLY C 68 -19.40 12.73 -28.08
N MET C 69 -20.53 12.83 -27.39
CA MET C 69 -21.63 13.65 -27.90
C MET C 69 -21.27 15.13 -27.86
N ALA C 70 -20.57 15.57 -26.81
CA ALA C 70 -20.07 16.94 -26.83
C ALA C 70 -19.26 17.19 -28.09
N ILE C 71 -18.28 16.31 -28.36
CA ILE C 71 -17.47 16.48 -29.56
C ILE C 71 -18.34 16.48 -30.81
N TYR C 72 -19.28 15.55 -30.88
CA TYR C 72 -20.06 15.36 -32.11
C TYR C 72 -20.93 16.57 -32.41
N ASP C 73 -21.62 17.10 -31.39
CA ASP C 73 -22.42 18.29 -31.64
C ASP C 73 -21.56 19.47 -31.99
N THR C 74 -20.40 19.63 -31.34
CA THR C 74 -19.51 20.72 -31.73
C THR C 74 -19.10 20.59 -33.20
N MET C 75 -18.79 19.36 -33.63
CA MET C 75 -18.43 19.14 -35.03
C MET C 75 -19.58 19.51 -35.96
N VAL C 76 -20.79 19.02 -35.65
CA VAL C 76 -21.92 19.23 -36.55
C VAL C 76 -22.24 20.71 -36.66
N LEU C 77 -22.26 21.42 -35.53
CA LEU C 77 -22.71 22.81 -35.53
C LEU C 77 -21.63 23.79 -35.97
N ALA C 78 -20.37 23.38 -36.00
CA ALA C 78 -19.34 24.29 -36.49
C ALA C 78 -19.68 24.73 -37.91
N PRO C 79 -19.57 26.02 -38.23
CA PRO C 79 -19.93 26.49 -39.58
C PRO C 79 -19.02 25.95 -40.68
N CYS C 80 -17.87 25.40 -40.32
CA CYS C 80 -16.88 24.92 -41.28
C CYS C 80 -17.00 23.42 -41.45
N ASP C 81 -16.63 22.94 -42.64
CA ASP C 81 -16.56 21.51 -42.87
C ASP C 81 -15.43 20.91 -42.03
N ILE C 82 -15.66 19.71 -41.50
CA ILE C 82 -14.66 18.99 -40.73
C ILE C 82 -14.37 17.68 -41.42
N ALA C 83 -13.13 17.50 -41.83
CA ALA C 83 -12.65 16.25 -42.41
C ALA C 83 -12.07 15.38 -41.31
N THR C 84 -12.21 14.07 -41.47
CA THR C 84 -11.74 13.12 -40.46
C THR C 84 -10.82 12.10 -41.10
N TYR C 85 -9.80 11.69 -40.33
CA TYR C 85 -8.83 10.70 -40.78
C TYR C 85 -8.69 9.60 -39.75
N ALA C 86 -8.76 8.35 -40.22
CA ALA C 86 -8.55 7.20 -39.36
C ALA C 86 -7.10 6.73 -39.52
N MET C 87 -6.30 6.98 -38.49
CA MET C 87 -4.93 6.49 -38.44
C MET C 87 -4.79 5.62 -37.20
N GLY C 88 -3.97 4.58 -37.30
CA GLY C 88 -3.90 3.65 -36.20
C GLY C 88 -5.24 2.96 -36.04
N MET C 89 -5.91 3.23 -34.92
CA MET C 89 -7.19 2.58 -34.63
C MET C 89 -8.24 3.61 -34.25
N ALA C 90 -9.44 3.44 -34.79
CA ALA C 90 -10.61 4.26 -34.46
C ALA C 90 -11.65 3.33 -33.85
N ALA C 91 -11.68 3.25 -32.52
CA ALA C 91 -12.52 2.29 -31.82
C ALA C 91 -13.67 2.97 -31.07
N SER C 92 -14.87 2.62 -31.47
CA SER C 92 -16.17 2.86 -30.83
C SER C 92 -16.65 4.29 -30.73
N MET C 93 -15.81 5.20 -30.26
CA MET C 93 -16.17 6.61 -30.33
C MET C 93 -15.21 7.30 -31.27
N GLY C 94 -14.01 6.75 -31.39
CA GLY C 94 -13.19 7.08 -32.53
C GLY C 94 -13.87 6.71 -33.83
N GLU C 95 -14.49 5.54 -33.89
CA GLU C 95 -15.23 5.15 -35.08
C GLU C 95 -16.43 6.06 -35.32
N PHE C 96 -17.17 6.34 -34.26
CA PHE C 96 -18.33 7.23 -34.38
C PHE C 96 -17.92 8.59 -34.92
N LEU C 97 -16.92 9.20 -34.29
CA LEU C 97 -16.47 10.53 -34.71
C LEU C 97 -15.84 10.50 -36.09
N LEU C 98 -15.20 9.39 -36.46
CA LEU C 98 -14.70 9.23 -37.82
C LEU C 98 -15.84 9.29 -38.81
N ALA C 99 -16.84 8.42 -38.63
CA ALA C 99 -18.00 8.39 -39.50
C ALA C 99 -18.83 9.67 -39.40
N ALA C 100 -18.63 10.45 -38.34
CA ALA C 100 -19.38 11.68 -38.12
C ALA C 100 -18.84 12.88 -38.88
N GLY C 101 -17.70 12.75 -39.55
CA GLY C 101 -17.19 13.84 -40.35
C GLY C 101 -18.12 14.14 -41.50
N THR C 102 -17.89 15.28 -42.16
CA THR C 102 -18.75 15.65 -43.27
C THR C 102 -18.60 14.64 -44.39
N LYS C 103 -19.73 14.25 -44.98
CA LYS C 103 -19.71 13.22 -46.01
C LYS C 103 -18.96 13.70 -47.24
N GLY C 104 -18.05 12.86 -47.72
CA GLY C 104 -17.16 13.19 -48.80
C GLY C 104 -15.74 13.49 -48.38
N LYS C 105 -15.50 13.67 -47.08
CA LYS C 105 -14.17 13.96 -46.56
C LYS C 105 -13.80 13.08 -45.38
N ARG C 106 -14.41 11.89 -45.28
CA ARG C 106 -14.06 10.93 -44.24
C ARG C 106 -13.05 9.94 -44.80
N TYR C 107 -11.82 9.99 -44.29
CA TYR C 107 -10.72 9.21 -44.84
C TYR C 107 -10.26 8.14 -43.87
N ALA C 108 -9.84 7.01 -44.43
CA ALA C 108 -9.09 5.99 -43.71
C ALA C 108 -7.69 5.90 -44.29
N LEU C 109 -6.73 5.65 -43.44
CA LEU C 109 -5.42 5.38 -44.00
C LEU C 109 -5.28 3.87 -44.24
N PRO C 110 -4.42 3.48 -45.19
CA PRO C 110 -4.47 2.09 -45.71
C PRO C 110 -4.40 0.99 -44.66
N HIS C 111 -3.66 1.18 -43.56
CA HIS C 111 -3.50 0.13 -42.56
C HIS C 111 -4.21 0.48 -41.26
N ALA C 112 -5.22 1.33 -41.34
CA ALA C 112 -6.03 1.65 -40.18
C ALA C 112 -6.96 0.49 -39.83
N ARG C 113 -7.42 0.50 -38.58
CA ARG C 113 -8.42 -0.46 -38.11
C ARG C 113 -9.56 0.31 -37.49
N ILE C 114 -10.79 -0.09 -37.82
CA ILE C 114 -12.00 0.55 -37.33
C ILE C 114 -12.83 -0.50 -36.61
N LEU C 115 -13.17 -0.22 -35.34
CA LEU C 115 -13.83 -1.19 -34.48
C LEU C 115 -15.19 -0.66 -34.07
N MET C 116 -16.24 -1.43 -34.35
CA MET C 116 -17.60 -1.10 -33.97
C MET C 116 -18.10 -2.13 -32.96
N HIS C 117 -18.71 -1.64 -31.88
CA HIS C 117 -19.22 -2.52 -30.83
C HIS C 117 -20.33 -1.78 -30.10
N GLN C 118 -21.23 -2.54 -29.49
CA GLN C 118 -22.31 -1.93 -28.72
C GLN C 118 -21.75 -1.27 -27.44
N PRO C 119 -22.48 -0.30 -26.88
CA PRO C 119 -21.97 0.43 -25.71
C PRO C 119 -21.71 -0.46 -24.51
N LEU C 120 -20.77 -0.02 -23.67
CA LEU C 120 -20.51 -0.60 -22.37
C LEU C 120 -21.01 0.36 -21.28
N GLY C 121 -21.28 -0.21 -20.11
CA GLY C 121 -21.68 0.60 -18.96
C GLY C 121 -21.70 -0.21 -17.68
N GLY C 122 -22.52 0.19 -16.72
CA GLY C 122 -22.59 -0.54 -15.47
C GLY C 122 -23.80 -0.12 -14.65
N VAL C 123 -24.13 -0.99 -13.70
CA VAL C 123 -25.35 -0.88 -12.89
C VAL C 123 -24.95 -0.83 -11.42
N THR C 124 -25.42 0.19 -10.68
CA THR C 124 -24.89 0.47 -9.35
C THR C 124 -25.91 0.62 -8.22
N GLY C 125 -27.15 1.01 -8.48
CA GLY C 125 -28.03 1.50 -7.43
C GLY C 125 -28.97 0.45 -6.86
N SER C 126 -30.05 0.91 -6.24
CA SER C 126 -31.10 0.02 -5.76
C SER C 126 -31.96 -0.42 -6.94
N ALA C 127 -32.80 -1.43 -6.70
CA ALA C 127 -33.60 -1.98 -7.79
C ALA C 127 -34.33 -0.88 -8.57
N ALA C 128 -34.84 0.11 -7.86
CA ALA C 128 -35.51 1.24 -8.54
C ALA C 128 -34.52 2.03 -9.39
N ASP C 129 -33.37 2.41 -8.82
CA ASP C 129 -32.38 3.14 -9.58
C ASP C 129 -31.88 2.33 -10.75
N ILE C 130 -31.82 1.02 -10.59
CA ILE C 130 -31.33 0.15 -11.65
C ILE C 130 -32.34 0.07 -12.79
N ALA C 131 -33.63 0.02 -12.46
CA ALA C 131 -34.64 0.12 -13.50
C ALA C 131 -34.43 1.39 -14.31
N ILE C 132 -34.17 2.51 -13.62
CA ILE C 132 -33.94 3.76 -14.36
C ILE C 132 -32.68 3.67 -15.22
N GLN C 133 -31.57 3.18 -14.66
CA GLN C 133 -30.33 3.11 -15.41
C GLN C 133 -30.49 2.22 -16.64
N ALA C 134 -31.22 1.12 -16.51
CA ALA C 134 -31.44 0.23 -17.64
C ALA C 134 -32.29 0.90 -18.72
N GLU C 135 -33.32 1.64 -18.30
CA GLU C 135 -34.10 2.38 -19.29
C GLU C 135 -33.22 3.36 -20.07
N GLN C 136 -32.38 4.09 -19.36
CA GLN C 136 -31.51 5.04 -20.05
C GLN C 136 -30.53 4.33 -20.97
N PHE C 137 -30.04 3.15 -20.57
CA PHE C 137 -29.21 2.35 -21.47
C PHE C 137 -29.95 2.06 -22.77
N ALA C 138 -31.19 1.58 -22.66
CA ALA C 138 -31.95 1.26 -23.86
C ALA C 138 -32.02 2.47 -24.79
N VAL C 139 -32.32 3.65 -24.22
CA VAL C 139 -32.41 4.85 -25.04
C VAL C 139 -31.08 5.14 -25.73
N ILE C 140 -29.97 5.08 -24.97
CA ILE C 140 -28.67 5.40 -25.54
C ILE C 140 -28.34 4.43 -26.67
N LYS C 141 -28.56 3.13 -26.44
CA LYS C 141 -28.27 2.14 -27.45
C LYS C 141 -28.99 2.48 -28.75
N LYS C 142 -30.29 2.74 -28.66
CA LYS C 142 -31.03 3.05 -29.88
C LYS C 142 -30.47 4.29 -30.57
N GLU C 143 -30.16 5.34 -29.81
CA GLU C 143 -29.69 6.57 -30.45
C GLU C 143 -28.33 6.39 -31.12
N MET C 144 -27.41 5.71 -30.45
CA MET C 144 -26.09 5.48 -31.06
C MET C 144 -26.23 4.67 -32.35
N PHE C 145 -27.09 3.65 -32.34
CA PHE C 145 -27.27 2.87 -33.57
C PHE C 145 -27.93 3.70 -34.66
N ARG C 146 -28.91 4.53 -34.29
CA ARG C 146 -29.55 5.38 -35.29
C ARG C 146 -28.53 6.29 -35.97
N LEU C 147 -27.64 6.88 -35.18
CA LEU C 147 -26.66 7.79 -35.76
C LEU C 147 -25.65 7.03 -36.62
N ASN C 148 -25.23 5.84 -36.21
CA ASN C 148 -24.36 5.06 -37.08
C ASN C 148 -25.04 4.74 -38.40
N ALA C 149 -26.34 4.42 -38.35
CA ALA C 149 -27.07 4.14 -39.58
C ALA C 149 -27.11 5.37 -40.48
N GLU C 150 -27.36 6.55 -39.90
CA GLU C 150 -27.34 7.77 -40.69
C GLU C 150 -25.97 7.99 -41.33
N PHE C 151 -24.90 7.72 -40.58
CA PHE C 151 -23.55 7.93 -41.10
C PHE C 151 -23.24 6.99 -42.26
N THR C 152 -23.46 5.69 -42.07
CA THR C 152 -22.99 4.70 -43.03
C THR C 152 -23.97 4.41 -44.16
N GLY C 153 -25.26 4.63 -43.93
CA GLY C 153 -26.26 4.24 -44.91
C GLY C 153 -26.78 2.83 -44.72
N GLN C 154 -26.27 2.10 -43.72
CA GLN C 154 -26.76 0.76 -43.44
C GLN C 154 -28.09 0.84 -42.69
N PRO C 155 -28.96 -0.16 -42.85
CA PRO C 155 -30.16 -0.23 -42.03
C PRO C 155 -29.79 -0.31 -40.55
N ILE C 156 -30.63 0.31 -39.70
CA ILE C 156 -30.34 0.27 -38.26
C ILE C 156 -30.34 -1.17 -37.77
N GLU C 157 -31.18 -2.03 -38.36
CA GLU C 157 -31.18 -3.43 -37.98
C GLU C 157 -29.80 -4.05 -38.17
N ARG C 158 -29.12 -3.70 -39.26
CA ARG C 158 -27.80 -4.26 -39.49
C ARG C 158 -26.80 -3.71 -38.49
N ILE C 159 -26.87 -2.42 -38.17
CA ILE C 159 -25.95 -1.89 -37.18
C ILE C 159 -26.12 -2.64 -35.87
N GLU C 160 -27.36 -2.84 -35.43
CA GLU C 160 -27.57 -3.53 -34.17
C GLU C 160 -27.03 -4.96 -34.22
N ALA C 161 -27.27 -5.67 -35.33
CA ALA C 161 -26.76 -7.04 -35.42
C ALA C 161 -25.23 -7.06 -35.44
N ASP C 162 -24.61 -6.23 -36.27
CA ASP C 162 -23.16 -6.26 -36.43
C ASP C 162 -22.43 -5.82 -35.15
N SER C 163 -22.96 -4.82 -34.44
CA SER C 163 -22.29 -4.30 -33.27
C SER C 163 -22.49 -5.17 -32.03
N ASP C 164 -23.18 -6.30 -32.14
CA ASP C 164 -23.43 -7.15 -30.98
C ASP C 164 -22.13 -7.49 -30.26
N ARG C 165 -21.11 -7.91 -31.00
CA ARG C 165 -19.79 -8.16 -30.45
C ARG C 165 -18.76 -7.44 -31.32
N ASP C 166 -17.53 -7.33 -30.80
CA ASP C 166 -16.49 -6.60 -31.49
C ASP C 166 -16.46 -6.97 -32.97
N ARG C 167 -16.71 -5.99 -33.82
CA ARG C 167 -16.73 -6.16 -35.27
C ARG C 167 -15.60 -5.33 -35.85
N TRP C 168 -14.52 -5.98 -36.26
CA TRP C 168 -13.35 -5.31 -36.80
C TRP C 168 -13.50 -5.10 -38.30
N PHE C 169 -13.11 -3.91 -38.75
CA PHE C 169 -13.07 -3.58 -40.18
C PHE C 169 -11.68 -3.14 -40.58
N THR C 170 -11.21 -3.62 -41.71
CA THR C 170 -10.03 -3.04 -42.33
C THR C 170 -10.46 -1.77 -43.08
N ALA C 171 -9.47 -0.98 -43.50
CA ALA C 171 -9.80 0.25 -44.21
C ALA C 171 -10.65 -0.04 -45.45
N ALA C 172 -10.31 -1.10 -46.19
CA ALA C 172 -11.10 -1.46 -47.36
C ALA C 172 -12.51 -1.86 -46.97
N GLU C 173 -12.64 -2.70 -45.94
CA GLU C 173 -13.96 -3.12 -45.48
C GLU C 173 -14.75 -1.93 -44.93
N ALA C 174 -14.06 -0.99 -44.27
CA ALA C 174 -14.73 0.21 -43.79
C ALA C 174 -15.23 1.06 -44.94
N LEU C 175 -14.48 1.11 -46.04
CA LEU C 175 -14.94 1.86 -47.21
C LEU C 175 -16.18 1.22 -47.81
N GLU C 176 -16.18 -0.11 -47.94
CA GLU C 176 -17.38 -0.78 -48.47
C GLU C 176 -18.56 -0.63 -47.52
N TYR C 177 -18.30 -0.67 -46.21
CA TYR C 177 -19.37 -0.60 -45.23
C TYR C 177 -20.01 0.78 -45.21
N GLY C 178 -19.19 1.83 -45.26
CA GLY C 178 -19.70 3.18 -45.28
C GLY C 178 -19.22 4.06 -44.14
N PHE C 179 -18.21 3.59 -43.37
CA PHE C 179 -17.64 4.45 -42.35
C PHE C 179 -16.89 5.62 -42.96
N VAL C 180 -16.19 5.36 -44.05
CA VAL C 180 -15.34 6.37 -44.69
C VAL C 180 -15.72 6.47 -46.16
N ASP C 181 -15.32 7.59 -46.76
CA ASP C 181 -15.57 7.85 -48.17
C ASP C 181 -14.38 7.49 -49.04
N HIS C 182 -13.16 7.63 -48.51
CA HIS C 182 -11.96 7.42 -49.28
C HIS C 182 -10.91 6.75 -48.42
N ILE C 183 -9.99 6.05 -49.08
CA ILE C 183 -8.77 5.54 -48.46
C ILE C 183 -7.61 6.25 -49.13
N ILE C 184 -6.75 6.86 -48.34
CA ILE C 184 -5.67 7.67 -48.87
C ILE C 184 -4.49 6.78 -49.23
N THR C 185 -4.04 6.90 -50.47
CA THR C 185 -2.83 6.24 -50.94
C THR C 185 -1.94 7.30 -51.57
N ARG C 186 -0.66 6.99 -51.65
CA ARG C 186 0.30 7.91 -52.24
C ARG C 186 1.65 7.22 -52.42
N SER D 9 12.54 23.18 -20.57
CA SER D 9 13.05 21.78 -20.49
C SER D 9 14.20 21.58 -21.48
N LEU D 10 15.37 21.17 -20.97
CA LEU D 10 16.54 21.01 -21.83
C LEU D 10 16.33 19.93 -22.88
N THR D 11 15.78 18.77 -22.47
CA THR D 11 15.55 17.70 -23.43
C THR D 11 14.71 18.20 -24.60
N ASP D 12 13.62 18.91 -24.30
CA ASP D 12 12.77 19.45 -25.36
C ASP D 12 13.50 20.50 -26.17
N SER D 13 14.33 21.33 -25.54
CA SER D 13 15.08 22.33 -26.29
C SER D 13 15.92 21.65 -27.37
N VAL D 14 16.67 20.62 -26.97
CA VAL D 14 17.50 19.90 -27.94
C VAL D 14 16.64 19.30 -29.04
N TYR D 15 15.56 18.59 -28.65
CA TYR D 15 14.72 17.93 -29.66
C TYR D 15 14.10 18.94 -30.61
N GLU D 16 13.69 20.10 -30.12
CA GLU D 16 13.05 21.08 -30.99
C GLU D 16 14.05 21.70 -31.96
N ARG D 17 15.25 22.01 -31.47
CA ARG D 17 16.29 22.46 -32.38
C ARG D 17 16.50 21.45 -33.50
N LEU D 18 16.52 20.16 -33.15
CA LEU D 18 16.70 19.14 -34.18
C LEU D 18 15.48 19.02 -35.08
N LEU D 19 14.27 19.20 -34.52
CA LEU D 19 13.07 19.19 -35.35
C LEU D 19 13.17 20.23 -36.46
N SER D 20 13.71 21.40 -36.13
CA SER D 20 13.93 22.42 -37.15
C SER D 20 14.92 21.97 -38.22
N GLU D 21 15.74 20.96 -37.95
CA GLU D 21 16.65 20.39 -38.93
C GLU D 21 16.08 19.13 -39.56
N ARG D 22 14.78 18.86 -39.34
CA ARG D 22 14.08 17.73 -39.90
C ARG D 22 14.63 16.40 -39.37
N ILE D 23 15.00 16.40 -38.10
CA ILE D 23 15.43 15.19 -37.39
C ILE D 23 14.44 14.94 -36.26
N ILE D 24 13.90 13.72 -36.22
CA ILE D 24 12.91 13.33 -35.23
C ILE D 24 13.32 12.00 -34.62
N PHE D 25 12.93 11.77 -33.38
CA PHE D 25 13.35 10.59 -32.64
C PHE D 25 12.16 9.76 -32.20
N LEU D 26 12.34 8.44 -32.27
CA LEU D 26 11.44 7.47 -31.67
C LEU D 26 12.26 6.79 -30.58
N GLY D 27 12.15 7.31 -29.36
CA GLY D 27 13.05 6.93 -28.29
C GLY D 27 12.48 6.07 -27.18
N SER D 28 11.29 5.51 -27.34
CA SER D 28 10.71 4.72 -26.27
C SER D 28 9.76 3.68 -26.86
N GLU D 29 9.14 2.91 -25.97
CA GLU D 29 8.13 1.95 -26.38
C GLU D 29 7.05 2.66 -27.18
N VAL D 30 6.73 2.14 -28.36
CA VAL D 30 5.70 2.76 -29.17
C VAL D 30 4.36 2.50 -28.53
N ASN D 31 3.70 3.58 -28.14
CA ASN D 31 2.36 3.54 -27.59
C ASN D 31 1.59 4.65 -28.31
N ASP D 32 0.40 4.98 -27.83
CA ASP D 32 -0.37 6.00 -28.54
C ASP D 32 0.21 7.39 -28.33
N GLU D 33 0.77 7.68 -27.15
CA GLU D 33 1.38 8.99 -26.93
C GLU D 33 2.52 9.23 -27.91
N ILE D 34 3.45 8.27 -28.01
CA ILE D 34 4.57 8.43 -28.93
C ILE D 34 4.08 8.48 -30.37
N ALA D 35 3.18 7.56 -30.73
CA ALA D 35 2.72 7.53 -32.11
C ALA D 35 2.07 8.84 -32.50
N ASN D 36 1.25 9.41 -31.62
CA ASN D 36 0.58 10.65 -31.96
C ASN D 36 1.55 11.81 -32.03
N ARG D 37 2.48 11.91 -31.08
CA ARG D 37 3.49 12.96 -31.15
C ARG D 37 4.29 12.84 -32.44
N LEU D 38 4.71 11.63 -32.79
CA LEU D 38 5.57 11.42 -33.95
C LEU D 38 4.82 11.65 -35.26
N CYS D 39 3.56 11.22 -35.33
CA CYS D 39 2.74 11.50 -36.50
C CYS D 39 2.56 12.99 -36.67
N ALA D 40 2.32 13.70 -35.57
CA ALA D 40 2.18 15.15 -35.65
C ALA D 40 3.47 15.77 -36.18
N GLN D 41 4.62 15.29 -35.71
CA GLN D 41 5.89 15.85 -36.19
C GLN D 41 6.08 15.58 -37.67
N ILE D 42 5.75 14.37 -38.14
CA ILE D 42 5.93 14.09 -39.56
C ILE D 42 4.99 14.95 -40.40
N LEU D 43 3.72 15.05 -40.00
CA LEU D 43 2.80 15.92 -40.72
C LEU D 43 3.33 17.34 -40.78
N LEU D 44 3.81 17.84 -39.64
CA LEU D 44 4.30 19.22 -39.58
C LEU D 44 5.51 19.43 -40.47
N LEU D 45 6.49 18.53 -40.40
CA LEU D 45 7.68 18.65 -41.22
C LEU D 45 7.34 18.60 -42.70
N ALA D 46 6.46 17.66 -43.09
CA ALA D 46 6.08 17.58 -44.49
C ALA D 46 5.37 18.85 -44.93
N ALA D 47 4.54 19.43 -44.05
CA ALA D 47 3.86 20.67 -44.38
C ALA D 47 4.85 21.81 -44.58
N GLU D 48 5.87 21.89 -43.72
CA GLU D 48 6.85 22.98 -43.83
C GLU D 48 7.62 22.89 -45.14
N ASP D 49 8.09 21.69 -45.51
CA ASP D 49 8.84 21.50 -46.75
C ASP D 49 8.67 20.05 -47.18
N ALA D 50 7.90 19.83 -48.24
CA ALA D 50 7.60 18.48 -48.70
C ALA D 50 8.67 17.90 -49.62
N SER D 51 9.69 18.68 -49.98
CA SER D 51 10.74 18.18 -50.86
C SER D 51 11.93 17.62 -50.09
N LYS D 52 12.19 18.12 -48.89
CA LYS D 52 13.35 17.71 -48.11
C LYS D 52 13.07 16.43 -47.34
N ASP D 53 14.14 15.67 -47.11
CA ASP D 53 14.05 14.42 -46.35
C ASP D 53 13.74 14.68 -44.88
N ILE D 54 13.15 13.67 -44.24
CA ILE D 54 13.05 13.60 -42.78
C ILE D 54 13.94 12.45 -42.32
N SER D 55 14.73 12.68 -41.28
CA SER D 55 15.61 11.67 -40.71
C SER D 55 15.02 11.20 -39.39
N LEU D 56 14.58 9.94 -39.35
CA LEU D 56 13.98 9.35 -38.16
C LEU D 56 14.98 8.41 -37.50
N TYR D 57 15.39 8.74 -36.29
CA TYR D 57 16.30 7.90 -35.50
C TYR D 57 15.48 7.01 -34.57
N ILE D 58 15.73 5.71 -34.62
CA ILE D 58 14.93 4.72 -33.91
C ILE D 58 15.79 4.06 -32.84
N ASN D 59 15.31 4.11 -31.60
CA ASN D 59 15.92 3.39 -30.49
C ASN D 59 14.77 3.01 -29.58
N SER D 60 14.24 1.79 -29.75
CA SER D 60 13.01 1.44 -29.08
C SER D 60 12.91 -0.03 -28.69
N PRO D 61 12.42 -0.33 -27.48
CA PRO D 61 12.30 -1.74 -27.04
C PRO D 61 11.13 -2.50 -27.66
N GLY D 62 10.21 -1.83 -28.35
CA GLY D 62 9.03 -2.46 -28.88
C GLY D 62 7.85 -1.51 -28.81
N GLY D 63 6.65 -2.05 -28.93
CA GLY D 63 5.48 -1.19 -28.80
C GLY D 63 4.22 -1.83 -29.33
N SER D 64 3.15 -1.05 -29.24
CA SER D 64 1.82 -1.49 -29.67
C SER D 64 1.70 -1.48 -31.19
N ILE D 65 0.92 -2.42 -31.73
CA ILE D 65 0.83 -2.53 -33.18
C ILE D 65 -0.04 -1.43 -33.77
N SER D 66 -1.16 -1.09 -33.11
CA SER D 66 -2.03 -0.04 -33.64
C SER D 66 -1.29 1.29 -33.72
N ALA D 67 -0.58 1.63 -32.64
CA ALA D 67 0.20 2.86 -32.63
C ALA D 67 1.26 2.83 -33.72
N GLY D 68 1.93 1.68 -33.88
CA GLY D 68 2.91 1.54 -34.93
C GLY D 68 2.33 1.72 -36.32
N MET D 69 1.08 1.27 -36.52
CA MET D 69 0.44 1.46 -37.82
C MET D 69 0.14 2.92 -38.06
N ALA D 70 -0.29 3.65 -37.02
CA ALA D 70 -0.44 5.09 -37.20
C ALA D 70 0.86 5.70 -37.71
N ILE D 71 1.97 5.40 -37.04
CA ILE D 71 3.26 5.94 -37.48
C ILE D 71 3.55 5.51 -38.91
N TYR D 72 3.32 4.24 -39.22
CA TYR D 72 3.73 3.70 -40.51
C TYR D 72 2.95 4.34 -41.66
N ASP D 73 1.64 4.48 -41.51
CA ASP D 73 0.86 5.12 -42.56
C ASP D 73 1.25 6.59 -42.69
N THR D 74 1.50 7.28 -41.57
CA THR D 74 1.94 8.67 -41.70
C THR D 74 3.26 8.74 -42.47
N MET D 75 4.19 7.81 -42.19
CA MET D 75 5.45 7.79 -42.93
C MET D 75 5.21 7.56 -44.42
N VAL D 76 4.41 6.54 -44.75
CA VAL D 76 4.21 6.18 -46.16
C VAL D 76 3.57 7.33 -46.92
N LEU D 77 2.54 7.94 -46.34
CA LEU D 77 1.77 8.94 -47.07
C LEU D 77 2.42 10.32 -47.07
N ALA D 78 3.39 10.57 -46.20
CA ALA D 78 4.06 11.85 -46.24
C ALA D 78 4.66 12.07 -47.63
N PRO D 79 4.50 13.25 -48.22
CA PRO D 79 5.02 13.49 -49.58
C PRO D 79 6.54 13.45 -49.66
N CYS D 80 7.24 13.52 -48.52
CA CYS D 80 8.68 13.58 -48.48
C CYS D 80 9.26 12.20 -48.18
N ASP D 81 10.48 11.96 -48.66
CA ASP D 81 11.17 10.74 -48.31
C ASP D 81 11.53 10.76 -46.82
N ILE D 82 11.44 9.59 -46.19
CA ILE D 82 11.81 9.46 -44.78
C ILE D 82 12.93 8.44 -44.68
N ALA D 83 14.07 8.88 -44.17
CA ALA D 83 15.20 8.02 -43.90
C ALA D 83 15.13 7.55 -42.46
N THR D 84 15.61 6.32 -42.23
CA THR D 84 15.55 5.72 -40.89
C THR D 84 16.93 5.26 -40.47
N TYR D 85 17.21 5.38 -39.18
CA TYR D 85 18.48 5.00 -38.59
C TYR D 85 18.25 4.10 -37.39
N ALA D 86 18.95 2.97 -37.36
CA ALA D 86 18.92 2.06 -36.22
C ALA D 86 20.11 2.35 -35.31
N MET D 87 19.84 2.96 -34.16
CA MET D 87 20.85 3.20 -33.15
C MET D 87 20.39 2.50 -31.87
N GLY D 88 21.35 1.98 -31.13
CA GLY D 88 20.97 1.20 -29.96
C GLY D 88 20.24 -0.04 -30.42
N MET D 89 18.96 -0.14 -30.09
CA MET D 89 18.16 -1.31 -30.43
C MET D 89 16.87 -0.92 -31.12
N ALA D 90 16.54 -1.64 -32.18
CA ALA D 90 15.28 -1.49 -32.91
C ALA D 90 14.51 -2.81 -32.77
N ALA D 91 13.61 -2.89 -31.80
CA ALA D 91 12.93 -4.13 -31.47
C ALA D 91 11.45 -4.08 -31.84
N SER D 92 11.07 -4.97 -32.74
CA SER D 92 9.72 -5.37 -33.12
C SER D 92 8.83 -4.36 -33.80
N MET D 93 8.74 -3.15 -33.26
CA MET D 93 8.06 -2.09 -33.99
C MET D 93 9.07 -1.03 -34.34
N GLY D 94 10.13 -0.94 -33.52
CA GLY D 94 11.32 -0.25 -33.97
C GLY D 94 11.89 -0.90 -35.21
N GLU D 95 11.94 -2.23 -35.24
CA GLU D 95 12.43 -2.94 -36.42
C GLU D 95 11.51 -2.71 -37.60
N PHE D 96 10.19 -2.82 -37.38
CA PHE D 96 9.24 -2.60 -38.45
C PHE D 96 9.38 -1.21 -39.05
N LEU D 97 9.39 -0.19 -38.19
CA LEU D 97 9.49 1.19 -38.67
C LEU D 97 10.86 1.46 -39.29
N LEU D 98 11.90 0.79 -38.81
CA LEU D 98 13.21 0.90 -39.46
C LEU D 98 13.13 0.39 -40.89
N ALA D 99 12.67 -0.85 -41.05
CA ALA D 99 12.53 -1.44 -42.37
C ALA D 99 11.49 -0.71 -43.22
N ALA D 100 10.62 0.06 -42.59
CA ALA D 100 9.55 0.78 -43.28
C ALA D 100 10.01 2.09 -43.90
N GLY D 101 11.25 2.53 -43.67
CA GLY D 101 11.73 3.73 -44.31
C GLY D 101 11.81 3.54 -45.81
N THR D 102 12.02 4.64 -46.52
CA THR D 102 12.10 4.56 -47.98
C THR D 102 13.32 3.72 -48.37
N LYS D 103 13.12 2.84 -49.35
CA LYS D 103 14.19 1.94 -49.74
C LYS D 103 15.35 2.72 -50.35
N GLY D 104 16.56 2.42 -49.88
CA GLY D 104 17.75 3.14 -50.25
C GLY D 104 18.27 4.08 -49.20
N LYS D 105 17.47 4.36 -48.16
CA LYS D 105 17.87 5.26 -47.09
C LYS D 105 17.61 4.66 -45.71
N ARG D 106 17.57 3.33 -45.60
CA ARG D 106 17.41 2.67 -44.32
C ARG D 106 18.79 2.29 -43.79
N TYR D 107 19.20 2.91 -42.70
CA TYR D 107 20.56 2.77 -42.18
C TYR D 107 20.57 2.06 -40.84
N ALA D 108 21.62 1.26 -40.64
CA ALA D 108 21.96 0.74 -39.33
C ALA D 108 23.29 1.33 -38.89
N LEU D 109 23.41 1.58 -37.60
CA LEU D 109 24.72 1.96 -37.13
C LEU D 109 25.51 0.71 -36.73
N PRO D 110 26.84 0.77 -36.78
CA PRO D 110 27.64 -0.47 -36.72
C PRO D 110 27.36 -1.38 -35.55
N HIS D 111 27.02 -0.87 -34.37
CA HIS D 111 26.80 -1.71 -33.20
C HIS D 111 25.34 -1.74 -32.78
N ALA D 112 24.45 -1.48 -33.73
CA ALA D 112 23.02 -1.59 -33.48
C ALA D 112 22.59 -3.05 -33.39
N ARG D 113 21.45 -3.27 -32.76
CA ARG D 113 20.82 -4.58 -32.70
C ARG D 113 19.39 -4.45 -33.19
N ILE D 114 18.97 -5.40 -34.03
CA ILE D 114 17.63 -5.41 -34.60
C ILE D 114 16.97 -6.73 -34.23
N LEU D 115 15.81 -6.64 -33.59
CA LEU D 115 15.12 -7.82 -33.04
C LEU D 115 13.78 -8.00 -33.73
N MET D 116 13.58 -9.18 -34.30
CA MET D 116 12.33 -9.55 -34.95
C MET D 116 11.68 -10.69 -34.19
N HIS D 117 10.38 -10.55 -33.91
CA HIS D 117 9.64 -11.57 -33.17
C HIS D 117 8.17 -11.44 -33.53
N GLN D 118 7.44 -12.55 -33.38
CA GLN D 118 6.01 -12.53 -33.66
C GLN D 118 5.27 -11.68 -32.63
N PRO D 119 4.08 -11.18 -32.97
CA PRO D 119 3.35 -10.29 -32.05
C PRO D 119 3.01 -10.93 -30.72
N LEU D 120 2.88 -10.09 -29.70
CA LEU D 120 2.35 -10.47 -28.40
C LEU D 120 0.97 -9.88 -28.21
N GLY D 121 0.18 -10.49 -27.33
CA GLY D 121 -1.14 -9.98 -27.01
C GLY D 121 -1.74 -10.69 -25.81
N GLY D 122 -3.07 -10.73 -25.73
CA GLY D 122 -3.71 -11.39 -24.62
C GLY D 122 -5.19 -11.61 -24.88
N VAL D 123 -5.76 -12.52 -24.10
CA VAL D 123 -7.12 -13.01 -24.28
C VAL D 123 -7.88 -12.77 -22.98
N THR D 124 -9.05 -12.11 -23.06
CA THR D 124 -9.73 -11.60 -21.86
C THR D 124 -11.21 -11.96 -21.69
N GLY D 125 -11.95 -12.21 -22.76
CA GLY D 125 -13.41 -12.21 -22.68
C GLY D 125 -14.03 -13.58 -22.47
N SER D 126 -15.30 -13.70 -22.83
CA SER D 126 -16.00 -14.96 -22.81
C SER D 126 -15.58 -15.78 -24.03
N ALA D 127 -15.94 -17.07 -24.03
CA ALA D 127 -15.50 -17.95 -25.12
C ALA D 127 -15.82 -17.34 -26.48
N ALA D 128 -16.99 -16.70 -26.61
CA ALA D 128 -17.34 -16.04 -27.87
C ALA D 128 -16.40 -14.87 -28.18
N ASP D 129 -16.20 -13.99 -27.20
CA ASP D 129 -15.30 -12.88 -27.40
C ASP D 129 -13.89 -13.35 -27.68
N ILE D 130 -13.51 -14.47 -27.10
CA ILE D 130 -12.16 -15.00 -27.29
C ILE D 130 -12.00 -15.55 -28.70
N ALA D 131 -13.04 -16.22 -29.21
CA ALA D 131 -13.00 -16.62 -30.61
C ALA D 131 -12.76 -15.40 -31.49
N ILE D 132 -13.45 -14.30 -31.21
CA ILE D 132 -13.25 -13.10 -32.02
C ILE D 132 -11.83 -12.57 -31.87
N GLN D 133 -11.33 -12.47 -30.63
CA GLN D 133 -9.98 -11.93 -30.41
C GLN D 133 -8.94 -12.78 -31.12
N ALA D 134 -9.11 -14.10 -31.09
CA ALA D 134 -8.16 -15.00 -31.75
C ALA D 134 -8.21 -14.82 -33.26
N GLU D 135 -9.41 -14.66 -33.83
CA GLU D 135 -9.49 -14.40 -35.26
C GLU D 135 -8.74 -13.12 -35.63
N GLN D 136 -8.93 -12.06 -34.84
CA GLN D 136 -8.25 -10.82 -35.14
C GLN D 136 -6.73 -10.98 -34.99
N PHE D 137 -6.28 -11.77 -34.02
CA PHE D 137 -4.86 -12.07 -33.93
C PHE D 137 -4.34 -12.69 -35.20
N ALA D 138 -5.05 -13.70 -35.71
CA ALA D 138 -4.60 -14.35 -36.94
C ALA D 138 -4.44 -13.33 -38.06
N VAL D 139 -5.43 -12.45 -38.20
CA VAL D 139 -5.35 -11.44 -39.26
C VAL D 139 -4.12 -10.54 -39.06
N ILE D 140 -3.91 -10.06 -37.84
CA ILE D 140 -2.79 -9.16 -37.56
C ILE D 140 -1.48 -9.85 -37.88
N LYS D 141 -1.32 -11.09 -37.42
CA LYS D 141 -0.09 -11.82 -37.65
C LYS D 141 0.21 -11.87 -39.14
N LYS D 142 -0.77 -12.27 -39.94
CA LYS D 142 -0.52 -12.36 -41.38
C LYS D 142 -0.13 -11.02 -41.96
N GLU D 143 -0.82 -9.94 -41.56
CA GLU D 143 -0.51 -8.64 -42.16
C GLU D 143 0.88 -8.15 -41.78
N MET D 144 1.27 -8.30 -40.51
CA MET D 144 2.59 -7.87 -40.09
C MET D 144 3.67 -8.63 -40.84
N PHE D 145 3.48 -9.94 -41.01
CA PHE D 145 4.48 -10.72 -41.75
C PHE D 145 4.50 -10.32 -43.22
N ARG D 146 3.34 -10.06 -43.82
CA ARG D 146 3.31 -9.63 -45.22
C ARG D 146 4.11 -8.35 -45.40
N LEU D 147 3.93 -7.39 -44.48
CA LEU D 147 4.65 -6.12 -44.62
C LEU D 147 6.14 -6.30 -44.40
N ASN D 148 6.54 -7.15 -43.45
CA ASN D 148 7.97 -7.41 -43.30
C ASN D 148 8.55 -8.03 -44.57
N ALA D 149 7.80 -8.94 -45.21
CA ALA D 149 8.27 -9.54 -46.45
C ALA D 149 8.42 -8.48 -47.54
N GLU D 150 7.45 -7.57 -47.65
CA GLU D 150 7.59 -6.48 -48.63
C GLU D 150 8.82 -5.63 -48.34
N PHE D 151 9.09 -5.37 -47.06
CA PHE D 151 10.24 -4.52 -46.71
C PHE D 151 11.55 -5.20 -47.06
N THR D 152 11.75 -6.44 -46.62
CA THR D 152 13.05 -7.09 -46.71
C THR D 152 13.29 -7.82 -48.02
N GLY D 153 12.24 -8.25 -48.71
CA GLY D 153 12.38 -9.08 -49.89
C GLY D 153 12.42 -10.56 -49.59
N GLN D 154 12.32 -10.95 -48.32
CA GLN D 154 12.27 -12.35 -47.96
C GLN D 154 10.89 -12.93 -48.23
N PRO D 155 10.80 -14.23 -48.54
CA PRO D 155 9.48 -14.86 -48.63
C PRO D 155 8.74 -14.75 -47.30
N ILE D 156 7.41 -14.61 -47.39
CA ILE D 156 6.63 -14.50 -46.17
C ILE D 156 6.79 -15.76 -45.32
N GLU D 157 6.95 -16.91 -45.97
CA GLU D 157 7.18 -18.15 -45.23
C GLU D 157 8.41 -18.03 -44.34
N ARG D 158 9.47 -17.40 -44.85
CA ARG D 158 10.67 -17.25 -44.03
C ARG D 158 10.44 -16.28 -42.89
N ILE D 159 9.73 -15.19 -43.12
CA ILE D 159 9.44 -14.27 -42.02
C ILE D 159 8.71 -15.01 -40.92
N GLU D 160 7.68 -15.78 -41.29
CA GLU D 160 6.92 -16.48 -40.26
C GLU D 160 7.81 -17.46 -39.50
N ALA D 161 8.67 -18.21 -40.21
CA ALA D 161 9.52 -19.16 -39.52
C ALA D 161 10.53 -18.46 -38.61
N ASP D 162 11.20 -17.43 -39.12
CA ASP D 162 12.25 -16.75 -38.36
C ASP D 162 11.69 -16.02 -37.14
N SER D 163 10.52 -15.40 -37.27
CA SER D 163 9.96 -14.61 -36.19
C SER D 163 9.29 -15.46 -35.11
N ASP D 164 9.33 -16.80 -35.24
CA ASP D 164 8.67 -17.64 -34.25
C ASP D 164 9.12 -17.32 -32.84
N ARG D 165 10.44 -17.20 -32.63
CA ARG D 165 10.99 -16.78 -31.35
C ARG D 165 11.99 -15.66 -31.61
N ASP D 166 12.38 -14.97 -30.54
CA ASP D 166 13.27 -13.82 -30.66
C ASP D 166 14.43 -14.14 -31.59
N ARG D 167 14.50 -13.41 -32.70
CA ARG D 167 15.55 -13.57 -33.70
C ARG D 167 16.38 -12.29 -33.73
N TRP D 168 17.58 -12.36 -33.17
CA TRP D 168 18.46 -11.20 -33.08
C TRP D 168 19.32 -11.09 -34.33
N PHE D 169 19.47 -9.86 -34.83
CA PHE D 169 20.34 -9.57 -35.96
C PHE D 169 21.34 -8.51 -35.55
N THR D 170 22.61 -8.71 -35.94
CA THR D 170 23.57 -7.63 -35.89
C THR D 170 23.37 -6.73 -37.11
N ALA D 171 24.02 -5.56 -37.09
CA ALA D 171 23.86 -4.64 -38.22
C ALA D 171 24.27 -5.31 -39.52
N ALA D 172 25.35 -6.08 -39.51
CA ALA D 172 25.77 -6.78 -40.72
C ALA D 172 24.74 -7.82 -41.15
N GLU D 173 24.25 -8.60 -40.19
CA GLU D 173 23.24 -9.60 -40.52
C GLU D 173 21.94 -8.93 -40.97
N ALA D 174 21.60 -7.78 -40.39
CA ALA D 174 20.42 -7.05 -40.83
C ALA D 174 20.60 -6.55 -42.26
N LEU D 175 21.81 -6.15 -42.63
CA LEU D 175 22.06 -5.72 -44.00
C LEU D 175 21.88 -6.88 -44.97
N GLU D 176 22.44 -8.04 -44.64
CA GLU D 176 22.27 -9.20 -45.51
C GLU D 176 20.82 -9.64 -45.58
N TYR D 177 20.11 -9.55 -44.46
CA TYR D 177 18.71 -10.00 -44.40
C TYR D 177 17.81 -9.10 -45.22
N GLY D 178 18.00 -7.78 -45.12
CA GLY D 178 17.22 -6.84 -45.89
C GLY D 178 16.44 -5.85 -45.05
N PHE D 179 16.73 -5.77 -43.74
CA PHE D 179 16.08 -4.73 -42.93
C PHE D 179 16.59 -3.35 -43.32
N VAL D 180 17.87 -3.23 -43.61
CA VAL D 180 18.50 -1.96 -43.90
C VAL D 180 19.22 -2.05 -45.24
N ASP D 181 19.50 -0.88 -45.79
CA ASP D 181 20.21 -0.76 -47.06
C ASP D 181 21.69 -0.51 -46.88
N HIS D 182 22.06 0.19 -45.81
CA HIS D 182 23.44 0.58 -45.58
C HIS D 182 23.75 0.50 -44.09
N ILE D 183 25.03 0.33 -43.80
CA ILE D 183 25.57 0.48 -42.45
C ILE D 183 26.53 1.65 -42.48
N ILE D 184 26.33 2.61 -41.58
CA ILE D 184 27.10 3.84 -41.61
C ILE D 184 28.40 3.63 -40.86
N THR D 185 29.50 3.93 -41.54
CA THR D 185 30.82 3.94 -40.95
C THR D 185 31.46 5.29 -41.22
N ARG D 186 32.45 5.64 -40.40
CA ARG D 186 33.14 6.91 -40.57
C ARG D 186 34.36 6.95 -39.67
N SER E 9 13.99 26.28 -15.19
CA SER E 9 14.76 25.31 -14.37
C SER E 9 16.25 25.68 -14.33
N LEU E 10 16.78 25.90 -13.13
CA LEU E 10 18.17 26.31 -13.01
C LEU E 10 19.13 25.25 -13.53
N THR E 11 18.90 23.98 -13.19
CA THR E 11 19.79 22.93 -13.66
C THR E 11 19.88 22.96 -15.19
N ASP E 12 18.72 23.05 -15.85
CA ASP E 12 18.71 23.11 -17.31
C ASP E 12 19.37 24.39 -17.82
N SER E 13 19.18 25.51 -17.13
CA SER E 13 19.83 26.74 -17.57
C SER E 13 21.34 26.56 -17.62
N VAL E 14 21.91 26.00 -16.55
CA VAL E 14 23.35 25.77 -16.52
C VAL E 14 23.77 24.82 -17.64
N TYR E 15 23.05 23.70 -17.77
CA TYR E 15 23.44 22.72 -18.78
C TYR E 15 23.34 23.29 -20.19
N GLU E 16 22.34 24.12 -20.46
CA GLU E 16 22.18 24.67 -21.80
C GLU E 16 23.27 25.68 -22.11
N ARG E 17 23.59 26.53 -21.14
CA ARG E 17 24.73 27.43 -21.34
C ARG E 17 25.98 26.63 -21.68
N LEU E 18 26.20 25.52 -20.99
CA LEU E 18 27.38 24.70 -21.30
C LEU E 18 27.25 24.00 -22.65
N LEU E 19 26.04 23.59 -23.03
CA LEU E 19 25.83 22.99 -24.34
C LEU E 19 26.30 23.95 -25.44
N SER E 20 26.00 25.25 -25.26
CA SER E 20 26.49 26.23 -26.21
C SER E 20 28.01 26.32 -26.25
N GLU E 21 28.70 25.82 -25.23
CA GLU E 21 30.16 25.76 -25.21
C GLU E 21 30.65 24.38 -25.60
N ARG E 22 29.77 23.53 -26.12
CA ARG E 22 30.10 22.19 -26.57
C ARG E 22 30.56 21.30 -25.42
N ILE E 23 29.92 21.47 -24.26
CA ILE E 23 30.14 20.62 -23.10
C ILE E 23 28.82 19.93 -22.78
N ILE E 24 28.86 18.60 -22.67
CA ILE E 24 27.69 17.79 -22.41
C ILE E 24 28.01 16.82 -21.29
N PHE E 25 26.98 16.43 -20.53
CA PHE E 25 27.16 15.60 -19.35
C PHE E 25 26.39 14.30 -19.46
N LEU E 26 27.01 13.25 -18.97
CA LEU E 26 26.38 11.95 -18.75
C LEU E 26 26.39 11.76 -17.23
N GLY E 27 25.29 12.16 -16.58
CA GLY E 27 25.27 12.27 -15.14
C GLY E 27 24.46 11.25 -14.38
N SER E 28 23.99 10.18 -15.03
CA SER E 28 23.17 9.20 -14.33
C SER E 28 23.33 7.84 -14.98
N GLU E 29 22.59 6.87 -14.46
CA GLU E 29 22.55 5.54 -15.04
C GLU E 29 22.17 5.64 -16.50
N VAL E 30 22.96 5.02 -17.38
CA VAL E 30 22.63 5.08 -18.80
C VAL E 30 21.43 4.19 -19.05
N ASN E 31 20.35 4.82 -19.52
CA ASN E 31 19.13 4.15 -19.91
C ASN E 31 18.75 4.75 -21.26
N ASP E 32 17.54 4.47 -21.72
CA ASP E 32 17.18 4.99 -23.03
C ASP E 32 16.92 6.49 -22.99
N GLU E 33 16.37 7.01 -21.89
CA GLU E 33 16.15 8.45 -21.81
C GLU E 33 17.47 9.21 -21.92
N ILE E 34 18.46 8.83 -21.11
CA ILE E 34 19.76 9.50 -21.18
C ILE E 34 20.41 9.30 -22.53
N ALA E 35 20.39 8.06 -23.03
CA ALA E 35 21.07 7.81 -24.30
C ALA E 35 20.45 8.64 -25.41
N ASN E 36 19.13 8.74 -25.44
CA ASN E 36 18.50 9.50 -26.52
C ASN E 36 18.77 11.00 -26.37
N ARG E 37 18.67 11.53 -25.14
CA ARG E 37 19.00 12.94 -24.94
C ARG E 37 20.44 13.22 -25.36
N LEU E 38 21.37 12.35 -24.97
CA LEU E 38 22.79 12.58 -25.23
C LEU E 38 23.12 12.42 -26.71
N CYS E 39 22.51 11.43 -27.36
CA CYS E 39 22.70 11.28 -28.81
C CYS E 39 22.17 12.50 -29.54
N ALA E 40 21.01 13.01 -29.12
CA ALA E 40 20.48 14.21 -29.74
C ALA E 40 21.45 15.38 -29.56
N GLN E 41 22.02 15.52 -28.36
CA GLN E 41 22.97 16.61 -28.14
C GLN E 41 24.20 16.46 -29.02
N ILE E 42 24.73 15.25 -29.16
CA ILE E 42 25.92 15.07 -30.00
C ILE E 42 25.59 15.38 -31.45
N LEU E 43 24.47 14.86 -31.95
CA LEU E 43 24.06 15.17 -33.32
C LEU E 43 23.95 16.67 -33.52
N LEU E 44 23.30 17.35 -32.56
CA LEU E 44 23.09 18.79 -32.69
C LEU E 44 24.40 19.56 -32.68
N LEU E 45 25.29 19.23 -31.75
CA LEU E 45 26.57 19.91 -31.67
C LEU E 45 27.39 19.70 -32.94
N ALA E 46 27.42 18.46 -33.43
CA ALA E 46 28.16 18.19 -34.65
C ALA E 46 27.56 18.96 -35.83
N ALA E 47 26.23 19.07 -35.87
CA ALA E 47 25.59 19.83 -36.93
C ALA E 47 25.96 21.31 -36.86
N GLU E 48 26.00 21.87 -35.65
CA GLU E 48 26.32 23.29 -35.52
C GLU E 48 27.74 23.59 -35.97
N ASP E 49 28.71 22.76 -35.56
CA ASP E 49 30.10 22.95 -35.96
C ASP E 49 30.80 21.60 -35.89
N ALA E 50 31.11 21.02 -37.06
CA ALA E 50 31.70 19.69 -37.11
C ALA E 50 33.22 19.70 -36.95
N SER E 51 33.84 20.87 -36.87
CA SER E 51 35.29 20.94 -36.72
C SER E 51 35.72 21.02 -35.27
N LYS E 52 34.89 21.60 -34.40
CA LYS E 52 35.26 21.80 -33.00
C LYS E 52 34.99 20.54 -32.17
N ASP E 53 35.79 20.38 -31.11
CA ASP E 53 35.65 19.25 -30.20
C ASP E 53 34.35 19.33 -29.40
N ILE E 54 33.89 18.17 -28.94
CA ILE E 54 32.86 18.06 -27.93
C ILE E 54 33.51 17.49 -26.68
N SER E 55 33.22 18.07 -25.52
CA SER E 55 33.76 17.61 -24.25
C SER E 55 32.63 16.92 -23.47
N LEU E 56 32.77 15.60 -23.29
CA LEU E 56 31.78 14.80 -22.59
C LEU E 56 32.30 14.46 -21.20
N TYR E 57 31.61 14.95 -20.17
CA TYR E 57 31.95 14.65 -18.79
C TYR E 57 31.10 13.48 -18.31
N ILE E 58 31.76 12.47 -17.76
CA ILE E 58 31.10 11.22 -17.39
C ILE E 58 31.15 11.05 -15.88
N ASN E 59 29.98 10.87 -15.27
CA ASN E 59 29.86 10.54 -13.86
C ASN E 59 28.63 9.65 -13.75
N SER E 60 28.84 8.33 -13.78
CA SER E 60 27.70 7.43 -13.92
C SER E 60 27.89 6.10 -13.21
N PRO E 61 26.86 5.60 -12.51
CA PRO E 61 26.97 4.32 -11.81
C PRO E 61 26.91 3.08 -12.71
N GLY E 62 26.56 3.23 -13.97
CA GLY E 62 26.39 2.10 -14.87
C GLY E 62 25.25 2.36 -15.82
N GLY E 63 24.74 1.32 -16.46
CA GLY E 63 23.61 1.50 -17.34
C GLY E 63 23.40 0.34 -18.28
N SER E 64 22.38 0.50 -19.11
CA SER E 64 21.97 -0.53 -20.06
C SER E 64 22.92 -0.57 -21.25
N ILE E 65 23.13 -1.77 -21.80
CA ILE E 65 24.11 -1.92 -22.88
C ILE E 65 23.55 -1.37 -24.20
N SER E 66 22.28 -1.63 -24.50
CA SER E 66 21.72 -1.13 -25.75
C SER E 66 21.77 0.40 -25.80
N ALA E 67 21.37 1.05 -24.72
CA ALA E 67 21.44 2.50 -24.64
C ALA E 67 22.88 2.98 -24.80
N GLY E 68 23.81 2.30 -24.13
CA GLY E 68 25.21 2.64 -24.27
C GLY E 68 25.71 2.50 -25.69
N MET E 69 25.22 1.52 -26.43
CA MET E 69 25.63 1.37 -27.82
C MET E 69 25.08 2.51 -28.67
N ALA E 70 23.85 2.94 -28.41
CA ALA E 70 23.37 4.13 -29.10
C ALA E 70 24.33 5.29 -28.90
N ILE E 71 24.70 5.56 -27.64
CA ILE E 71 25.63 6.65 -27.37
C ILE E 71 26.94 6.41 -28.10
N TYR E 72 27.46 5.19 -28.04
CA TYR E 72 28.79 4.91 -28.56
C TYR E 72 28.85 5.09 -30.08
N ASP E 73 27.85 4.58 -30.80
CA ASP E 73 27.86 4.77 -32.24
C ASP E 73 27.69 6.24 -32.59
N THR E 74 26.84 6.96 -31.85
CA THR E 74 26.73 8.39 -32.15
C THR E 74 28.06 9.09 -31.94
N MET E 75 28.79 8.73 -30.88
CA MET E 75 30.11 9.31 -30.66
C MET E 75 31.06 8.99 -31.80
N VAL E 76 31.13 7.71 -32.19
CA VAL E 76 32.10 7.30 -33.21
C VAL E 76 31.80 7.99 -34.53
N LEU E 77 30.53 8.04 -34.93
CA LEU E 77 30.19 8.54 -36.25
C LEU E 77 30.12 10.06 -36.33
N ALA E 78 30.06 10.75 -35.20
CA ALA E 78 30.07 12.20 -35.25
C ALA E 78 31.33 12.67 -35.97
N PRO E 79 31.22 13.63 -36.90
CA PRO E 79 32.40 14.08 -37.64
C PRO E 79 33.44 14.78 -36.78
N CYS E 80 33.08 15.18 -35.57
CA CYS E 80 33.96 15.93 -34.69
C CYS E 80 34.61 15.00 -33.67
N ASP E 81 35.80 15.36 -33.22
CA ASP E 81 36.43 14.63 -32.13
C ASP E 81 35.64 14.83 -30.85
N ILE E 82 35.56 13.77 -30.04
CA ILE E 82 34.87 13.82 -28.75
C ILE E 82 35.87 13.47 -27.67
N ALA E 83 36.11 14.42 -26.77
CA ALA E 83 36.95 14.20 -25.61
C ALA E 83 36.08 13.75 -24.44
N THR E 84 36.65 12.92 -23.57
CA THR E 84 35.92 12.37 -22.45
C THR E 84 36.68 12.64 -21.15
N TYR E 85 35.92 12.88 -20.09
CA TYR E 85 36.48 13.16 -18.77
C TYR E 85 35.82 12.26 -17.74
N ALA E 86 36.64 11.61 -16.92
CA ALA E 86 36.15 10.79 -15.81
C ALA E 86 36.20 11.62 -14.53
N MET E 87 35.03 12.04 -14.05
CA MET E 87 34.90 12.74 -12.79
C MET E 87 33.98 11.91 -11.89
N GLY E 88 34.26 11.92 -10.61
CA GLY E 88 33.49 11.06 -9.72
C GLY E 88 33.77 9.62 -10.08
N MET E 89 32.76 8.91 -10.58
CA MET E 89 32.90 7.50 -10.92
C MET E 89 32.40 7.23 -12.33
N ALA E 90 33.17 6.42 -13.06
CA ALA E 90 32.81 5.94 -14.39
C ALA E 90 32.68 4.43 -14.31
N ALA E 91 31.46 3.93 -14.12
CA ALA E 91 31.24 2.50 -13.88
C ALA E 91 30.52 1.83 -15.04
N SER E 92 31.20 0.87 -15.63
CA SER E 92 30.75 -0.14 -16.57
C SER E 92 30.29 0.33 -17.95
N MET E 93 29.44 1.34 -18.00
CA MET E 93 29.14 1.94 -19.30
C MET E 93 29.65 3.36 -19.29
N GLY E 94 29.73 3.95 -18.10
CA GLY E 94 30.56 5.12 -17.94
C GLY E 94 32.00 4.82 -18.29
N GLU E 95 32.52 3.68 -17.83
CA GLU E 95 33.89 3.30 -18.18
C GLU E 95 34.02 3.05 -19.68
N PHE E 96 33.06 2.32 -20.25
CA PHE E 96 33.11 2.04 -21.68
C PHE E 96 33.13 3.33 -22.49
N LEU E 97 32.18 4.24 -22.19
CA LEU E 97 32.09 5.49 -22.93
C LEU E 97 33.30 6.38 -22.67
N LEU E 98 33.88 6.31 -21.48
CA LEU E 98 35.12 7.02 -21.19
C LEU E 98 36.23 6.53 -22.11
N ALA E 99 36.47 5.22 -22.11
CA ALA E 99 37.50 4.63 -22.96
C ALA E 99 37.15 4.76 -24.44
N ALA E 100 35.89 5.04 -24.76
CA ALA E 100 35.43 5.14 -26.14
C ALA E 100 35.70 6.51 -26.75
N GLY E 101 36.17 7.49 -25.99
CA GLY E 101 36.50 8.77 -26.56
C GLY E 101 37.64 8.64 -27.55
N THR E 102 37.88 9.70 -28.31
CA THR E 102 38.95 9.66 -29.29
C THR E 102 40.29 9.52 -28.57
N LYS E 103 41.15 8.65 -29.12
CA LYS E 103 42.43 8.38 -28.46
C LYS E 103 43.30 9.61 -28.47
N GLY E 104 43.85 9.94 -27.30
CA GLY E 104 44.63 11.14 -27.11
C GLY E 104 43.91 12.21 -26.34
N LYS E 105 42.59 12.08 -26.15
CA LYS E 105 41.80 13.06 -25.42
C LYS E 105 40.90 12.42 -24.37
N ARG E 106 41.26 11.24 -23.89
CA ARG E 106 40.51 10.58 -22.82
C ARG E 106 41.17 10.91 -21.48
N TYR E 107 40.48 11.67 -20.65
CA TYR E 107 41.04 12.19 -19.41
C TYR E 107 40.38 11.58 -18.19
N ALA E 108 41.19 11.38 -17.15
CA ALA E 108 40.70 11.09 -15.81
C ALA E 108 41.04 12.25 -14.89
N LEU E 109 40.15 12.53 -13.97
CA LEU E 109 40.53 13.51 -12.97
C LEU E 109 41.20 12.79 -11.78
N PRO E 110 42.07 13.48 -11.05
CA PRO E 110 42.98 12.78 -10.12
C PRO E 110 42.32 11.84 -9.13
N HIS E 111 41.11 12.14 -8.64
CA HIS E 111 40.47 11.30 -7.63
C HIS E 111 39.25 10.57 -8.20
N ALA E 112 39.25 10.37 -9.51
CA ALA E 112 38.19 9.60 -10.14
C ALA E 112 38.37 8.11 -9.85
N ARG E 113 37.28 7.36 -10.01
CA ARG E 113 37.29 5.91 -9.90
C ARG E 113 36.67 5.33 -11.15
N ILE E 114 37.31 4.29 -11.70
CA ILE E 114 36.84 3.63 -12.92
C ILE E 114 36.62 2.17 -12.60
N LEU E 115 35.42 1.68 -12.87
CA LEU E 115 35.01 0.33 -12.49
C LEU E 115 34.69 -0.49 -13.72
N MET E 116 35.36 -1.62 -13.88
CA MET E 116 35.13 -2.55 -14.98
C MET E 116 34.58 -3.86 -14.42
N HIS E 117 33.51 -4.36 -15.05
CA HIS E 117 32.89 -5.60 -14.61
C HIS E 117 32.16 -6.21 -15.81
N GLN E 118 31.97 -7.52 -15.76
CA GLN E 118 31.24 -8.19 -16.82
C GLN E 118 29.76 -7.80 -16.79
N PRO E 119 29.06 -7.94 -17.93
CA PRO E 119 27.65 -7.51 -17.98
C PRO E 119 26.75 -8.24 -17.00
N LEU E 120 25.67 -7.55 -16.61
CA LEU E 120 24.57 -8.14 -15.85
C LEU E 120 23.35 -8.28 -16.75
N GLY E 121 22.47 -9.19 -16.36
CA GLY E 121 21.22 -9.38 -17.08
C GLY E 121 20.27 -10.29 -16.34
N GLY E 122 19.38 -10.96 -17.06
CA GLY E 122 18.44 -11.85 -16.42
C GLY E 122 17.74 -12.76 -17.41
N VAL E 123 17.16 -13.83 -16.88
CA VAL E 123 16.58 -14.92 -17.67
C VAL E 123 15.12 -15.07 -17.25
N THR E 124 14.20 -15.05 -18.23
CA THR E 124 12.77 -14.92 -17.93
C THR E 124 11.84 -15.94 -18.57
N GLY E 125 12.18 -16.53 -19.71
CA GLY E 125 11.18 -17.23 -20.52
C GLY E 125 11.12 -18.73 -20.29
N SER E 126 10.59 -19.44 -21.27
CA SER E 126 10.57 -20.90 -21.25
C SER E 126 11.96 -21.41 -21.63
N ALA E 127 12.19 -22.71 -21.42
CA ALA E 127 13.51 -23.28 -21.66
C ALA E 127 14.03 -22.90 -23.05
N ALA E 128 13.14 -22.91 -24.05
CA ALA E 128 13.55 -22.50 -25.40
C ALA E 128 13.95 -21.03 -25.45
N ASP E 129 13.11 -20.15 -24.89
CA ASP E 129 13.42 -18.74 -24.88
C ASP E 129 14.69 -18.47 -24.10
N ILE E 130 14.93 -19.27 -23.06
CA ILE E 130 16.10 -19.09 -22.23
C ILE E 130 17.36 -19.50 -22.97
N ALA E 131 17.28 -20.59 -23.74
CA ALA E 131 18.40 -20.93 -24.60
C ALA E 131 18.74 -19.75 -25.52
N ILE E 132 17.71 -19.10 -26.09
CA ILE E 132 17.97 -17.96 -26.96
C ILE E 132 18.61 -16.81 -26.17
N GLN E 133 18.04 -16.47 -25.00
CA GLN E 133 18.56 -15.36 -24.22
C GLN E 133 20.01 -15.60 -23.82
N ALA E 134 20.34 -16.85 -23.46
CA ALA E 134 21.71 -17.18 -23.09
C ALA E 134 22.66 -17.04 -24.27
N GLU E 135 22.23 -17.49 -25.46
CA GLU E 135 23.05 -17.31 -26.65
C GLU E 135 23.35 -15.83 -26.88
N GLN E 136 22.31 -14.99 -26.78
CA GLN E 136 22.52 -13.56 -27.00
C GLN E 136 23.45 -12.97 -25.94
N PHE E 137 23.34 -13.45 -24.68
CA PHE E 137 24.30 -13.03 -23.66
C PHE E 137 25.72 -13.32 -24.09
N ALA E 138 25.96 -14.56 -24.54
CA ALA E 138 27.32 -14.91 -24.95
C ALA E 138 27.84 -13.95 -26.02
N VAL E 139 26.99 -13.65 -27.01
CA VAL E 139 27.42 -12.72 -28.06
C VAL E 139 27.76 -11.35 -27.48
N ILE E 140 26.87 -10.82 -26.62
CA ILE E 140 27.10 -9.50 -26.05
C ILE E 140 28.39 -9.47 -25.26
N LYS E 141 28.60 -10.48 -24.42
CA LYS E 141 29.82 -10.53 -23.62
C LYS E 141 31.04 -10.43 -24.51
N LYS E 142 31.09 -11.26 -25.55
CA LYS E 142 32.27 -11.21 -26.41
C LYS E 142 32.45 -9.85 -27.05
N GLU E 143 31.36 -9.23 -27.53
CA GLU E 143 31.51 -7.95 -28.21
C GLU E 143 31.97 -6.85 -27.26
N MET E 144 31.40 -6.79 -26.06
CA MET E 144 31.82 -5.77 -25.11
C MET E 144 33.29 -5.93 -24.76
N PHE E 145 33.74 -7.17 -24.55
CA PHE E 145 35.16 -7.38 -24.25
C PHE E 145 36.04 -7.02 -25.44
N ARG E 146 35.61 -7.36 -26.65
CA ARG E 146 36.39 -6.99 -27.83
C ARG E 146 36.58 -5.48 -27.91
N LEU E 147 35.51 -4.73 -27.67
CA LEU E 147 35.62 -3.27 -27.76
C LEU E 147 36.49 -2.71 -26.64
N ASN E 148 36.39 -3.26 -25.43
CA ASN E 148 37.30 -2.80 -24.38
C ASN E 148 38.75 -3.06 -24.76
N ALA E 149 39.02 -4.22 -25.36
CA ALA E 149 40.38 -4.53 -25.80
C ALA E 149 40.85 -3.52 -26.85
N GLU E 150 39.99 -3.19 -27.81
CA GLU E 150 40.37 -2.19 -28.81
C GLU E 150 40.66 -0.85 -28.14
N PHE E 151 39.87 -0.47 -27.13
CA PHE E 151 40.07 0.82 -26.48
C PHE E 151 41.39 0.85 -25.71
N THR E 152 41.65 -0.14 -24.87
CA THR E 152 42.77 -0.08 -23.94
C THR E 152 44.07 -0.61 -24.51
N GLY E 153 44.02 -1.50 -25.51
CA GLY E 153 45.21 -2.15 -26.00
C GLY E 153 45.54 -3.43 -25.27
N GLN E 154 44.76 -3.82 -24.27
CA GLN E 154 44.97 -5.06 -23.57
C GLN E 154 44.47 -6.24 -24.41
N PRO E 155 45.07 -7.42 -24.25
CA PRO E 155 44.51 -8.62 -24.90
C PRO E 155 43.09 -8.87 -24.42
N ILE E 156 42.25 -9.39 -25.31
CA ILE E 156 40.87 -9.67 -24.93
C ILE E 156 40.84 -10.68 -23.81
N GLU E 157 41.79 -11.62 -23.79
CA GLU E 157 41.87 -12.59 -22.70
C GLU E 157 42.00 -11.89 -21.36
N ARG E 158 42.81 -10.83 -21.30
CA ARG E 158 42.97 -10.11 -20.05
C ARG E 158 41.70 -9.38 -19.66
N ILE E 159 41.02 -8.77 -20.63
CA ILE E 159 39.76 -8.09 -20.30
C ILE E 159 38.80 -9.09 -19.69
N GLU E 160 38.66 -10.26 -20.31
CA GLU E 160 37.72 -11.25 -19.78
C GLU E 160 38.10 -11.68 -18.37
N ALA E 161 39.40 -11.91 -18.14
CA ALA E 161 39.82 -12.33 -16.80
C ALA E 161 39.60 -11.23 -15.77
N ASP E 162 40.01 -10.00 -16.09
CA ASP E 162 39.93 -8.91 -15.12
C ASP E 162 38.48 -8.54 -14.81
N SER E 163 37.60 -8.54 -15.81
CA SER E 163 36.22 -8.13 -15.61
C SER E 163 35.36 -9.19 -14.95
N ASP E 164 35.94 -10.34 -14.58
CA ASP E 164 35.14 -11.40 -13.97
C ASP E 164 34.34 -10.89 -12.78
N ARG E 165 35.00 -10.16 -11.88
CA ARG E 165 34.34 -9.51 -10.75
C ARG E 165 34.76 -8.05 -10.71
N ASP E 166 34.04 -7.27 -9.93
CA ASP E 166 34.29 -5.83 -9.86
C ASP E 166 35.78 -5.54 -9.75
N ARG E 167 36.32 -4.87 -10.76
CA ARG E 167 37.74 -4.51 -10.81
C ARG E 167 37.85 -2.99 -10.76
N TRP E 168 38.25 -2.46 -9.60
CA TRP E 168 38.36 -1.03 -9.40
C TRP E 168 39.72 -0.52 -9.83
N PHE E 169 39.72 0.62 -10.52
CA PHE E 169 40.95 1.29 -10.91
C PHE E 169 40.96 2.71 -10.37
N THR E 170 42.10 3.13 -9.83
CA THR E 170 42.30 4.55 -9.57
C THR E 170 42.69 5.24 -10.88
N ALA E 171 42.68 6.57 -10.87
CA ALA E 171 43.03 7.30 -12.09
C ALA E 171 44.42 6.90 -12.59
N ALA E 172 45.38 6.75 -11.66
CA ALA E 172 46.72 6.34 -12.06
C ALA E 172 46.71 4.94 -12.65
N GLU E 173 46.02 4.01 -11.98
CA GLU E 173 45.93 2.65 -12.50
C GLU E 173 45.19 2.61 -13.82
N ALA E 174 44.18 3.45 -13.98
CA ALA E 174 43.47 3.53 -15.26
C ALA E 174 44.37 4.04 -16.37
N LEU E 175 45.26 4.97 -16.04
CA LEU E 175 46.21 5.47 -17.03
C LEU E 175 47.17 4.37 -17.45
N GLU E 176 47.70 3.61 -16.49
CA GLU E 176 48.59 2.51 -16.84
C GLU E 176 47.86 1.42 -17.62
N TYR E 177 46.60 1.17 -17.26
CA TYR E 177 45.84 0.10 -17.90
C TYR E 177 45.51 0.45 -19.34
N GLY E 178 45.10 1.70 -19.58
CA GLY E 178 44.79 2.14 -20.93
C GLY E 178 43.37 2.65 -21.10
N PHE E 179 42.64 2.86 -20.01
CA PHE E 179 41.31 3.45 -20.15
C PHE E 179 41.41 4.91 -20.58
N VAL E 180 42.40 5.63 -20.07
CA VAL E 180 42.54 7.05 -20.33
C VAL E 180 43.95 7.31 -20.84
N ASP E 181 44.11 8.47 -21.47
CA ASP E 181 45.39 8.91 -22.01
C ASP E 181 46.12 9.85 -21.07
N HIS E 182 45.38 10.64 -20.30
CA HIS E 182 45.97 11.65 -19.44
C HIS E 182 45.18 11.74 -18.14
N ILE E 183 45.86 12.20 -17.10
CA ILE E 183 45.24 12.59 -15.85
C ILE E 183 45.45 14.08 -15.69
N ILE E 184 44.38 14.83 -15.48
CA ILE E 184 44.46 16.28 -15.44
C ILE E 184 44.87 16.73 -14.04
N THR E 185 45.93 17.52 -13.98
CA THR E 185 46.36 18.16 -12.76
C THR E 185 46.49 19.65 -13.03
N ARG E 186 46.43 20.44 -11.95
CA ARG E 186 46.55 21.88 -12.08
C ARG E 186 46.71 22.51 -10.71
N SER F 9 10.17 29.72 -11.42
CA SER F 9 10.43 29.25 -10.04
C SER F 9 11.23 30.28 -9.25
N LEU F 10 10.68 30.73 -8.13
CA LEU F 10 11.34 31.76 -7.34
C LEU F 10 12.69 31.30 -6.81
N THR F 11 12.75 30.08 -6.26
CA THR F 11 14.01 29.58 -5.74
C THR F 11 15.09 29.65 -6.81
N ASP F 12 14.78 29.16 -8.01
CA ASP F 12 15.74 29.21 -9.10
C ASP F 12 16.07 30.64 -9.50
N SER F 13 15.08 31.53 -9.48
CA SER F 13 15.36 32.93 -9.82
C SER F 13 16.44 33.49 -8.90
N VAL F 14 16.27 33.29 -7.59
CA VAL F 14 17.25 33.78 -6.63
C VAL F 14 18.61 33.14 -6.89
N TYR F 15 18.64 31.81 -7.04
CA TYR F 15 19.92 31.14 -7.22
C TYR F 15 20.61 31.59 -8.49
N GLU F 16 19.87 31.83 -9.57
CA GLU F 16 20.49 32.23 -10.82
C GLU F 16 21.04 33.64 -10.73
N ARG F 17 20.29 34.55 -10.11
CA ARG F 17 20.84 35.88 -9.87
C ARG F 17 22.15 35.78 -9.11
N LEU F 18 22.22 34.91 -8.11
CA LEU F 18 23.47 34.77 -7.37
C LEU F 18 24.55 34.09 -8.20
N LEU F 19 24.17 33.14 -9.05
CA LEU F 19 25.15 32.51 -9.94
C LEU F 19 25.86 33.57 -10.77
N SER F 20 25.10 34.57 -11.26
CA SER F 20 25.72 35.66 -11.99
C SER F 20 26.70 36.47 -11.13
N GLU F 21 26.60 36.38 -9.80
CA GLU F 21 27.55 37.01 -8.90
C GLU F 21 28.62 36.05 -8.43
N ARG F 22 28.70 34.88 -9.06
CA ARG F 22 29.70 33.85 -8.75
C ARG F 22 29.51 33.31 -7.33
N ILE F 23 28.25 33.15 -6.93
CA ILE F 23 27.89 32.51 -5.67
C ILE F 23 27.07 31.27 -5.99
N ILE F 24 27.50 30.13 -5.45
CA ILE F 24 26.85 28.85 -5.69
C ILE F 24 26.62 28.16 -4.36
N PHE F 25 25.58 27.33 -4.29
CA PHE F 25 25.17 26.69 -3.05
C PHE F 25 25.21 25.18 -3.16
N LEU F 26 25.65 24.55 -2.08
CA LEU F 26 25.54 23.12 -1.87
C LEU F 26 24.58 22.96 -0.69
N GLY F 27 23.29 22.79 -1.01
CA GLY F 27 22.25 22.88 0.00
C GLY F 27 21.57 21.59 0.40
N SER F 28 22.09 20.42 0.01
CA SER F 28 21.43 19.18 0.35
C SER F 28 22.45 18.06 0.42
N GLU F 29 21.96 16.85 0.68
CA GLU F 29 22.80 15.67 0.68
C GLU F 29 23.51 15.56 -0.66
N VAL F 30 24.83 15.40 -0.62
CA VAL F 30 25.58 15.29 -1.86
C VAL F 30 25.28 13.93 -2.48
N ASN F 31 24.69 13.96 -3.67
CA ASN F 31 24.41 12.79 -4.46
C ASN F 31 24.88 13.13 -5.88
N ASP F 32 24.52 12.29 -6.85
CA ASP F 32 25.00 12.57 -8.19
C ASP F 32 24.29 13.76 -8.81
N GLU F 33 23.01 13.96 -8.52
CA GLU F 33 22.30 15.11 -9.07
C GLU F 33 22.96 16.41 -8.60
N ILE F 34 23.18 16.56 -7.30
CA ILE F 34 23.81 17.77 -6.79
C ILE F 34 25.22 17.90 -7.32
N ALA F 35 26.00 16.81 -7.29
CA ALA F 35 27.38 16.91 -7.73
C ALA F 35 27.46 17.34 -9.18
N ASN F 36 26.59 16.80 -10.03
CA ASN F 36 26.66 17.15 -11.44
C ASN F 36 26.21 18.59 -11.66
N ARG F 37 25.11 19.01 -11.01
CA ARG F 37 24.70 20.40 -11.13
C ARG F 37 25.82 21.35 -10.67
N LEU F 38 26.45 21.04 -9.54
CA LEU F 38 27.44 21.92 -8.96
C LEU F 38 28.73 21.93 -9.79
N CYS F 39 29.14 20.77 -10.31
CA CYS F 39 30.30 20.73 -11.19
C CYS F 39 30.03 21.54 -12.44
N ALA F 40 28.82 21.43 -13.00
CA ALA F 40 28.48 22.23 -14.17
C ALA F 40 28.56 23.71 -13.85
N GLN F 41 28.08 24.11 -12.67
CA GLN F 41 28.15 25.52 -12.31
C GLN F 41 29.60 25.99 -12.16
N ILE F 42 30.45 25.17 -11.54
CA ILE F 42 31.85 25.59 -11.39
C ILE F 42 32.53 25.70 -12.75
N LEU F 43 32.33 24.70 -13.61
CA LEU F 43 32.89 24.77 -14.95
C LEU F 43 32.43 26.04 -15.67
N LEU F 44 31.13 26.32 -15.58
CA LEU F 44 30.56 27.47 -16.27
C LEU F 44 31.14 28.78 -15.74
N LEU F 45 31.18 28.92 -14.41
CA LEU F 45 31.71 30.15 -13.83
C LEU F 45 33.18 30.34 -14.18
N ALA F 46 33.97 29.28 -14.11
CA ALA F 46 35.38 29.39 -14.48
C ALA F 46 35.53 29.77 -15.95
N ALA F 47 34.66 29.23 -16.81
CA ALA F 47 34.72 29.59 -18.23
C ALA F 47 34.38 31.06 -18.44
N GLU F 48 33.38 31.58 -17.72
CA GLU F 48 33.00 32.98 -17.90
C GLU F 48 34.12 33.91 -17.47
N ASP F 49 34.75 33.65 -16.33
CA ASP F 49 35.85 34.49 -15.85
C ASP F 49 36.71 33.64 -14.94
N ALA F 50 37.91 33.29 -15.40
CA ALA F 50 38.80 32.41 -14.66
C ALA F 50 39.65 33.14 -13.63
N SER F 51 39.59 34.48 -13.58
CA SER F 51 40.40 35.23 -12.63
C SER F 51 39.64 35.52 -11.34
N LYS F 52 38.33 35.62 -11.39
CA LYS F 52 37.53 35.97 -10.23
C LYS F 52 37.23 34.75 -9.36
N ASP F 53 37.08 35.00 -8.06
CA ASP F 53 36.75 33.94 -7.11
C ASP F 53 35.35 33.39 -7.32
N ILE F 54 35.15 32.15 -6.88
CA ILE F 54 33.83 31.56 -6.71
C ILE F 54 33.59 31.37 -5.22
N SER F 55 32.41 31.76 -4.75
CA SER F 55 32.04 31.60 -3.35
C SER F 55 31.04 30.47 -3.23
N LEU F 56 31.46 29.38 -2.58
CA LEU F 56 30.63 28.20 -2.39
C LEU F 56 30.12 28.17 -0.95
N TYR F 57 28.81 28.27 -0.78
CA TYR F 57 28.19 28.17 0.53
C TYR F 57 27.72 26.74 0.77
N ILE F 58 28.13 26.16 1.90
CA ILE F 58 27.89 24.75 2.19
C ILE F 58 26.94 24.64 3.38
N ASN F 59 25.85 23.92 3.17
CA ASN F 59 24.92 23.57 4.25
C ASN F 59 24.37 22.20 3.89
N SER F 60 24.99 21.14 4.42
CA SER F 60 24.67 19.81 3.95
C SER F 60 24.77 18.73 5.02
N PRO F 61 23.81 17.80 5.07
CA PRO F 61 23.85 16.73 6.08
C PRO F 61 24.86 15.62 5.80
N GLY F 62 25.44 15.57 4.61
CA GLY F 62 26.34 14.50 4.24
C GLY F 62 26.17 14.18 2.76
N GLY F 63 26.65 13.01 2.35
CA GLY F 63 26.46 12.63 0.96
C GLY F 63 27.37 11.50 0.54
N SER F 64 27.22 11.15 -0.74
CA SER F 64 27.98 10.05 -1.33
C SER F 64 29.42 10.47 -1.61
N ILE F 65 30.34 9.51 -1.49
CA ILE F 65 31.75 9.85 -1.65
C ILE F 65 32.11 10.06 -3.12
N SER F 66 31.59 9.22 -4.01
CA SER F 66 31.91 9.39 -5.43
C SER F 66 31.45 10.75 -5.95
N ALA F 67 30.22 11.13 -5.60
CA ALA F 67 29.71 12.44 -5.99
C ALA F 67 30.57 13.55 -5.40
N GLY F 68 30.95 13.41 -4.13
CA GLY F 68 31.82 14.38 -3.51
C GLY F 68 33.16 14.50 -4.21
N MET F 69 33.69 13.39 -4.71
CA MET F 69 34.95 13.45 -5.44
C MET F 69 34.79 14.18 -6.75
N ALA F 70 33.67 13.97 -7.44
CA ALA F 70 33.42 14.78 -8.63
C ALA F 70 33.49 16.26 -8.29
N ILE F 71 32.78 16.67 -7.25
CA ILE F 71 32.81 18.09 -6.84
C ILE F 71 34.23 18.51 -6.53
N TYR F 72 34.95 17.68 -5.76
CA TYR F 72 36.26 18.08 -5.26
C TYR F 72 37.26 18.26 -6.38
N ASP F 73 37.30 17.33 -7.34
CA ASP F 73 38.22 17.49 -8.46
C ASP F 73 37.84 18.70 -9.30
N THR F 74 36.54 18.92 -9.51
CA THR F 74 36.16 20.12 -10.26
C THR F 74 36.64 21.38 -9.55
N MET F 75 36.51 21.42 -8.22
CA MET F 75 37.00 22.57 -7.45
C MET F 75 38.50 22.74 -7.61
N VAL F 76 39.26 21.65 -7.44
CA VAL F 76 40.71 21.74 -7.46
C VAL F 76 41.20 22.20 -8.84
N LEU F 77 40.63 21.64 -9.90
CA LEU F 77 41.14 21.90 -11.24
C LEU F 77 40.62 23.20 -11.83
N ALA F 78 39.57 23.78 -11.27
CA ALA F 78 39.10 25.05 -11.79
C ALA F 78 40.24 26.07 -11.72
N PRO F 79 40.46 26.85 -12.78
CA PRO F 79 41.57 27.83 -12.77
C PRO F 79 41.40 28.94 -11.75
N CYS F 80 40.20 29.12 -11.21
CA CYS F 80 39.90 30.20 -10.28
C CYS F 80 39.94 29.70 -8.85
N ASP F 81 40.27 30.61 -7.93
CA ASP F 81 40.19 30.26 -6.51
C ASP F 81 38.74 30.06 -6.11
N ILE F 82 38.51 29.09 -5.23
CA ILE F 82 37.17 28.82 -4.71
C ILE F 82 37.19 29.00 -3.21
N ALA F 83 36.40 29.94 -2.72
CA ALA F 83 36.21 30.16 -1.30
C ALA F 83 35.02 29.35 -0.81
N THR F 84 35.08 28.90 0.44
CA THR F 84 34.03 28.07 1.00
C THR F 84 33.54 28.67 2.30
N TYR F 85 32.24 28.52 2.55
CA TYR F 85 31.61 29.04 3.75
C TYR F 85 30.79 27.94 4.41
N ALA F 86 30.98 27.77 5.72
CA ALA F 86 30.20 26.82 6.51
C ALA F 86 29.06 27.58 7.18
N MET F 87 27.84 27.38 6.70
CA MET F 87 26.65 27.93 7.32
C MET F 87 25.74 26.77 7.69
N GLY F 88 25.04 26.91 8.81
CA GLY F 88 24.24 25.79 9.26
C GLY F 88 25.17 24.66 9.66
N MET F 89 25.12 23.56 8.92
CA MET F 89 25.92 22.39 9.22
C MET F 89 26.66 21.89 7.99
N ALA F 90 27.93 21.55 8.18
CA ALA F 90 28.78 20.95 7.14
C ALA F 90 29.18 19.57 7.64
N ALA F 91 28.44 18.55 7.21
CA ALA F 91 28.62 17.19 7.72
C ALA F 91 29.19 16.26 6.67
N SER F 92 30.37 15.74 6.96
CA SER F 92 31.08 14.63 6.34
C SER F 92 31.56 14.81 4.91
N MET F 93 30.71 15.29 4.02
CA MET F 93 31.18 15.67 2.70
C MET F 93 31.01 17.15 2.53
N GLY F 94 30.04 17.72 3.26
CA GLY F 94 30.06 19.14 3.49
C GLY F 94 31.32 19.58 4.19
N GLU F 95 31.74 18.82 5.21
CA GLU F 95 32.99 19.15 5.91
C GLU F 95 34.18 18.99 4.98
N PHE F 96 34.22 17.89 4.23
CA PHE F 96 35.32 17.67 3.30
C PHE F 96 35.43 18.80 2.29
N LEU F 97 34.31 19.14 1.64
CA LEU F 97 34.33 20.20 0.63
C LEU F 97 34.60 21.55 1.25
N LEU F 98 34.19 21.77 2.50
CA LEU F 98 34.53 23.00 3.20
C LEU F 98 36.04 23.10 3.36
N ALA F 99 36.65 22.07 3.95
CA ALA F 99 38.10 22.04 4.13
C ALA F 99 38.85 21.99 2.80
N ALA F 100 38.16 21.61 1.72
CA ALA F 100 38.77 21.49 0.42
C ALA F 100 38.88 22.81 -0.34
N GLY F 101 38.32 23.89 0.19
CA GLY F 101 38.48 25.18 -0.46
C GLY F 101 39.94 25.61 -0.45
N THR F 102 40.22 26.66 -1.23
CA THR F 102 41.60 27.13 -1.29
C THR F 102 42.02 27.65 0.09
N LYS F 103 43.24 27.30 0.49
CA LYS F 103 43.70 27.68 1.82
C LYS F 103 43.85 29.19 1.93
N GLY F 104 43.29 29.73 3.01
CA GLY F 104 43.23 31.16 3.22
C GLY F 104 41.86 31.77 2.98
N LYS F 105 40.94 31.01 2.38
CA LYS F 105 39.60 31.50 2.11
C LYS F 105 38.52 30.50 2.56
N ARG F 106 38.84 29.64 3.51
CA ARG F 106 37.86 28.70 4.07
C ARG F 106 37.25 29.32 5.33
N TYR F 107 35.97 29.65 5.28
CA TYR F 107 35.30 30.39 6.34
C TYR F 107 34.26 29.53 7.04
N ALA F 108 34.14 29.76 8.34
CA ALA F 108 33.01 29.27 9.12
C ALA F 108 32.20 30.46 9.61
N LEU F 109 30.89 30.27 9.66
CA LEU F 109 30.12 31.32 10.30
C LEU F 109 29.99 31.02 11.79
N PRO F 110 29.79 32.04 12.62
CA PRO F 110 29.99 31.87 14.08
C PRO F 110 29.22 30.73 14.73
N HIS F 111 28.01 30.41 14.25
CA HIS F 111 27.20 29.37 14.89
C HIS F 111 27.07 28.15 13.99
N ALA F 112 28.02 27.95 13.10
CA ALA F 112 28.06 26.77 12.26
C ALA F 112 28.49 25.55 13.07
N ARG F 113 28.15 24.38 12.55
CA ARG F 113 28.59 23.10 13.12
C ARG F 113 29.26 22.29 12.02
N ILE F 114 30.40 21.69 12.34
CA ILE F 114 31.16 20.89 11.40
C ILE F 114 31.33 19.49 11.98
N LEU F 115 30.90 18.48 11.24
CA LEU F 115 30.85 17.11 11.72
C LEU F 115 31.77 16.23 10.88
N MET F 116 32.71 15.56 11.56
CA MET F 116 33.64 14.64 10.92
C MET F 116 33.36 13.22 11.43
N HIS F 117 33.28 12.28 10.51
CA HIS F 117 33.02 10.89 10.86
C HIS F 117 33.58 9.99 9.75
N GLN F 118 33.88 8.75 10.11
CA GLN F 118 34.38 7.81 9.12
C GLN F 118 33.27 7.44 8.13
N PRO F 119 33.64 6.98 6.92
CA PRO F 119 32.63 6.68 5.90
C PRO F 119 31.63 5.60 6.32
N LEU F 120 30.44 5.69 5.74
CA LEU F 120 29.42 4.66 5.82
C LEU F 120 29.31 3.94 4.48
N GLY F 121 28.79 2.71 4.53
CA GLY F 121 28.55 1.94 3.33
C GLY F 121 27.74 0.70 3.60
N GLY F 122 27.92 -0.33 2.77
CA GLY F 122 27.18 -1.57 2.97
C GLY F 122 27.74 -2.69 2.13
N VAL F 123 27.37 -3.91 2.52
CA VAL F 123 27.92 -5.14 1.96
C VAL F 123 26.75 -5.98 1.44
N THR F 124 26.82 -6.41 0.16
CA THR F 124 25.66 -6.99 -0.50
C THR F 124 25.85 -8.33 -1.20
N GLY F 125 27.06 -8.69 -1.64
CA GLY F 125 27.21 -9.79 -2.59
C GLY F 125 27.55 -11.13 -1.95
N SER F 126 28.13 -12.02 -2.76
CA SER F 126 28.61 -13.29 -2.27
C SER F 126 29.94 -13.08 -1.53
N ALA F 127 30.39 -14.11 -0.82
CA ALA F 127 31.59 -13.96 -0.01
C ALA F 127 32.75 -13.39 -0.85
N ALA F 128 32.87 -13.82 -2.10
CA ALA F 128 33.91 -13.29 -2.98
C ALA F 128 33.68 -11.80 -3.27
N ASP F 129 32.46 -11.43 -3.66
CA ASP F 129 32.16 -10.03 -3.93
C ASP F 129 32.34 -9.19 -2.68
N ILE F 130 32.06 -9.78 -1.52
CA ILE F 130 32.18 -9.04 -0.27
C ILE F 130 33.64 -8.81 0.08
N ALA F 131 34.50 -9.80 -0.17
CA ALA F 131 35.93 -9.56 -0.02
C ALA F 131 36.35 -8.37 -0.88
N ILE F 132 35.86 -8.30 -2.12
CA ILE F 132 36.22 -7.17 -2.97
C ILE F 132 35.68 -5.85 -2.40
N GLN F 133 34.41 -5.84 -2.00
CA GLN F 133 33.82 -4.61 -1.48
C GLN F 133 34.56 -4.11 -0.25
N ALA F 134 34.97 -5.04 0.62
CA ALA F 134 35.70 -4.67 1.82
C ALA F 134 37.07 -4.11 1.48
N GLU F 135 37.76 -4.71 0.50
CA GLU F 135 39.03 -4.14 0.07
C GLU F 135 38.86 -2.72 -0.42
N GLN F 136 37.84 -2.48 -1.24
CA GLN F 136 37.62 -1.13 -1.74
C GLN F 136 37.28 -0.17 -0.61
N PHE F 137 36.53 -0.63 0.40
CA PHE F 137 36.29 0.21 1.57
C PHE F 137 37.60 0.63 2.22
N ALA F 138 38.51 -0.33 2.44
CA ALA F 138 39.78 0.01 3.07
C ALA F 138 40.49 1.10 2.28
N VAL F 139 40.53 0.96 0.95
CA VAL F 139 41.20 1.96 0.12
C VAL F 139 40.54 3.33 0.29
N ILE F 140 39.20 3.37 0.22
CA ILE F 140 38.49 4.65 0.33
C ILE F 140 38.77 5.29 1.68
N LYS F 141 38.69 4.51 2.75
CA LYS F 141 38.92 5.05 4.08
C LYS F 141 40.29 5.74 4.13
N LYS F 142 41.32 5.03 3.67
CA LYS F 142 42.66 5.62 3.74
C LYS F 142 42.72 6.91 2.92
N GLU F 143 42.14 6.93 1.72
CA GLU F 143 42.26 8.12 0.88
C GLU F 143 41.51 9.30 1.49
N MET F 144 40.30 9.09 2.00
CA MET F 144 39.56 10.18 2.61
C MET F 144 40.32 10.76 3.80
N PHE F 145 40.91 9.88 4.63
CA PHE F 145 41.68 10.39 5.77
C PHE F 145 42.94 11.13 5.31
N ARG F 146 43.61 10.62 4.27
CA ARG F 146 44.78 11.31 3.77
C ARG F 146 44.43 12.72 3.32
N LEU F 147 43.32 12.87 2.61
CA LEU F 147 42.95 14.19 2.13
C LEU F 147 42.55 15.11 3.28
N ASN F 148 41.85 14.59 4.29
CA ASN F 148 41.54 15.43 5.44
C ASN F 148 42.83 15.90 6.11
N ALA F 149 43.82 15.01 6.22
CA ALA F 149 45.09 15.39 6.81
C ALA F 149 45.76 16.49 6.00
N GLU F 150 45.75 16.37 4.67
CA GLU F 150 46.32 17.43 3.84
C GLU F 150 45.59 18.75 4.06
N PHE F 151 44.25 18.69 4.19
CA PHE F 151 43.48 19.92 4.37
C PHE F 151 43.80 20.60 5.70
N THR F 152 43.73 19.85 6.81
CA THR F 152 43.79 20.45 8.13
C THR F 152 45.21 20.61 8.67
N GLY F 153 46.16 19.80 8.20
CA GLY F 153 47.49 19.80 8.78
C GLY F 153 47.65 18.84 9.93
N GLN F 154 46.60 18.13 10.32
CA GLN F 154 46.70 17.14 11.36
C GLN F 154 47.36 15.87 10.84
N PRO F 155 48.05 15.12 11.71
CA PRO F 155 48.56 13.80 11.30
C PRO F 155 47.40 12.90 10.88
N ILE F 156 47.66 12.04 9.89
CA ILE F 156 46.61 11.13 9.44
C ILE F 156 46.17 10.23 10.59
N GLU F 157 47.10 9.87 11.47
CA GLU F 157 46.75 9.06 12.64
C GLU F 157 45.67 9.74 13.46
N ARG F 158 45.78 11.05 13.64
CA ARG F 158 44.77 11.76 14.41
C ARG F 158 43.44 11.80 13.70
N ILE F 159 43.45 12.00 12.37
CA ILE F 159 42.19 11.99 11.65
C ILE F 159 41.49 10.65 11.85
N GLU F 160 42.24 9.56 11.70
CA GLU F 160 41.61 8.24 11.84
C GLU F 160 41.06 8.06 13.25
N ALA F 161 41.81 8.47 14.27
CA ALA F 161 41.31 8.31 15.63
C ALA F 161 40.08 9.18 15.89
N ASP F 162 40.13 10.45 15.50
CA ASP F 162 39.03 11.37 15.79
C ASP F 162 37.76 11.00 15.03
N SER F 163 37.89 10.57 13.78
CA SER F 163 36.72 10.27 12.96
C SER F 163 36.10 8.92 13.27
N ASP F 164 36.60 8.20 14.27
CA ASP F 164 36.05 6.89 14.59
C ASP F 164 34.54 6.96 14.83
N ARG F 165 34.09 7.92 15.62
CA ARG F 165 32.67 8.16 15.84
C ARG F 165 32.41 9.65 15.64
N ASP F 166 31.13 10.00 15.52
CA ASP F 166 30.75 11.38 15.24
C ASP F 166 31.53 12.34 16.13
N ARG F 167 32.33 13.20 15.49
CA ARG F 167 33.14 14.19 16.17
C ARG F 167 32.64 15.56 15.78
N TRP F 168 31.94 16.23 16.69
CA TRP F 168 31.36 17.54 16.42
C TRP F 168 32.36 18.64 16.75
N PHE F 169 32.43 19.64 15.88
CA PHE F 169 33.24 20.82 16.10
C PHE F 169 32.38 22.06 16.02
N THR F 170 32.59 22.99 16.96
CA THR F 170 32.06 24.33 16.80
C THR F 170 32.95 25.11 15.85
N ALA F 171 32.48 26.27 15.41
CA ALA F 171 33.28 27.08 14.50
C ALA F 171 34.65 27.40 15.09
N ALA F 172 34.69 27.73 16.39
CA ALA F 172 35.96 28.01 17.04
C ALA F 172 36.85 26.78 17.06
N GLU F 173 36.28 25.64 17.45
CA GLU F 173 37.05 24.40 17.47
C GLU F 173 37.50 24.01 16.07
N ALA F 174 36.66 24.26 15.07
CA ALA F 174 37.04 23.97 13.69
C ALA F 174 38.21 24.86 13.26
N LEU F 175 38.22 26.11 13.72
CA LEU F 175 39.34 26.99 13.39
C LEU F 175 40.63 26.48 14.02
N GLU F 176 40.57 26.09 15.29
CA GLU F 176 41.78 25.55 15.93
C GLU F 176 42.21 24.24 15.29
N TYR F 177 41.25 23.41 14.89
CA TYR F 177 41.56 22.10 14.31
C TYR F 177 42.22 22.25 12.94
N GLY F 178 41.69 23.14 12.11
CA GLY F 178 42.25 23.38 10.80
C GLY F 178 41.29 23.14 9.65
N PHE F 179 39.99 22.98 9.94
CA PHE F 179 39.04 22.85 8.85
C PHE F 179 38.89 24.17 8.11
N VAL F 180 38.92 25.29 8.83
CA VAL F 180 38.69 26.60 8.27
C VAL F 180 39.85 27.51 8.65
N ASP F 181 39.98 28.60 7.89
CA ASP F 181 41.01 29.59 8.13
C ASP F 181 40.51 30.77 8.94
N HIS F 182 39.24 31.11 8.81
CA HIS F 182 38.67 32.29 9.43
C HIS F 182 37.25 31.99 9.89
N ILE F 183 36.81 32.72 10.90
CA ILE F 183 35.41 32.77 11.30
C ILE F 183 34.92 34.19 11.07
N ILE F 184 33.83 34.32 10.34
CA ILE F 184 33.34 35.63 9.92
C ILE F 184 32.50 36.22 11.04
N THR F 185 32.86 37.43 11.45
CA THR F 185 32.07 38.21 12.39
C THR F 185 31.82 39.57 11.78
N ARG F 186 30.78 40.23 12.28
CA ARG F 186 30.44 41.56 11.77
C ARG F 186 29.37 42.19 12.66
N SER G 9 3.93 30.91 -12.11
CA SER G 9 3.33 30.62 -10.77
C SER G 9 2.93 31.92 -10.07
N LEU G 10 1.65 32.05 -9.72
CA LEU G 10 1.17 33.28 -9.10
C LEU G 10 1.84 33.52 -7.75
N THR G 11 1.93 32.48 -6.91
CA THR G 11 2.56 32.66 -5.61
C THR G 11 3.96 33.23 -5.76
N ASP G 12 4.75 32.66 -6.67
CA ASP G 12 6.10 33.16 -6.90
C ASP G 12 6.08 34.57 -7.47
N SER G 13 5.12 34.87 -8.36
CA SER G 13 5.05 36.23 -8.89
C SER G 13 4.91 37.24 -7.76
N VAL G 14 3.97 36.99 -6.84
CA VAL G 14 3.77 37.89 -5.71
C VAL G 14 5.05 37.99 -4.88
N TYR G 15 5.63 36.83 -4.52
CA TYR G 15 6.81 36.86 -3.67
C TYR G 15 7.97 37.58 -4.33
N GLU G 16 8.14 37.43 -5.64
CA GLU G 16 9.27 38.07 -6.32
C GLU G 16 9.06 39.58 -6.39
N ARG G 17 7.83 40.01 -6.69
CA ARG G 17 7.56 41.45 -6.63
C ARG G 17 7.92 42.00 -5.26
N LEU G 18 7.57 41.27 -4.19
CA LEU G 18 7.91 41.75 -2.86
C LEU G 18 9.41 41.67 -2.59
N LEU G 19 10.09 40.66 -3.12
CA LEU G 19 11.55 40.58 -2.98
C LEU G 19 12.20 41.84 -3.52
N SER G 20 11.70 42.35 -4.65
CA SER G 20 12.21 43.61 -5.18
C SER G 20 11.97 44.78 -4.24
N GLU G 21 11.04 44.66 -3.29
CA GLU G 21 10.79 45.68 -2.28
C GLU G 21 11.50 45.35 -0.97
N ARG G 22 12.39 44.36 -0.99
CA ARG G 22 13.17 43.95 0.16
C ARG G 22 12.28 43.37 1.26
N ILE G 23 11.24 42.63 0.85
CA ILE G 23 10.38 41.91 1.77
C ILE G 23 10.51 40.42 1.46
N ILE G 24 10.81 39.63 2.48
CA ILE G 24 11.01 38.20 2.34
C ILE G 24 10.19 37.49 3.41
N PHE G 25 9.77 36.25 3.11
CA PHE G 25 8.88 35.50 3.98
C PHE G 25 9.51 34.20 4.42
N LEU G 26 9.28 33.87 5.69
CA LEU G 26 9.56 32.56 6.25
C LEU G 26 8.20 31.95 6.58
N GLY G 27 7.65 31.18 5.65
CA GLY G 27 6.26 30.77 5.73
C GLY G 27 6.01 29.31 6.04
N SER G 28 7.01 28.54 6.44
CA SER G 28 6.78 27.12 6.71
C SER G 28 7.79 26.64 7.75
N GLU G 29 7.71 25.34 8.04
CA GLU G 29 8.67 24.72 8.94
C GLU G 29 10.07 24.96 8.43
N VAL G 30 10.95 25.45 9.30
CA VAL G 30 12.32 25.71 8.87
C VAL G 30 13.03 24.38 8.69
N ASN G 31 13.45 24.12 7.47
CA ASN G 31 14.22 22.95 7.10
C ASN G 31 15.36 23.46 6.24
N ASP G 32 16.09 22.56 5.60
CA ASP G 32 17.23 23.03 4.81
C ASP G 32 16.78 23.73 3.53
N GLU G 33 15.68 23.28 2.92
CA GLU G 33 15.20 23.96 1.72
C GLU G 33 14.86 25.41 2.01
N ILE G 34 14.05 25.66 3.05
CA ILE G 34 13.69 27.02 3.40
C ILE G 34 14.91 27.81 3.81
N ALA G 35 15.76 27.23 4.66
CA ALA G 35 16.91 27.98 5.14
C ALA G 35 17.81 28.39 3.98
N ASN G 36 18.03 27.50 3.02
CA ASN G 36 18.90 27.84 1.91
C ASN G 36 18.26 28.87 1.00
N ARG G 37 16.97 28.72 0.69
CA ARG G 37 16.30 29.74 -0.11
C ARG G 37 16.38 31.11 0.58
N LEU G 38 16.11 31.14 1.88
CA LEU G 38 16.05 32.40 2.61
C LEU G 38 17.43 33.02 2.78
N CYS G 39 18.46 32.20 3.02
CA CYS G 39 19.81 32.71 3.08
C CYS G 39 20.21 33.29 1.74
N ALA G 40 19.86 32.62 0.65
CA ALA G 40 20.16 33.15 -0.68
C ALA G 40 19.48 34.49 -0.88
N GLN G 41 18.22 34.61 -0.45
CA GLN G 41 17.53 35.89 -0.61
C GLN G 41 18.19 36.99 0.21
N ILE G 42 18.60 36.69 1.45
CA ILE G 42 19.24 37.73 2.25
C ILE G 42 20.57 38.14 1.63
N LEU G 43 21.38 37.17 1.22
CA LEU G 43 22.64 37.51 0.54
C LEU G 43 22.39 38.38 -0.66
N LEU G 44 21.39 38.01 -1.48
CA LEU G 44 21.10 38.74 -2.70
C LEU G 44 20.65 40.16 -2.40
N LEU G 45 19.72 40.33 -1.45
CA LEU G 45 19.23 41.65 -1.11
C LEU G 45 20.35 42.53 -0.57
N ALA G 46 21.18 41.97 0.32
CA ALA G 46 22.29 42.75 0.84
C ALA G 46 23.26 43.15 -0.26
N ALA G 47 23.48 42.26 -1.23
CA ALA G 47 24.36 42.58 -2.34
C ALA G 47 23.78 43.72 -3.19
N GLU G 48 22.46 43.69 -3.43
CA GLU G 48 21.85 44.73 -4.25
C GLU G 48 21.95 46.10 -3.58
N ASP G 49 21.66 46.17 -2.29
CA ASP G 49 21.74 47.44 -1.56
C ASP G 49 21.97 47.12 -0.08
N ALA G 50 23.18 47.38 0.40
CA ALA G 50 23.55 47.04 1.77
C ALA G 50 23.14 48.10 2.79
N SER G 51 22.60 49.23 2.34
CA SER G 51 22.20 50.28 3.27
C SER G 51 20.74 50.18 3.67
N LYS G 52 19.89 49.64 2.80
CA LYS G 52 18.46 49.56 3.06
C LYS G 52 18.10 48.35 3.92
N ASP G 53 17.03 48.50 4.69
CA ASP G 53 16.55 47.43 5.55
C ASP G 53 15.98 46.27 4.74
N ILE G 54 15.98 45.09 5.34
CA ILE G 54 15.23 43.93 4.88
C ILE G 54 14.13 43.65 5.88
N SER G 55 12.92 43.42 5.39
CA SER G 55 11.77 43.12 6.25
C SER G 55 11.45 41.64 6.12
N LEU G 56 11.64 40.89 7.21
CA LEU G 56 11.39 39.45 7.23
C LEU G 56 10.11 39.19 7.99
N TYR G 57 9.11 38.64 7.30
CA TYR G 57 7.85 38.26 7.92
C TYR G 57 7.89 36.79 8.28
N ILE G 58 7.58 36.48 9.53
CA ILE G 58 7.72 35.13 10.07
C ILE G 58 6.35 34.59 10.41
N ASN G 59 6.03 33.42 9.85
CA ASN G 59 4.82 32.68 10.19
C ASN G 59 5.19 31.20 10.05
N SER G 60 5.60 30.58 11.16
CA SER G 60 6.19 29.26 11.08
C SER G 60 5.90 28.36 12.27
N PRO G 61 5.57 27.09 12.04
CA PRO G 61 5.27 26.17 13.15
C PRO G 61 6.50 25.68 13.92
N GLY G 62 7.70 25.91 13.43
CA GLY G 62 8.91 25.40 14.04
C GLY G 62 9.92 25.05 12.97
N GLY G 63 10.91 24.25 13.34
CA GLY G 63 11.88 23.82 12.35
C GLY G 63 13.15 23.26 12.95
N SER G 64 14.05 22.87 12.05
CA SER G 64 15.32 22.28 12.42
C SER G 64 16.29 23.33 12.95
N ILE G 65 17.14 22.94 13.90
CA ILE G 65 18.03 23.92 14.52
C ILE G 65 19.19 24.27 13.59
N SER G 66 19.77 23.28 12.90
CA SER G 66 20.88 23.58 12.01
C SER G 66 20.46 24.55 10.90
N ALA G 67 19.30 24.29 10.30
CA ALA G 67 18.78 25.19 9.27
C ALA G 67 18.54 26.58 9.84
N GLY G 68 17.97 26.64 11.05
CA GLY G 68 17.76 27.91 11.70
C GLY G 68 19.05 28.66 11.96
N MET G 69 20.13 27.94 12.27
CA MET G 69 21.41 28.61 12.48
C MET G 69 21.95 29.16 11.18
N ALA G 70 21.78 28.44 10.07
CA ALA G 70 22.15 29.02 8.79
C ALA G 70 21.45 30.35 8.59
N ILE G 71 20.13 30.38 8.79
CA ILE G 71 19.38 31.63 8.63
C ILE G 71 19.93 32.69 9.58
N TYR G 72 20.15 32.31 10.83
CA TYR G 72 20.51 33.28 11.86
C TYR G 72 21.86 33.93 11.57
N ASP G 73 22.86 33.12 11.21
CA ASP G 73 24.16 33.71 10.88
C ASP G 73 24.07 34.58 9.64
N THR G 74 23.30 34.15 8.64
CA THR G 74 23.15 35.01 7.47
C THR G 74 22.52 36.35 7.86
N MET G 75 21.52 36.33 8.74
CA MET G 75 20.91 37.57 9.22
C MET G 75 21.92 38.45 9.94
N VAL G 76 22.67 37.85 10.87
CA VAL G 76 23.59 38.64 11.70
C VAL G 76 24.67 39.27 10.83
N LEU G 77 25.24 38.49 9.90
CA LEU G 77 26.38 38.97 9.15
C LEU G 77 26.01 39.85 7.97
N ALA G 78 24.74 39.86 7.55
CA ALA G 78 24.35 40.75 6.47
C ALA G 78 24.68 42.19 6.87
N PRO G 79 25.27 42.98 5.97
CA PRO G 79 25.63 44.36 6.32
C PRO G 79 24.45 45.26 6.59
N CYS G 80 23.24 44.84 6.22
CA CYS G 80 22.04 45.65 6.35
C CYS G 80 21.26 45.24 7.58
N ASP G 81 20.53 46.18 8.16
CA ASP G 81 19.62 45.86 9.25
C ASP G 81 18.49 44.98 8.74
N ILE G 82 18.07 44.02 9.57
CA ILE G 82 16.96 43.14 9.24
C ILE G 82 15.89 43.32 10.30
N ALA G 83 14.72 43.75 9.86
CA ALA G 83 13.54 43.87 10.72
C ALA G 83 12.73 42.58 10.61
N THR G 84 12.08 42.23 11.73
CA THR G 84 11.32 40.99 11.79
C THR G 84 9.89 41.29 12.25
N TYR G 85 8.95 40.53 11.69
CA TYR G 85 7.53 40.68 12.02
C TYR G 85 6.94 39.33 12.38
N ALA G 86 6.23 39.27 13.49
CA ALA G 86 5.52 38.07 13.92
C ALA G 86 4.07 38.19 13.49
N MET G 87 3.69 37.43 12.48
CA MET G 87 2.31 37.34 12.03
C MET G 87 1.88 35.88 12.14
N GLY G 88 0.62 35.67 12.48
CA GLY G 88 0.18 34.31 12.72
C GLY G 88 0.91 33.76 13.93
N MET G 89 1.76 32.77 13.72
CA MET G 89 2.48 32.13 14.82
C MET G 89 3.97 32.05 14.52
N ALA G 90 4.78 32.37 15.54
CA ALA G 90 6.23 32.25 15.47
C ALA G 90 6.64 31.23 16.53
N ALA G 91 6.81 29.97 16.13
CA ALA G 91 7.05 28.88 17.06
C ALA G 91 8.46 28.33 16.93
N SER G 92 9.20 28.45 18.03
CA SER G 92 10.47 27.81 18.36
C SER G 92 11.69 28.19 17.55
N MET G 93 11.57 28.20 16.23
CA MET G 93 12.66 28.76 15.43
C MET G 93 12.14 29.98 14.71
N GLY G 94 10.83 30.00 14.47
CA GLY G 94 10.19 31.26 14.17
C GLY G 94 10.36 32.26 15.31
N GLU G 95 10.19 31.80 16.55
CA GLU G 95 10.40 32.69 17.69
C GLU G 95 11.86 33.12 17.79
N PHE G 96 12.79 32.17 17.63
CA PHE G 96 14.20 32.50 17.68
C PHE G 96 14.56 33.54 16.63
N LEU G 97 14.18 33.30 15.38
CA LEU G 97 14.50 34.23 14.30
C LEU G 97 13.78 35.56 14.46
N LEU G 98 12.58 35.55 15.05
CA LEU G 98 11.90 36.80 15.37
C LEU G 98 12.72 37.62 16.36
N ALA G 99 13.08 37.01 17.49
CA ALA G 99 13.88 37.68 18.50
C ALA G 99 15.29 37.99 17.98
N ALA G 100 15.72 37.33 16.91
CA ALA G 100 17.05 37.50 16.37
C ALA G 100 17.17 38.72 15.45
N GLY G 101 16.08 39.40 15.14
CA GLY G 101 16.16 40.59 14.33
C GLY G 101 16.94 41.68 15.07
N THR G 102 17.29 42.73 14.34
CA THR G 102 18.05 43.81 14.96
C THR G 102 17.20 44.47 16.04
N LYS G 103 17.82 44.75 17.17
CA LYS G 103 17.09 45.31 18.29
C LYS G 103 16.57 46.70 17.96
N GLY G 104 15.29 46.92 18.23
CA GLY G 104 14.60 48.14 17.88
C GLY G 104 13.68 48.01 16.70
N LYS G 105 13.77 46.90 15.95
CA LYS G 105 12.92 46.68 14.78
C LYS G 105 12.28 45.29 14.80
N ARG G 106 12.12 44.69 15.97
CA ARG G 106 11.44 43.41 16.10
C ARG G 106 9.98 43.66 16.46
N TYR G 107 9.08 43.32 15.54
CA TYR G 107 7.67 43.65 15.67
C TYR G 107 6.82 42.41 15.85
N ALA G 108 5.77 42.54 16.64
CA ALA G 108 4.68 41.57 16.70
C ALA G 108 3.41 42.22 16.18
N LEU G 109 2.60 41.44 15.49
CA LEU G 109 1.31 41.98 15.15
C LEU G 109 0.30 41.66 16.26
N PRO G 110 -0.74 42.47 16.42
CA PRO G 110 -1.55 42.41 17.65
C PRO G 110 -2.09 41.05 18.03
N HIS G 111 -2.43 40.19 17.08
CA HIS G 111 -3.02 38.88 17.40
C HIS G 111 -2.06 37.74 17.07
N ALA G 112 -0.77 38.04 17.05
CA ALA G 112 0.24 37.00 16.86
C ALA G 112 0.39 36.15 18.11
N ARG G 113 0.94 34.95 17.93
CA ARG G 113 1.28 34.06 19.02
C ARG G 113 2.73 33.67 18.89
N ILE G 114 3.46 33.69 20.00
CA ILE G 114 4.87 33.35 20.03
C ILE G 114 5.06 32.20 21.02
N LEU G 115 5.66 31.12 20.55
CA LEU G 115 5.78 29.89 21.33
C LEU G 115 7.24 29.57 21.57
N MET G 116 7.61 29.43 22.84
CA MET G 116 8.97 29.07 23.23
C MET G 116 8.94 27.70 23.91
N HIS G 117 9.85 26.82 23.51
CA HIS G 117 9.93 25.48 24.07
C HIS G 117 11.36 24.96 23.88
N GLN G 118 11.74 24.02 24.74
CA GLN G 118 13.07 23.43 24.63
C GLN G 118 13.16 22.57 23.36
N PRO G 119 14.38 22.33 22.86
CA PRO G 119 14.54 21.59 21.61
C PRO G 119 13.99 20.17 21.68
N LEU G 120 13.60 19.66 20.50
CA LEU G 120 13.25 18.27 20.31
C LEU G 120 14.33 17.58 19.49
N GLY G 121 14.40 16.26 19.64
CA GLY G 121 15.34 15.47 18.86
C GLY G 121 15.08 13.98 18.99
N GLY G 122 16.10 13.17 18.82
CA GLY G 122 15.93 11.73 18.94
C GLY G 122 17.25 11.00 19.02
N VAL G 123 17.18 9.77 19.50
CA VAL G 123 18.35 8.94 19.83
C VAL G 123 18.24 7.64 19.03
N THR G 124 19.30 7.30 18.28
CA THR G 124 19.22 6.22 17.29
C THR G 124 20.30 5.15 17.34
N GLY G 125 21.49 5.40 17.87
CA GLY G 125 22.62 4.52 17.63
C GLY G 125 22.87 3.52 18.73
N SER G 126 24.10 3.01 18.78
CA SER G 126 24.53 2.12 19.85
C SER G 126 24.80 2.95 21.11
N ALA G 127 24.96 2.27 22.24
CA ALA G 127 25.14 2.99 23.51
C ALA G 127 26.24 4.04 23.40
N ALA G 128 27.34 3.71 22.70
CA ALA G 128 28.41 4.68 22.49
C ALA G 128 27.94 5.87 21.66
N ASP G 129 27.30 5.60 20.53
CA ASP G 129 26.80 6.68 19.69
C ASP G 129 25.77 7.51 20.42
N ILE G 130 25.00 6.87 21.31
CA ILE G 130 23.97 7.57 22.05
C ILE G 130 24.59 8.48 23.09
N ALA G 131 25.64 8.02 23.75
CA ALA G 131 26.38 8.93 24.63
C ALA G 131 26.82 10.17 23.86
N ILE G 132 27.33 9.98 22.65
CA ILE G 132 27.75 11.15 21.86
C ILE G 132 26.56 12.04 21.53
N GLN G 133 25.46 11.45 21.05
CA GLN G 133 24.29 12.24 20.66
C GLN G 133 23.76 13.03 21.85
N ALA G 134 23.74 12.42 23.03
CA ALA G 134 23.26 13.10 24.22
C ALA G 134 24.17 14.26 24.61
N GLU G 135 25.49 14.06 24.51
CA GLU G 135 26.42 15.16 24.77
C GLU G 135 26.14 16.34 23.83
N GLN G 136 25.96 16.05 22.54
CA GLN G 136 25.69 17.13 21.60
C GLN G 136 24.36 17.81 21.90
N PHE G 137 23.36 17.05 22.35
CA PHE G 137 22.11 17.67 22.79
C PHE G 137 22.36 18.67 23.90
N ALA G 138 23.12 18.26 24.92
CA ALA G 138 23.39 19.16 26.02
C ALA G 138 24.01 20.47 25.51
N VAL G 139 24.99 20.36 24.61
CA VAL G 139 25.63 21.55 24.07
C VAL G 139 24.60 22.43 23.35
N ILE G 140 23.78 21.83 22.49
CA ILE G 140 22.81 22.60 21.72
C ILE G 140 21.85 23.31 22.65
N LYS G 141 21.33 22.59 23.64
CA LYS G 141 20.39 23.19 24.58
C LYS G 141 20.99 24.44 25.21
N LYS G 142 22.21 24.32 25.73
CA LYS G 142 22.81 25.48 26.37
C LYS G 142 22.96 26.64 25.39
N GLU G 143 23.40 26.36 24.16
CA GLU G 143 23.63 27.47 23.22
C GLU G 143 22.32 28.15 22.83
N MET G 144 21.27 27.37 22.56
CA MET G 144 20.01 27.99 22.19
C MET G 144 19.48 28.85 23.33
N PHE G 145 19.59 28.38 24.57
CA PHE G 145 19.13 29.19 25.69
C PHE G 145 19.99 30.44 25.86
N ARG G 146 21.30 30.32 25.68
CA ARG G 146 22.17 31.49 25.78
C ARG G 146 21.75 32.56 24.78
N LEU G 147 21.48 32.15 23.55
CA LEU G 147 21.10 33.13 22.53
C LEU G 147 19.74 33.74 22.83
N ASN G 148 18.78 32.95 23.31
CA ASN G 148 17.50 33.55 23.70
C ASN G 148 17.70 34.57 24.81
N ALA G 149 18.58 34.27 25.77
CA ALA G 149 18.85 35.23 26.84
C ALA G 149 19.46 36.52 26.28
N GLU G 150 20.39 36.39 25.34
CA GLU G 150 20.96 37.60 24.73
C GLU G 150 19.88 38.40 24.01
N PHE G 151 18.96 37.71 23.33
CA PHE G 151 17.91 38.42 22.59
C PHE G 151 16.97 39.16 23.53
N THR G 152 16.43 38.48 24.54
CA THR G 152 15.36 39.04 25.35
C THR G 152 15.84 39.86 26.53
N GLY G 153 17.05 39.61 27.03
CA GLY G 153 17.51 40.25 28.25
C GLY G 153 17.17 39.49 29.51
N GLN G 154 16.47 38.36 29.39
CA GLN G 154 16.15 37.55 30.55
C GLN G 154 17.39 36.75 30.97
N PRO G 155 17.50 36.44 32.27
CA PRO G 155 18.55 35.52 32.70
C PRO G 155 18.42 34.17 32.02
N ILE G 156 19.57 33.53 31.73
CA ILE G 156 19.51 32.23 31.08
C ILE G 156 18.77 31.23 31.94
N GLU G 157 18.89 31.37 33.28
CA GLU G 157 18.15 30.49 34.18
C GLU G 157 16.66 30.56 33.91
N ARG G 158 16.15 31.77 33.66
CA ARG G 158 14.72 31.92 33.40
C ARG G 158 14.35 31.30 32.06
N ILE G 159 15.18 31.49 31.04
CA ILE G 159 14.88 30.86 29.75
C ILE G 159 14.77 29.35 29.93
N GLU G 160 15.73 28.75 30.62
CA GLU G 160 15.68 27.31 30.79
C GLU G 160 14.43 26.88 31.55
N ALA G 161 14.07 27.60 32.61
CA ALA G 161 12.87 27.22 33.36
C ALA G 161 11.61 27.39 32.52
N ASP G 162 11.46 28.53 31.84
CA ASP G 162 10.24 28.81 31.10
C ASP G 162 10.07 27.88 29.91
N SER G 163 11.17 27.54 29.21
CA SER G 163 11.08 26.74 28.01
C SER G 163 10.94 25.24 28.31
N ASP G 164 10.83 24.86 29.58
CA ASP G 164 10.71 23.44 29.93
C ASP G 164 9.57 22.78 29.17
N ARG G 165 8.39 23.40 29.17
CA ARG G 165 7.26 22.94 28.39
C ARG G 165 6.70 24.12 27.60
N ASP G 166 5.85 23.80 26.63
CA ASP G 166 5.31 24.83 25.74
C ASP G 166 4.86 26.05 26.54
N ARG G 167 5.51 27.18 26.26
CA ARG G 167 5.22 28.45 26.92
C ARG G 167 4.69 29.41 25.88
N TRP G 168 3.39 29.66 25.90
CA TRP G 168 2.74 30.52 24.93
C TRP G 168 2.77 31.97 25.41
N PHE G 169 3.06 32.88 24.48
CA PHE G 169 3.02 34.30 24.73
C PHE G 169 2.09 34.99 23.75
N THR G 170 1.25 35.89 24.25
CA THR G 170 0.55 36.81 23.38
C THR G 170 1.50 37.93 22.96
N ALA G 171 1.08 38.72 21.97
CA ALA G 171 1.95 39.81 21.51
C ALA G 171 2.30 40.75 22.66
N ALA G 172 1.33 41.06 23.51
CA ALA G 172 1.60 41.93 24.66
C ALA G 172 2.59 41.27 25.62
N GLU G 173 2.36 39.99 25.93
CA GLU G 173 3.26 39.28 26.82
C GLU G 173 4.65 39.14 26.20
N ALA G 174 4.71 38.96 24.88
CA ALA G 174 6.00 38.89 24.20
C ALA G 174 6.72 40.22 24.28
N LEU G 175 5.99 41.34 24.21
CA LEU G 175 6.62 42.64 24.36
C LEU G 175 7.19 42.82 25.76
N GLU G 176 6.42 42.45 26.78
CA GLU G 176 6.94 42.56 28.15
C GLU G 176 8.12 41.62 28.37
N TYR G 177 8.07 40.43 27.78
CA TYR G 177 9.12 39.44 27.97
C TYR G 177 10.42 39.88 27.33
N GLY G 178 10.34 40.40 26.10
CA GLY G 178 11.52 40.88 25.40
C GLY G 178 11.77 40.19 24.07
N PHE G 179 10.81 39.43 23.56
CA PHE G 179 10.97 38.86 22.22
C PHE G 179 10.92 39.94 21.16
N VAL G 180 10.05 40.93 21.34
CA VAL G 180 9.84 41.98 20.36
C VAL G 180 10.01 43.32 21.03
N ASP G 181 10.22 44.34 20.20
CA ASP G 181 10.38 45.72 20.65
C ASP G 181 9.09 46.51 20.56
N HIS G 182 8.26 46.20 19.58
CA HIS G 182 7.04 46.95 19.31
C HIS G 182 5.92 46.00 18.89
N ILE G 183 4.70 46.44 19.13
CA ILE G 183 3.50 45.81 18.57
C ILE G 183 2.86 46.82 17.64
N ILE G 184 2.62 46.39 16.40
CA ILE G 184 2.13 47.32 15.38
C ILE G 184 0.61 47.43 15.50
N THR G 185 0.14 48.66 15.61
CA THR G 185 -1.27 48.97 15.57
C THR G 185 -1.49 50.04 14.52
N ARG G 186 -2.73 50.13 14.03
CA ARG G 186 -3.07 51.12 13.02
C ARG G 186 -4.58 51.16 12.83
N ASN H 17 -10.13 -22.43 29.70
CA ASN H 17 -9.58 -21.08 29.99
C ASN H 17 -10.44 -20.35 31.02
N PRO H 18 -9.97 -19.22 31.55
CA PRO H 18 -10.73 -18.53 32.59
C PRO H 18 -12.16 -18.21 32.22
N TYR H 19 -12.43 -17.88 30.96
CA TYR H 19 -13.78 -17.48 30.58
C TYR H 19 -14.74 -18.65 30.59
N ASN H 20 -14.29 -19.84 30.18
CA ASN H 20 -15.18 -21.00 30.26
C ASN H 20 -15.50 -21.34 31.71
N LYS H 21 -14.53 -21.21 32.61
CA LYS H 21 -14.79 -21.43 34.03
C LYS H 21 -15.80 -20.41 34.56
N LEU H 22 -15.58 -19.13 34.24
CA LEU H 22 -16.55 -18.11 34.65
C LEU H 22 -17.94 -18.45 34.13
N PHE H 23 -18.04 -18.88 32.87
CA PHE H 23 -19.35 -19.25 32.34
C PHE H 23 -19.97 -20.38 33.15
N GLU H 24 -19.18 -21.40 33.49
CA GLU H 24 -19.69 -22.48 34.31
C GLU H 24 -20.18 -21.97 35.67
N GLU H 25 -19.70 -20.81 36.11
CA GLU H 25 -20.23 -20.18 37.32
C GLU H 25 -21.35 -19.19 37.01
N ARG H 26 -21.90 -19.23 35.80
CA ARG H 26 -22.98 -18.34 35.37
C ARG H 26 -22.52 -16.89 35.34
N ILE H 27 -21.31 -16.67 34.82
CA ILE H 27 -20.73 -15.34 34.73
C ILE H 27 -20.48 -15.02 33.26
N ILE H 28 -21.01 -13.89 32.80
CA ILE H 28 -20.76 -13.36 31.48
C ILE H 28 -19.80 -12.20 31.63
N PHE H 29 -18.75 -12.17 30.81
CA PHE H 29 -17.76 -11.11 30.88
C PHE H 29 -17.88 -10.22 29.63
N LEU H 30 -18.48 -9.04 29.83
CA LEU H 30 -18.71 -8.08 28.75
C LEU H 30 -17.47 -7.18 28.62
N GLY H 31 -16.39 -7.79 28.15
CA GLY H 31 -15.09 -7.14 28.12
C GLY H 31 -14.67 -6.52 26.81
N VAL H 32 -15.57 -6.38 25.85
CA VAL H 32 -15.22 -5.93 24.50
C VAL H 32 -16.14 -4.79 24.09
N GLN H 33 -15.70 -4.07 23.05
CA GLN H 33 -16.58 -3.11 22.40
C GLN H 33 -17.83 -3.85 21.94
N VAL H 34 -19.00 -3.29 22.24
CA VAL H 34 -20.26 -4.00 22.01
C VAL H 34 -20.61 -3.75 20.55
N ASP H 35 -19.98 -4.54 19.67
CA ASP H 35 -20.28 -4.58 18.26
C ASP H 35 -21.47 -5.52 18.05
N ASP H 36 -21.83 -5.75 16.80
CA ASP H 36 -22.94 -6.66 16.51
C ASP H 36 -22.56 -8.10 16.84
N ALA H 37 -21.38 -8.53 16.41
CA ALA H 37 -20.91 -9.87 16.75
C ALA H 37 -20.83 -10.06 18.27
N SER H 38 -20.34 -9.04 18.98
CA SER H 38 -20.27 -9.12 20.43
C SER H 38 -21.65 -9.25 21.04
N ALA H 39 -22.62 -8.48 20.54
CA ALA H 39 -23.98 -8.59 21.05
C ALA H 39 -24.55 -9.97 20.81
N ASN H 40 -24.25 -10.56 19.64
CA ASN H 40 -24.70 -11.92 19.38
C ASN H 40 -24.15 -12.89 20.41
N ASP H 41 -22.84 -12.79 20.70
CA ASP H 41 -22.26 -13.70 21.69
C ASP H 41 -22.91 -13.50 23.06
N ILE H 42 -23.10 -12.24 23.47
CA ILE H 42 -23.69 -11.99 24.79
C ILE H 42 -25.10 -12.56 24.86
N MET H 43 -25.90 -12.34 23.82
CA MET H 43 -27.27 -12.83 23.84
C MET H 43 -27.29 -14.35 23.84
N ALA H 44 -26.41 -14.99 23.09
CA ALA H 44 -26.32 -16.44 23.13
C ALA H 44 -26.00 -16.94 24.53
N GLN H 45 -25.06 -16.27 25.20
CA GLN H 45 -24.71 -16.66 26.56
C GLN H 45 -25.89 -16.50 27.51
N LEU H 46 -26.60 -15.38 27.43
CA LEU H 46 -27.75 -15.17 28.31
C LEU H 46 -28.81 -16.23 28.07
N LEU H 47 -29.10 -16.54 26.81
CA LEU H 47 -30.11 -17.54 26.49
C LEU H 47 -29.70 -18.91 27.03
N VAL H 48 -28.44 -19.30 26.82
CA VAL H 48 -27.98 -20.60 27.32
C VAL H 48 -28.08 -20.65 28.84
N LEU H 49 -27.64 -19.60 29.53
CA LEU H 49 -27.66 -19.62 30.98
C LEU H 49 -29.09 -19.69 31.50
N GLU H 50 -30.02 -18.98 30.88
CA GLU H 50 -31.41 -19.11 31.30
C GLU H 50 -31.89 -20.54 31.14
N SER H 51 -31.57 -21.16 29.99
CA SER H 51 -32.00 -22.54 29.78
C SER H 51 -31.44 -23.47 30.86
N LEU H 52 -30.16 -23.31 31.20
CA LEU H 52 -29.55 -24.21 32.17
C LEU H 52 -30.21 -24.12 33.54
N ASP H 53 -30.47 -22.90 34.02
CA ASP H 53 -31.10 -22.73 35.32
C ASP H 53 -31.88 -21.41 35.36
N PRO H 54 -33.20 -21.46 35.15
CA PRO H 54 -33.99 -20.23 35.13
C PRO H 54 -34.06 -19.49 36.46
N ASP H 55 -33.81 -20.14 37.59
CA ASP H 55 -33.98 -19.53 38.89
C ASP H 55 -32.71 -18.92 39.45
N ARG H 56 -31.56 -19.54 39.19
CA ARG H 56 -30.30 -19.07 39.74
C ARG H 56 -29.83 -17.82 39.00
N ASP H 57 -29.20 -16.90 39.73
CA ASP H 57 -28.82 -15.61 39.18
C ASP H 57 -27.72 -15.73 38.14
N ILE H 58 -27.68 -14.74 37.26
CA ILE H 58 -26.60 -14.55 36.28
C ILE H 58 -25.85 -13.29 36.68
N THR H 59 -24.52 -13.35 36.67
CA THR H 59 -23.70 -12.17 36.93
C THR H 59 -23.00 -11.77 35.64
N MET H 60 -23.12 -10.50 35.28
CA MET H 60 -22.46 -9.95 34.10
C MET H 60 -21.42 -8.93 34.56
N TYR H 61 -20.17 -9.18 34.22
CA TYR H 61 -19.10 -8.22 34.49
C TYR H 61 -18.96 -7.30 33.30
N ILE H 62 -18.86 -6.01 33.58
CA ILE H 62 -18.85 -4.98 32.55
C ILE H 62 -17.52 -4.25 32.62
N ASN H 63 -16.75 -4.34 31.54
CA ASN H 63 -15.56 -3.52 31.35
C ASN H 63 -15.42 -3.28 29.85
N SER H 64 -15.97 -2.17 29.37
CA SER H 64 -15.92 -1.94 27.94
C SER H 64 -15.91 -0.45 27.58
N PRO H 65 -15.06 -0.04 26.64
CA PRO H 65 -14.95 1.38 26.28
C PRO H 65 -16.07 1.90 25.39
N GLY H 66 -16.95 1.06 24.87
CA GLY H 66 -18.00 1.56 24.01
C GLY H 66 -18.77 0.45 23.31
N GLY H 67 -19.60 0.88 22.37
CA GLY H 67 -20.44 -0.03 21.61
C GLY H 67 -21.49 0.75 20.85
N GLY H 68 -22.17 0.03 19.94
CA GLY H 68 -23.21 0.64 19.14
C GLY H 68 -24.57 0.60 19.81
N PHE H 69 -25.50 1.42 19.32
CA PHE H 69 -26.81 1.48 19.95
C PHE H 69 -27.67 0.28 19.59
N THR H 70 -27.64 -0.15 18.33
CA THR H 70 -28.46 -1.28 17.94
C THR H 70 -28.07 -2.53 18.73
N SER H 71 -26.77 -2.77 18.88
CA SER H 71 -26.29 -3.84 19.73
C SER H 71 -26.72 -3.64 21.18
N LEU H 72 -26.70 -2.38 21.64
CA LEU H 72 -27.15 -2.09 22.99
C LEU H 72 -28.56 -2.59 23.22
N MET H 73 -29.50 -2.21 22.35
CA MET H 73 -30.88 -2.61 22.59
C MET H 73 -31.07 -4.11 22.44
N ALA H 74 -30.33 -4.74 21.52
CA ALA H 74 -30.37 -6.20 21.46
C ALA H 74 -30.07 -6.80 22.83
N ILE H 75 -28.91 -6.45 23.40
CA ILE H 75 -28.54 -7.02 24.69
C ILE H 75 -29.54 -6.61 25.77
N TYR H 76 -29.99 -5.36 25.73
CA TYR H 76 -30.88 -4.87 26.77
C TYR H 76 -32.15 -5.71 26.85
N ASP H 77 -32.78 -5.95 25.70
CA ASP H 77 -34.00 -6.75 25.72
C ASP H 77 -33.70 -8.17 26.15
N THR H 78 -32.58 -8.75 25.71
CA THR H 78 -32.31 -10.11 26.18
C THR H 78 -32.12 -10.14 27.69
N MET H 79 -31.47 -9.11 28.26
CA MET H 79 -31.28 -9.06 29.70
C MET H 79 -32.60 -8.94 30.45
N GLN H 80 -33.53 -8.12 29.95
CA GLN H 80 -34.81 -8.00 30.63
C GLN H 80 -35.66 -9.23 30.43
N TYR H 81 -35.45 -9.95 29.32
CA TYR H 81 -36.34 -11.02 28.92
C TYR H 81 -36.12 -12.28 29.76
N VAL H 82 -34.86 -12.64 30.02
CA VAL H 82 -34.58 -13.91 30.68
C VAL H 82 -35.14 -13.92 32.10
N ARG H 83 -35.55 -15.11 32.55
CA ARG H 83 -36.18 -15.26 33.85
C ARG H 83 -35.21 -14.94 35.00
N ALA H 84 -33.94 -15.34 34.86
CA ALA H 84 -33.00 -15.17 35.95
C ALA H 84 -32.68 -13.70 36.20
N ASP H 85 -32.55 -13.32 37.47
CA ASP H 85 -32.03 -12.00 37.80
C ASP H 85 -30.63 -11.85 37.22
N ILE H 86 -30.30 -10.65 36.77
CA ILE H 86 -28.95 -10.37 36.29
C ILE H 86 -28.30 -9.35 37.22
N GLN H 87 -27.21 -9.78 37.83
CA GLN H 87 -26.35 -8.92 38.62
C GLN H 87 -25.30 -8.32 37.69
N THR H 88 -25.13 -7.00 37.77
CA THR H 88 -24.18 -6.30 36.90
C THR H 88 -23.11 -5.65 37.77
N VAL H 89 -21.85 -5.94 37.47
CA VAL H 89 -20.72 -5.41 38.22
C VAL H 89 -19.82 -4.68 37.24
N CYS H 90 -19.58 -3.39 37.50
CA CYS H 90 -18.71 -2.60 36.66
C CYS H 90 -17.29 -2.67 37.17
N LEU H 91 -16.41 -3.28 36.38
CA LEU H 91 -14.98 -3.25 36.57
C LEU H 91 -14.40 -2.24 35.59
N GLY H 92 -13.33 -1.57 35.98
CA GLY H 92 -12.73 -0.65 35.03
C GLY H 92 -13.73 0.43 34.66
N GLN H 93 -14.30 0.33 33.45
CA GLN H 93 -15.23 1.34 32.97
C GLN H 93 -16.41 0.71 32.27
N ALA H 94 -17.53 1.43 32.30
CA ALA H 94 -18.74 1.10 31.55
C ALA H 94 -19.10 2.32 30.70
N ALA H 95 -18.78 2.27 29.41
CA ALA H 95 -18.92 3.43 28.53
C ALA H 95 -19.98 3.21 27.45
N SER H 96 -20.97 4.10 27.50
CA SER H 96 -22.03 4.37 26.52
C SER H 96 -23.05 3.23 26.40
N ALA H 97 -22.64 2.05 25.97
CA ALA H 97 -23.60 0.95 25.85
C ALA H 97 -23.42 0.05 27.04
N ALA H 98 -22.18 -0.09 27.46
CA ALA H 98 -21.89 -0.72 28.74
C ALA H 98 -22.50 0.07 29.89
N ALA H 99 -22.54 1.41 29.78
CA ALA H 99 -23.19 2.18 30.84
C ALA H 99 -24.68 1.92 30.88
N VAL H 100 -25.35 1.94 29.72
CA VAL H 100 -26.77 1.62 29.76
C VAL H 100 -27.00 0.21 30.30
N LEU H 101 -26.19 -0.76 29.85
CA LEU H 101 -26.38 -2.14 30.31
C LEU H 101 -26.12 -2.28 31.80
N LEU H 102 -25.19 -1.49 32.33
CA LEU H 102 -24.99 -1.47 33.78
C LEU H 102 -26.24 -0.98 34.49
N ALA H 103 -26.83 0.11 34.00
CA ALA H 103 -28.07 0.60 34.60
C ALA H 103 -29.20 -0.42 34.46
N ALA H 104 -29.17 -1.22 33.39
CA ALA H 104 -30.27 -2.12 33.06
C ALA H 104 -30.29 -3.40 33.89
N GLY H 105 -29.34 -3.60 34.80
CA GLY H 105 -29.34 -4.79 35.62
C GLY H 105 -30.52 -4.80 36.59
N THR H 106 -30.65 -5.92 37.29
CA THR H 106 -31.76 -6.08 38.22
C THR H 106 -31.61 -5.11 39.40
N PRO H 107 -32.63 -4.35 39.74
CA PRO H 107 -32.52 -3.39 40.86
C PRO H 107 -32.08 -4.08 42.15
N GLY H 108 -31.15 -3.44 42.85
CA GLY H 108 -30.57 -3.96 44.06
C GLY H 108 -29.33 -4.78 43.83
N LYS H 109 -29.04 -5.14 42.58
CA LYS H 109 -27.88 -5.95 42.23
C LYS H 109 -26.98 -5.27 41.20
N ARG H 110 -27.13 -3.96 41.01
CA ARG H 110 -26.26 -3.18 40.13
C ARG H 110 -25.14 -2.59 40.98
N MET H 111 -23.90 -3.01 40.73
CA MET H 111 -22.79 -2.67 41.60
C MET H 111 -21.56 -2.28 40.79
N ALA H 112 -20.66 -1.54 41.43
CA ALA H 112 -19.42 -1.11 40.79
C ALA H 112 -18.30 -1.09 41.81
N LEU H 113 -17.07 -1.31 41.33
CA LEU H 113 -15.91 -1.21 42.19
C LEU H 113 -15.58 0.26 42.47
N PRO H 114 -14.88 0.54 43.57
CA PRO H 114 -14.68 1.94 44.00
C PRO H 114 -14.16 2.88 42.93
N ASN H 115 -13.19 2.46 42.11
CA ASN H 115 -12.62 3.34 41.10
C ASN H 115 -13.22 3.08 39.72
N ALA H 116 -14.36 2.37 39.66
CA ALA H 116 -15.03 2.16 38.39
C ALA H 116 -15.49 3.49 37.83
N ARG H 117 -15.39 3.61 36.50
CA ARG H 117 -15.76 4.83 35.80
C ARG H 117 -16.96 4.54 34.89
N VAL H 118 -17.97 5.39 34.97
CA VAL H 118 -19.18 5.24 34.16
C VAL H 118 -19.29 6.47 33.26
N LEU H 119 -19.40 6.23 31.96
CA LEU H 119 -19.45 7.28 30.96
C LEU H 119 -20.73 7.16 30.16
N ILE H 120 -21.59 8.18 30.25
CA ILE H 120 -22.84 8.23 29.52
C ILE H 120 -22.79 9.40 28.55
N HIS H 121 -23.22 9.15 27.31
CA HIS H 121 -23.27 10.22 26.32
C HIS H 121 -24.24 9.81 25.22
N GLN H 122 -24.75 10.82 24.53
CA GLN H 122 -25.67 10.59 23.43
C GLN H 122 -25.04 9.65 22.41
N PRO H 123 -25.85 8.88 21.68
CA PRO H 123 -25.31 8.01 20.65
C PRO H 123 -24.73 8.82 19.50
N SER H 124 -23.76 8.22 18.80
CA SER H 124 -23.09 8.92 17.72
C SER H 124 -22.73 7.94 16.61
N LEU H 125 -22.45 8.50 15.45
CA LEU H 125 -21.99 7.74 14.29
C LEU H 125 -20.47 7.83 14.17
N SER H 126 -19.93 6.93 13.37
CA SER H 126 -18.55 7.01 12.91
C SER H 126 -18.55 6.78 11.41
N GLY H 127 -17.56 7.32 10.73
CA GLY H 127 -17.64 7.28 9.29
C GLY H 127 -18.73 8.23 8.83
N VAL H 128 -19.32 7.91 7.68
CA VAL H 128 -20.37 8.74 7.10
C VAL H 128 -21.43 7.86 6.47
N ILE H 129 -22.69 8.18 6.73
CA ILE H 129 -23.82 7.60 6.01
C ILE H 129 -24.10 8.52 4.83
N GLN H 130 -23.99 7.99 3.62
CA GLN H 130 -24.21 8.77 2.41
C GLN H 130 -25.45 8.29 1.68
N GLY H 131 -26.05 9.20 0.93
CA GLY H 131 -27.24 8.87 0.17
C GLY H 131 -27.91 10.13 -0.32
N GLN H 132 -29.11 9.95 -0.84
CA GLN H 132 -29.92 11.10 -1.24
C GLN H 132 -30.44 11.80 0.02
N PHE H 133 -30.72 13.10 -0.12
CA PHE H 133 -31.28 13.81 1.02
C PHE H 133 -32.51 13.10 1.57
N SER H 134 -33.32 12.51 0.70
CA SER H 134 -34.50 11.79 1.17
C SER H 134 -34.15 10.55 1.98
N ASP H 135 -33.02 9.90 1.68
CA ASP H 135 -32.58 8.78 2.51
C ASP H 135 -32.03 9.27 3.83
N LEU H 136 -31.33 10.40 3.82
CA LEU H 136 -30.73 10.92 5.03
C LEU H 136 -31.74 11.55 5.95
N GLU H 137 -32.87 12.04 5.43
CA GLU H 137 -33.97 12.42 6.30
C GLU H 137 -34.39 11.24 7.17
N ILE H 138 -34.54 10.07 6.55
CA ILE H 138 -34.94 8.87 7.27
C ILE H 138 -33.85 8.45 8.26
N GLN H 139 -32.60 8.43 7.80
CA GLN H 139 -31.53 8.00 8.71
C GLN H 139 -31.40 8.94 9.91
N ALA H 140 -31.52 10.25 9.68
CA ALA H 140 -31.46 11.20 10.78
C ALA H 140 -32.64 11.01 11.72
N ALA H 141 -33.84 10.75 11.18
CA ALA H 141 -34.98 10.48 12.03
C ALA H 141 -34.74 9.26 12.90
N GLU H 142 -34.16 8.20 12.32
CA GLU H 142 -33.90 7.00 13.10
C GLU H 142 -32.85 7.26 14.18
N ILE H 143 -31.84 8.08 13.87
CA ILE H 143 -30.82 8.36 14.88
C ILE H 143 -31.41 9.18 16.03
N GLU H 144 -32.28 10.14 15.71
CA GLU H 144 -32.96 10.86 16.78
C GLU H 144 -33.83 9.91 17.60
N ARG H 145 -34.50 8.96 16.94
CA ARG H 145 -35.26 7.95 17.68
C ARG H 145 -34.36 7.17 18.61
N MET H 146 -33.17 6.78 18.15
CA MET H 146 -32.26 6.02 18.99
C MET H 146 -31.82 6.83 20.20
N ARG H 147 -31.54 8.12 20.01
CA ARG H 147 -31.20 8.97 21.15
C ARG H 147 -32.37 9.01 22.15
N THR H 148 -33.59 9.23 21.65
CA THR H 148 -34.74 9.27 22.52
C THR H 148 -34.89 7.98 23.32
N LEU H 149 -34.70 6.85 22.64
CA LEU H 149 -34.87 5.55 23.30
C LEU H 149 -33.79 5.32 24.35
N MET H 150 -32.54 5.69 24.04
CA MET H 150 -31.47 5.58 25.03
C MET H 150 -31.82 6.37 26.29
N GLU H 151 -32.22 7.62 26.11
CA GLU H 151 -32.52 8.48 27.24
C GLU H 151 -33.73 7.96 28.02
N THR H 152 -34.76 7.48 27.32
CA THR H 152 -35.92 6.91 27.99
C THR H 152 -35.55 5.68 28.82
N THR H 153 -34.72 4.81 28.25
CA THR H 153 -34.28 3.61 28.96
C THR H 153 -33.54 3.98 30.24
N LEU H 154 -32.59 4.91 30.14
CA LEU H 154 -31.88 5.33 31.33
C LEU H 154 -32.83 5.96 32.34
N ALA H 155 -33.81 6.73 31.89
CA ALA H 155 -34.76 7.30 32.85
C ALA H 155 -35.51 6.19 33.57
N ARG H 156 -35.94 5.17 32.84
CA ARG H 156 -36.64 4.05 33.47
C ARG H 156 -35.80 3.42 34.57
N HIS H 157 -34.48 3.31 34.35
CA HIS H 157 -33.66 2.59 35.31
C HIS H 157 -32.94 3.45 36.34
N THR H 158 -32.84 4.77 36.14
CA THR H 158 -32.13 5.64 37.07
C THR H 158 -33.05 6.50 37.93
N GLY H 159 -34.29 6.72 37.50
CA GLY H 159 -35.20 7.56 38.23
C GLY H 159 -35.09 9.04 37.91
N LYS H 160 -34.16 9.42 37.03
CA LYS H 160 -34.05 10.80 36.58
C LYS H 160 -35.00 11.02 35.42
N ASP H 161 -35.55 12.23 35.33
CA ASP H 161 -36.42 12.53 34.21
C ASP H 161 -35.64 12.45 32.91
N ALA H 162 -36.28 11.93 31.87
CA ALA H 162 -35.60 11.78 30.58
C ALA H 162 -35.08 13.11 30.07
N GLY H 163 -35.74 14.22 30.41
CA GLY H 163 -35.22 15.53 30.01
C GLY H 163 -33.89 15.85 30.67
N VAL H 164 -33.74 15.52 31.95
CA VAL H 164 -32.48 15.75 32.63
C VAL H 164 -31.38 14.93 32.00
N ILE H 165 -31.67 13.67 31.69
CA ILE H 165 -30.68 12.81 31.04
C ILE H 165 -30.33 13.35 29.67
N ARG H 166 -31.34 13.81 28.92
CA ARG H 166 -31.08 14.38 27.61
C ARG H 166 -30.11 15.54 27.69
N LYS H 167 -30.25 16.39 28.72
CA LYS H 167 -29.29 17.48 28.89
C LYS H 167 -27.93 16.95 29.34
N ASP H 168 -27.92 16.02 30.31
CA ASP H 168 -26.65 15.54 30.87
C ASP H 168 -25.79 14.84 29.83
N THR H 169 -26.40 14.06 28.94
CA THR H 169 -25.67 13.28 27.97
C THR H 169 -25.28 14.07 26.73
N ASP H 170 -25.54 15.38 26.70
CA ASP H 170 -25.16 16.19 25.56
C ASP H 170 -23.66 16.12 25.30
N ARG H 171 -22.87 16.20 26.37
CA ARG H 171 -21.42 16.08 26.30
C ARG H 171 -21.02 14.91 27.18
N ASP H 172 -19.85 14.33 26.90
CA ASP H 172 -19.38 13.21 27.71
C ASP H 172 -19.49 13.56 29.19
N LYS H 173 -20.33 12.83 29.90
CA LYS H 173 -20.49 12.99 31.33
C LYS H 173 -19.88 11.77 32.01
N ILE H 174 -18.82 12.00 32.77
CA ILE H 174 -18.08 10.92 33.42
C ILE H 174 -18.42 10.94 34.89
N LEU H 175 -18.89 9.80 35.40
CA LEU H 175 -19.26 9.64 36.79
C LEU H 175 -18.28 8.73 37.49
N THR H 176 -17.91 9.08 38.71
CA THR H 176 -17.17 8.16 39.55
C THR H 176 -18.13 7.10 40.08
N ALA H 177 -17.57 6.06 40.69
CA ALA H 177 -18.43 5.01 41.26
C ALA H 177 -19.44 5.61 42.23
N GLU H 178 -18.98 6.50 43.11
CA GLU H 178 -19.89 7.13 44.07
C GLU H 178 -20.94 7.97 43.35
N GLU H 179 -20.52 8.75 42.35
CA GLU H 179 -21.48 9.55 41.60
C GLU H 179 -22.46 8.67 40.84
N ALA H 180 -21.97 7.56 40.27
CA ALA H 180 -22.87 6.62 39.61
C ALA H 180 -23.91 6.11 40.58
N LYS H 181 -23.54 5.92 41.85
CA LYS H 181 -24.54 5.55 42.84
C LYS H 181 -25.55 6.67 43.06
N ASP H 182 -25.06 7.89 43.31
CA ASP H 182 -25.97 9.01 43.56
C ASP H 182 -26.84 9.31 42.34
N TYR H 183 -26.33 9.06 41.15
CA TYR H 183 -27.02 9.37 39.91
C TYR H 183 -28.02 8.29 39.49
N GLY H 184 -28.06 7.17 40.22
CA GLY H 184 -29.03 6.12 39.94
C GLY H 184 -28.61 5.07 38.94
N ILE H 185 -27.33 4.99 38.58
CA ILE H 185 -26.91 3.97 37.63
C ILE H 185 -26.57 2.66 38.34
N ILE H 186 -26.03 2.74 39.56
CA ILE H 186 -25.74 1.55 40.35
C ILE H 186 -26.43 1.68 41.70
N ASP H 187 -26.63 0.53 42.34
CA ASP H 187 -27.25 0.49 43.65
C ASP H 187 -26.24 0.63 44.78
N THR H 188 -25.02 0.14 44.59
CA THR H 188 -24.02 0.25 45.65
C THR H 188 -22.63 0.15 45.06
N VAL H 189 -21.66 0.69 45.79
CA VAL H 189 -20.25 0.60 45.46
C VAL H 189 -19.65 -0.53 46.29
N LEU H 190 -18.97 -1.46 45.62
CA LEU H 190 -18.45 -2.64 46.30
C LEU H 190 -17.34 -2.27 47.27
N GLU H 191 -17.40 -2.86 48.46
CA GLU H 191 -16.29 -2.78 49.40
C GLU H 191 -15.26 -3.86 49.03
N TYR H 192 -13.99 -3.55 49.29
CA TYR H 192 -12.95 -4.55 49.08
C TYR H 192 -13.12 -5.67 50.10
N ARG H 193 -12.95 -6.91 49.64
CA ARG H 193 -13.13 -8.08 50.49
C ARG H 193 -11.82 -8.68 50.97
N LYS H 194 -10.69 -7.99 50.79
CA LYS H 194 -9.42 -8.56 51.20
C LYS H 194 -9.48 -9.01 52.65
N LEU H 195 -9.04 -10.25 52.89
CA LEU H 195 -9.12 -10.80 54.24
C LEU H 195 -8.20 -10.06 55.21
N SER H 196 -7.07 -9.57 54.73
CA SER H 196 -6.14 -8.81 55.57
C SER H 196 -6.25 -7.32 55.29
N ASN I 17 -18.96 -24.44 23.05
CA ASN I 17 -19.26 -22.99 23.14
C ASN I 17 -20.78 -22.77 23.14
N PRO I 18 -21.23 -21.54 23.43
CA PRO I 18 -22.68 -21.29 23.52
C PRO I 18 -23.45 -21.71 22.28
N TYR I 19 -22.88 -21.55 21.09
CA TYR I 19 -23.62 -21.85 19.87
C TYR I 19 -23.84 -23.34 19.68
N ASN I 20 -22.86 -24.18 20.05
CA ASN I 20 -23.08 -25.61 19.97
C ASN I 20 -24.15 -26.07 20.95
N LYS I 21 -24.19 -25.48 22.14
CA LYS I 21 -25.25 -25.80 23.09
C LYS I 21 -26.61 -25.38 22.54
N LEU I 22 -26.70 -24.16 22.00
CA LEU I 22 -27.95 -23.73 21.39
C LEU I 22 -28.37 -24.69 20.29
N PHE I 23 -27.43 -25.14 19.46
CA PHE I 23 -27.78 -26.08 18.41
C PHE I 23 -28.34 -27.37 19.01
N GLU I 24 -27.70 -27.88 20.06
CA GLU I 24 -28.22 -29.08 20.72
C GLU I 24 -29.63 -28.86 21.24
N GLU I 25 -30.03 -27.60 21.47
CA GLU I 25 -31.42 -27.30 21.83
C GLU I 25 -32.27 -26.98 20.61
N ARG I 26 -31.78 -27.28 19.40
CA ARG I 26 -32.49 -27.03 18.15
C ARG I 26 -32.69 -25.52 17.92
N ILE I 27 -31.64 -24.76 18.19
CA ILE I 27 -31.65 -23.31 18.03
C ILE I 27 -30.61 -22.92 17.00
N ILE I 28 -31.03 -22.18 15.98
CA ILE I 28 -30.15 -21.60 14.98
C ILE I 28 -30.04 -20.11 15.28
N PHE I 29 -28.83 -19.60 15.30
CA PHE I 29 -28.60 -18.18 15.60
C PHE I 29 -28.15 -17.48 14.32
N LEU I 30 -29.07 -16.74 13.71
CA LEU I 30 -28.81 -16.00 12.48
C LEU I 30 -28.25 -14.61 12.82
N GLY I 31 -27.02 -14.63 13.33
CA GLY I 31 -26.40 -13.43 13.87
C GLY I 31 -25.45 -12.69 12.96
N VAL I 32 -25.42 -13.00 11.66
CA VAL I 32 -24.43 -12.44 10.75
C VAL I 32 -25.12 -11.88 9.52
N GLN I 33 -24.39 -11.05 8.78
CA GLN I 33 -24.84 -10.64 7.46
C GLN I 33 -25.08 -11.89 6.63
N VAL I 34 -26.23 -11.96 5.97
CA VAL I 34 -26.62 -13.20 5.28
C VAL I 34 -25.93 -13.15 3.91
N ASP I 35 -24.66 -13.53 3.93
CA ASP I 35 -23.88 -13.72 2.72
C ASP I 35 -24.17 -15.12 2.16
N ASP I 36 -23.46 -15.50 1.10
CA ASP I 36 -23.66 -16.83 0.54
C ASP I 36 -23.14 -17.90 1.48
N ALA I 37 -21.93 -17.72 2.03
CA ALA I 37 -21.40 -18.67 2.99
C ALA I 37 -22.32 -18.79 4.21
N SER I 38 -22.84 -17.65 4.68
CA SER I 38 -23.76 -17.68 5.82
C SER I 38 -25.02 -18.47 5.47
N ALA I 39 -25.56 -18.26 4.28
CA ALA I 39 -26.75 -19.00 3.87
C ALA I 39 -26.45 -20.49 3.81
N ASN I 40 -25.27 -20.87 3.34
CA ASN I 40 -24.91 -22.27 3.32
C ASN I 40 -24.92 -22.86 4.73
N ASP I 41 -24.31 -22.15 5.69
CA ASP I 41 -24.31 -22.66 7.05
C ASP I 41 -25.73 -22.78 7.61
N ILE I 42 -26.57 -21.78 7.36
CA ILE I 42 -27.93 -21.84 7.89
C ILE I 42 -28.69 -23.01 7.30
N MET I 43 -28.57 -23.20 5.98
CA MET I 43 -29.28 -24.30 5.34
C MET I 43 -28.78 -25.65 5.83
N ALA I 44 -27.46 -25.78 6.03
CA ALA I 44 -26.93 -27.01 6.59
C ALA I 44 -27.51 -27.27 7.96
N GLN I 45 -27.60 -26.24 8.80
CA GLN I 45 -28.16 -26.42 10.13
C GLN I 45 -29.63 -26.84 10.07
N LEU I 46 -30.41 -26.20 9.21
CA LEU I 46 -31.83 -26.57 9.09
C LEU I 46 -31.98 -28.01 8.64
N LEU I 47 -31.19 -28.42 7.64
CA LEU I 47 -31.26 -29.79 7.14
C LEU I 47 -30.90 -30.79 8.23
N VAL I 48 -29.81 -30.52 8.97
CA VAL I 48 -29.40 -31.44 10.03
C VAL I 48 -30.49 -31.53 11.09
N LEU I 49 -31.04 -30.38 11.52
CA LEU I 49 -32.05 -30.42 12.57
C LEU I 49 -33.29 -31.17 12.12
N GLU I 50 -33.71 -30.99 10.87
CA GLU I 50 -34.85 -31.77 10.39
C GLU I 50 -34.53 -33.26 10.47
N SER I 51 -33.33 -33.65 10.03
CA SER I 51 -32.98 -35.06 10.07
C SER I 51 -33.03 -35.60 11.49
N LEU I 52 -32.51 -34.85 12.46
CA LEU I 52 -32.46 -35.34 13.83
C LEU I 52 -33.85 -35.58 14.40
N ASP I 53 -34.77 -34.64 14.20
CA ASP I 53 -36.13 -34.79 14.71
C ASP I 53 -37.11 -34.01 13.83
N PRO I 54 -37.80 -34.68 12.92
CA PRO I 54 -38.73 -33.99 12.01
C PRO I 54 -39.93 -33.36 12.70
N ASP I 55 -40.31 -33.82 13.89
CA ASP I 55 -41.54 -33.35 14.53
C ASP I 55 -41.31 -32.21 15.51
N ARG I 56 -40.18 -32.20 16.20
CA ARG I 56 -39.92 -31.18 17.20
C ARG I 56 -39.54 -29.85 16.53
N ASP I 57 -39.96 -28.75 17.14
CA ASP I 57 -39.79 -27.43 16.54
C ASP I 57 -38.33 -27.01 16.48
N ILE I 58 -38.05 -26.12 15.52
CA ILE I 58 -36.77 -25.45 15.40
C ILE I 58 -36.99 -23.98 15.72
N THR I 59 -36.12 -23.39 16.52
CA THR I 59 -36.17 -21.97 16.81
C THR I 59 -34.99 -21.28 16.16
N MET I 60 -35.26 -20.23 15.40
CA MET I 60 -34.23 -19.43 14.75
C MET I 60 -34.23 -18.04 15.37
N TYR I 61 -33.10 -17.65 15.95
CA TYR I 61 -32.94 -16.30 16.47
C TYR I 61 -32.36 -15.42 15.39
N ILE I 62 -32.95 -14.24 15.23
CA ILE I 62 -32.59 -13.34 14.15
C ILE I 62 -32.03 -12.06 14.75
N ASN I 63 -30.77 -11.76 14.43
CA ASN I 63 -30.17 -10.48 14.74
C ASN I 63 -29.13 -10.20 13.66
N SER I 64 -29.55 -9.49 12.61
CA SER I 64 -28.62 -9.27 11.51
C SER I 64 -28.89 -7.97 10.76
N PRO I 65 -27.84 -7.20 10.45
CA PRO I 65 -28.03 -5.91 9.78
C PRO I 65 -28.33 -6.00 8.29
N GLY I 66 -28.23 -7.16 7.66
CA GLY I 66 -28.49 -7.22 6.24
C GLY I 66 -28.12 -8.56 5.65
N GLY I 67 -28.15 -8.60 4.32
CA GLY I 67 -27.85 -9.80 3.56
C GLY I 67 -28.28 -9.63 2.12
N GLY I 68 -27.84 -10.58 1.29
CA GLY I 68 -28.17 -10.55 -0.12
C GLY I 68 -29.50 -11.24 -0.43
N PHE I 69 -30.03 -10.97 -1.61
CA PHE I 69 -31.34 -11.55 -1.96
C PHE I 69 -31.22 -13.02 -2.33
N THR I 70 -30.19 -13.38 -3.10
CA THR I 70 -30.05 -14.78 -3.50
C THR I 70 -29.91 -15.69 -2.28
N SER I 71 -29.09 -15.26 -1.32
CA SER I 71 -28.99 -15.97 -0.05
C SER I 71 -30.33 -15.99 0.68
N LEU I 72 -31.07 -14.88 0.62
CA LEU I 72 -32.38 -14.83 1.24
C LEU I 72 -33.26 -15.95 0.73
N MET I 73 -33.41 -16.07 -0.60
CA MET I 73 -34.32 -17.08 -1.12
C MET I 73 -33.81 -18.48 -0.85
N ALA I 74 -32.49 -18.69 -0.86
CA ALA I 74 -31.96 -19.99 -0.45
C ALA I 74 -32.50 -20.37 0.94
N ILE I 75 -32.26 -19.49 1.93
CA ILE I 75 -32.71 -19.82 3.28
C ILE I 75 -34.23 -19.94 3.34
N TYR I 76 -34.93 -19.06 2.62
CA TYR I 76 -36.38 -19.06 2.69
C TYR I 76 -36.95 -20.41 2.26
N ASP I 77 -36.49 -20.91 1.12
CA ASP I 77 -37.01 -22.20 0.68
C ASP I 77 -36.61 -23.31 1.64
N THR I 78 -35.39 -23.27 2.18
CA THR I 78 -35.06 -24.33 3.14
C THR I 78 -35.97 -24.26 4.37
N MET I 79 -36.30 -23.06 4.82
CA MET I 79 -37.19 -22.91 5.98
C MET I 79 -38.57 -23.43 5.69
N GLN I 80 -39.12 -23.16 4.50
CA GLN I 80 -40.45 -23.67 4.19
C GLN I 80 -40.43 -25.17 3.94
N TYR I 81 -39.28 -25.69 3.50
CA TYR I 81 -39.20 -27.07 3.03
C TYR I 81 -39.19 -28.06 4.19
N VAL I 82 -38.44 -27.77 5.25
CA VAL I 82 -38.26 -28.74 6.33
C VAL I 82 -39.59 -29.02 7.02
N ARG I 83 -39.74 -30.26 7.51
CA ARG I 83 -40.99 -30.69 8.13
C ARG I 83 -41.26 -29.94 9.44
N ALA I 84 -40.22 -29.67 10.22
CA ALA I 84 -40.41 -29.07 11.53
C ALA I 84 -40.89 -27.62 11.41
N ASP I 85 -41.81 -27.23 12.29
CA ASP I 85 -42.16 -25.83 12.41
C ASP I 85 -40.93 -25.02 12.77
N ILE I 86 -40.83 -23.81 12.25
CA ILE I 86 -39.73 -22.91 12.61
C ILE I 86 -40.30 -21.70 13.34
N GLN I 87 -39.88 -21.56 14.58
CA GLN I 87 -40.16 -20.39 15.39
C GLN I 87 -39.07 -19.35 15.13
N THR I 88 -39.47 -18.12 14.86
CA THR I 88 -38.52 -17.05 14.56
C THR I 88 -38.65 -15.96 15.61
N VAL I 89 -37.53 -15.62 16.24
CA VAL I 89 -37.51 -14.60 17.29
C VAL I 89 -36.52 -13.53 16.87
N CYS I 90 -37.00 -12.28 16.79
CA CYS I 90 -36.14 -11.17 16.43
C CYS I 90 -35.55 -10.54 17.68
N LEU I 91 -34.23 -10.66 17.82
CA LEU I 91 -33.46 -9.94 18.81
C LEU I 91 -32.78 -8.77 18.11
N GLY I 92 -32.59 -7.68 18.81
CA GLY I 92 -31.88 -6.58 18.17
C GLY I 92 -32.65 -6.13 16.95
N GLN I 93 -32.14 -6.48 15.76
CA GLN I 93 -32.76 -6.04 14.52
C GLN I 93 -32.82 -7.17 13.50
N ALA I 94 -33.82 -7.08 12.62
CA ALA I 94 -33.96 -7.96 11.45
C ALA I 94 -34.03 -7.07 10.22
N ALA I 95 -32.92 -6.96 9.48
CA ALA I 95 -32.83 -6.02 8.37
C ALA I 95 -32.69 -6.72 7.03
N SER I 96 -33.67 -6.42 6.17
CA SER I 96 -33.77 -6.70 4.72
C SER I 96 -33.94 -8.18 4.41
N ALA I 97 -32.98 -9.03 4.74
CA ALA I 97 -33.13 -10.44 4.44
C ALA I 97 -33.51 -11.15 5.71
N ALA I 98 -32.95 -10.67 6.81
CA ALA I 98 -33.42 -11.07 8.12
C ALA I 98 -34.87 -10.67 8.33
N ALA I 99 -35.30 -9.53 7.80
CA ALA I 99 -36.70 -9.15 7.93
C ALA I 99 -37.59 -10.10 7.15
N VAL I 100 -37.23 -10.41 5.90
CA VAL I 100 -38.06 -11.37 5.17
C VAL I 100 -38.08 -12.72 5.90
N LEU I 101 -36.92 -13.19 6.38
CA LEU I 101 -36.87 -14.48 7.06
C LEU I 101 -37.68 -14.47 8.35
N LEU I 102 -37.73 -13.33 9.03
CA LEU I 102 -38.59 -13.21 10.20
C LEU I 102 -40.05 -13.39 9.81
N ALA I 103 -40.47 -12.70 8.74
CA ALA I 103 -41.84 -12.88 8.27
C ALA I 103 -42.11 -14.31 7.83
N ALA I 104 -41.09 -15.01 7.33
CA ALA I 104 -41.24 -16.33 6.73
C ALA I 104 -41.39 -17.46 7.76
N GLY I 105 -41.33 -17.17 9.04
CA GLY I 105 -41.48 -18.22 10.04
C GLY I 105 -42.89 -18.79 10.05
N THR I 106 -43.06 -19.83 10.85
CA THR I 106 -44.35 -20.51 10.93
C THR I 106 -45.39 -19.57 11.56
N PRO I 107 -46.55 -19.40 10.93
CA PRO I 107 -47.58 -18.50 11.50
C PRO I 107 -47.94 -18.89 12.93
N GLY I 108 -48.05 -17.87 13.79
CA GLY I 108 -48.32 -18.05 15.19
C GLY I 108 -47.08 -18.17 16.04
N LYS I 109 -45.92 -18.35 15.42
CA LYS I 109 -44.66 -18.50 16.13
C LYS I 109 -43.62 -17.48 15.68
N ARG I 110 -44.04 -16.40 15.02
CA ARG I 110 -43.14 -15.30 14.65
C ARG I 110 -43.22 -14.24 15.74
N MET I 111 -42.10 -14.02 16.43
CA MET I 111 -42.10 -13.17 17.63
C MET I 111 -40.90 -12.26 17.63
N ALA I 112 -41.02 -11.17 18.39
CA ALA I 112 -39.93 -10.21 18.53
C ALA I 112 -39.92 -9.62 19.93
N LEU I 113 -38.73 -9.23 20.38
CA LEU I 113 -38.61 -8.59 21.68
C LEU I 113 -39.11 -7.14 21.60
N PRO I 114 -39.51 -6.56 22.73
CA PRO I 114 -40.17 -5.23 22.70
C PRO I 114 -39.42 -4.16 21.92
N ASN I 115 -38.10 -4.06 22.03
CA ASN I 115 -37.34 -3.02 21.34
C ASN I 115 -36.70 -3.54 20.06
N ALA I 116 -37.14 -4.70 19.58
CA ALA I 116 -36.63 -5.22 18.33
C ALA I 116 -37.00 -4.28 17.19
N ARG I 117 -36.07 -4.13 16.24
CA ARG I 117 -36.26 -3.25 15.10
C ARG I 117 -36.31 -4.08 13.83
N VAL I 118 -37.31 -3.82 12.99
CA VAL I 118 -37.48 -4.53 11.72
C VAL I 118 -37.36 -3.51 10.60
N LEU I 119 -36.45 -3.78 9.66
CA LEU I 119 -36.17 -2.88 8.56
C LEU I 119 -36.40 -3.61 7.24
N ILE I 120 -37.37 -3.12 6.47
CA ILE I 120 -37.70 -3.69 5.16
C ILE I 120 -37.41 -2.64 4.10
N HIS I 121 -36.74 -3.07 3.02
CA HIS I 121 -36.47 -2.16 1.91
C HIS I 121 -36.20 -2.99 0.66
N GLN I 122 -36.41 -2.35 -0.48
CA GLN I 122 -36.16 -3.01 -1.76
C GLN I 122 -34.73 -3.53 -1.82
N PRO I 123 -34.49 -4.59 -2.57
CA PRO I 123 -33.13 -5.10 -2.71
C PRO I 123 -32.26 -4.12 -3.47
N SER I 124 -30.95 -4.17 -3.20
CA SER I 124 -30.03 -3.24 -3.82
C SER I 124 -28.70 -3.93 -4.10
N LEU I 125 -27.91 -3.31 -4.97
CA LEU I 125 -26.56 -3.75 -5.28
C LEU I 125 -25.55 -2.94 -4.49
N SER I 126 -24.33 -3.47 -4.46
CA SER I 126 -23.16 -2.75 -4.00
C SER I 126 -22.06 -2.96 -5.01
N GLY I 127 -21.15 -2.00 -5.10
CA GLY I 127 -20.20 -2.08 -6.19
C GLY I 127 -20.91 -1.78 -7.49
N VAL I 128 -20.39 -2.35 -8.57
CA VAL I 128 -20.96 -2.12 -9.90
C VAL I 128 -20.90 -3.42 -10.70
N ILE I 129 -22.00 -3.74 -11.36
CA ILE I 129 -22.02 -4.79 -12.38
C ILE I 129 -21.72 -4.13 -13.71
N GLN I 130 -20.64 -4.54 -14.35
CA GLN I 130 -20.24 -3.96 -15.62
C GLN I 130 -20.35 -4.99 -16.73
N GLY I 131 -20.55 -4.48 -17.95
CA GLY I 131 -20.67 -5.34 -19.10
C GLY I 131 -21.21 -4.56 -20.28
N GLN I 132 -21.55 -5.30 -21.33
CA GLN I 132 -22.21 -4.68 -22.47
C GLN I 132 -23.64 -4.32 -22.10
N PHE I 133 -24.18 -3.32 -22.79
CA PHE I 133 -25.57 -2.95 -22.53
C PHE I 133 -26.48 -4.17 -22.63
N SER I 134 -26.21 -5.08 -23.57
CA SER I 134 -27.03 -6.28 -23.68
C SER I 134 -26.92 -7.19 -22.47
N ASP I 135 -25.76 -7.22 -21.79
CA ASP I 135 -25.65 -7.99 -20.55
C ASP I 135 -26.38 -7.29 -19.41
N LEU I 136 -26.32 -5.97 -19.39
CA LEU I 136 -26.94 -5.21 -18.32
C LEU I 136 -28.45 -5.14 -18.46
N GLU I 137 -28.98 -5.26 -19.68
CA GLU I 137 -30.41 -5.45 -19.82
C GLU I 137 -30.86 -6.69 -19.06
N ILE I 138 -30.12 -7.78 -19.21
CA ILE I 138 -30.46 -9.03 -18.52
C ILE I 138 -30.29 -8.87 -17.01
N GLN I 139 -29.17 -8.28 -16.59
CA GLN I 139 -28.95 -8.13 -15.15
C GLN I 139 -30.02 -7.26 -14.51
N ALA I 140 -30.40 -6.17 -15.18
CA ALA I 140 -31.44 -5.29 -14.66
C ALA I 140 -32.78 -6.02 -14.62
N ALA I 141 -33.07 -6.83 -15.64
CA ALA I 141 -34.30 -7.62 -15.62
C ALA I 141 -34.31 -8.57 -14.43
N GLU I 142 -33.17 -9.22 -14.15
CA GLU I 142 -33.12 -10.15 -13.02
C GLU I 142 -33.28 -9.41 -11.70
N ILE I 143 -32.71 -8.21 -11.59
CA ILE I 143 -32.84 -7.47 -10.33
C ILE I 143 -34.28 -7.03 -10.12
N GLU I 144 -34.96 -6.61 -11.19
CA GLU I 144 -36.38 -6.30 -11.06
C GLU I 144 -37.17 -7.55 -10.67
N ARG I 145 -36.82 -8.70 -11.24
CA ARG I 145 -37.46 -9.95 -10.82
C ARG I 145 -37.25 -10.20 -9.33
N MET I 146 -36.03 -9.97 -8.84
CA MET I 146 -35.75 -10.20 -7.43
C MET I 146 -36.59 -9.27 -6.55
N ARG I 147 -36.73 -8.00 -6.95
CA ARG I 147 -37.59 -7.10 -6.19
C ARG I 147 -39.02 -7.62 -6.17
N THR I 148 -39.54 -8.01 -7.34
CA THR I 148 -40.90 -8.53 -7.41
C THR I 148 -41.08 -9.73 -6.49
N LEU I 149 -40.10 -10.64 -6.50
CA LEU I 149 -40.21 -11.85 -5.68
C LEU I 149 -40.15 -11.53 -4.20
N MET I 150 -39.27 -10.61 -3.79
CA MET I 150 -39.23 -10.19 -2.40
C MET I 150 -40.58 -9.65 -1.96
N GLU I 151 -41.16 -8.75 -2.74
CA GLU I 151 -42.42 -8.14 -2.38
C GLU I 151 -43.55 -9.17 -2.35
N THR I 152 -43.55 -10.10 -3.31
CA THR I 152 -44.57 -11.15 -3.34
C THR I 152 -44.46 -12.04 -2.11
N THR I 153 -43.23 -12.41 -1.73
CA THR I 153 -43.03 -13.25 -0.56
C THR I 153 -43.55 -12.56 0.70
N LEU I 154 -43.20 -11.28 0.88
CA LEU I 154 -43.71 -10.57 2.04
C LEU I 154 -45.22 -10.48 2.00
N ALA I 155 -45.81 -10.27 0.83
CA ALA I 155 -47.28 -10.23 0.77
C ALA I 155 -47.86 -11.57 1.21
N ARG I 156 -47.28 -12.68 0.77
CA ARG I 156 -47.78 -13.99 1.17
C ARG I 156 -47.76 -14.13 2.69
N HIS I 157 -46.74 -13.59 3.35
CA HIS I 157 -46.61 -13.82 4.79
C HIS I 157 -47.15 -12.72 5.69
N THR I 158 -47.42 -11.53 5.16
CA THR I 158 -47.90 -10.41 5.97
C THR I 158 -49.37 -10.10 5.76
N GLY I 159 -49.96 -10.51 4.64
CA GLY I 159 -51.34 -10.20 4.35
C GLY I 159 -51.56 -8.86 3.69
N LYS I 160 -50.50 -8.08 3.48
CA LYS I 160 -50.60 -6.81 2.77
C LYS I 160 -50.49 -7.08 1.27
N ASP I 161 -51.21 -6.29 0.48
CA ASP I 161 -51.10 -6.45 -0.97
C ASP I 161 -49.69 -6.15 -1.42
N ALA I 162 -49.20 -6.92 -2.39
CA ALA I 162 -47.84 -6.72 -2.87
C ALA I 162 -47.62 -5.30 -3.37
N GLY I 163 -48.66 -4.65 -3.88
CA GLY I 163 -48.52 -3.25 -4.30
C GLY I 163 -48.21 -2.33 -3.13
N VAL I 164 -48.88 -2.55 -2.00
CA VAL I 164 -48.62 -1.73 -0.82
C VAL I 164 -47.20 -1.92 -0.36
N ILE I 165 -46.73 -3.18 -0.35
CA ILE I 165 -45.35 -3.45 0.06
C ILE I 165 -44.38 -2.81 -0.91
N ARG I 166 -44.68 -2.89 -2.20
CA ARG I 166 -43.81 -2.28 -3.20
C ARG I 166 -43.65 -0.79 -2.95
N LYS I 167 -44.74 -0.12 -2.56
CA LYS I 167 -44.62 1.30 -2.22
C LYS I 167 -43.88 1.50 -0.90
N ASP I 168 -44.20 0.69 0.12
CA ASP I 168 -43.62 0.88 1.44
C ASP I 168 -42.11 0.69 1.43
N THR I 169 -41.62 -0.29 0.68
CA THR I 169 -40.20 -0.64 0.66
C THR I 169 -39.39 0.24 -0.27
N ASP I 170 -40.00 1.27 -0.87
CA ASP I 170 -39.25 2.15 -1.76
C ASP I 170 -38.09 2.82 -1.02
N ARG I 171 -38.34 3.28 0.20
CA ARG I 171 -37.33 3.87 1.06
C ARG I 171 -37.26 3.03 2.33
N ASP I 172 -36.12 3.09 3.01
CA ASP I 172 -35.98 2.34 4.26
C ASP I 172 -37.18 2.60 5.16
N LYS I 173 -37.96 1.54 5.41
CA LYS I 173 -39.09 1.62 6.31
C LYS I 173 -38.74 0.85 7.57
N ILE I 174 -38.65 1.56 8.69
CA ILE I 174 -38.24 0.98 9.97
C ILE I 174 -39.48 0.83 10.83
N LEU I 175 -39.72 -0.39 11.29
CA LEU I 175 -40.86 -0.71 12.14
C LEU I 175 -40.38 -1.05 13.54
N THR I 176 -41.11 -0.54 14.54
CA THR I 176 -40.89 -0.99 15.90
C THR I 176 -41.50 -2.38 16.06
N ALA I 177 -41.19 -3.03 17.18
CA ALA I 177 -41.76 -4.35 17.43
C ALA I 177 -43.28 -4.31 17.34
N GLU I 178 -43.90 -3.31 17.96
CA GLU I 178 -45.36 -3.18 17.90
C GLU I 178 -45.83 -2.96 16.48
N GLU I 179 -45.15 -2.08 15.74
CA GLU I 179 -45.54 -1.84 14.35
C GLU I 179 -45.33 -3.09 13.51
N ALA I 180 -44.25 -3.82 13.74
CA ALA I 180 -44.04 -5.08 13.04
C ALA I 180 -45.19 -6.03 13.29
N LYS I 181 -45.76 -6.02 14.50
CA LYS I 181 -46.95 -6.82 14.76
C LYS I 181 -48.14 -6.31 13.94
N ASP I 182 -48.42 -5.02 14.01
CA ASP I 182 -49.56 -4.47 13.28
C ASP I 182 -49.40 -4.62 11.78
N TYR I 183 -48.17 -4.61 11.29
CA TYR I 183 -47.87 -4.68 9.86
C TYR I 183 -47.84 -6.10 9.33
N GLY I 184 -47.97 -7.10 10.20
CA GLY I 184 -48.04 -8.48 9.77
C GLY I 184 -46.72 -9.21 9.63
N ILE I 185 -45.63 -8.66 10.15
CA ILE I 185 -44.35 -9.36 10.06
C ILE I 185 -44.17 -10.34 11.21
N ILE I 186 -44.68 -10.00 12.39
CA ILE I 186 -44.62 -10.90 13.54
C ILE I 186 -46.02 -11.12 14.07
N ASP I 187 -46.19 -12.22 14.81
CA ASP I 187 -47.48 -12.55 15.41
C ASP I 187 -47.64 -11.93 16.79
N THR I 188 -46.56 -11.78 17.54
CA THR I 188 -46.68 -11.21 18.87
C THR I 188 -45.35 -10.62 19.30
N VAL I 189 -45.42 -9.68 20.24
CA VAL I 189 -44.26 -9.09 20.87
C VAL I 189 -44.05 -9.78 22.21
N LEU I 190 -42.83 -10.26 22.44
CA LEU I 190 -42.55 -11.05 23.63
C LEU I 190 -42.63 -10.19 24.89
N GLU I 191 -43.28 -10.73 25.91
CA GLU I 191 -43.23 -10.13 27.23
C GLU I 191 -41.96 -10.57 27.94
N TYR I 192 -41.43 -9.70 28.78
CA TYR I 192 -40.26 -10.07 29.58
C TYR I 192 -40.67 -11.12 30.60
N ARG I 193 -39.81 -12.13 30.78
CA ARG I 193 -40.11 -13.24 31.68
C ARG I 193 -39.39 -13.14 33.02
N LYS I 194 -38.77 -12.00 33.32
CA LYS I 194 -38.04 -11.87 34.57
C LYS I 194 -38.91 -12.29 35.75
N LEU I 195 -38.37 -13.16 36.59
CA LEU I 195 -39.14 -13.68 37.72
C LEU I 195 -39.48 -12.58 38.72
N SER I 196 -38.60 -11.61 38.88
CA SER I 196 -38.84 -10.50 39.81
C SER I 196 -39.24 -9.24 39.04
N ASN J 17 -19.36 -30.48 13.59
CA ASN J 17 -20.13 -29.35 12.99
C ASN J 17 -21.18 -29.89 12.00
N PRO J 18 -22.09 -29.03 11.54
CA PRO J 18 -23.17 -29.51 10.65
C PRO J 18 -22.67 -30.25 9.43
N TYR J 19 -21.54 -29.83 8.85
CA TYR J 19 -21.08 -30.46 7.61
C TYR J 19 -20.57 -31.88 7.84
N ASN J 20 -19.91 -32.14 8.98
CA ASN J 20 -19.48 -33.50 9.25
C ASN J 20 -20.68 -34.41 9.48
N LYS J 21 -21.73 -33.90 10.13
CA LYS J 21 -22.94 -34.69 10.30
C LYS J 21 -23.59 -34.99 8.94
N LEU J 22 -23.71 -33.96 8.10
CA LEU J 22 -24.24 -34.19 6.76
C LEU J 22 -23.42 -35.24 6.02
N PHE J 23 -22.09 -35.17 6.13
CA PHE J 23 -21.26 -36.18 5.47
C PHE J 23 -21.58 -37.57 5.99
N GLU J 24 -21.71 -37.72 7.31
CA GLU J 24 -22.08 -39.00 7.87
C GLU J 24 -23.41 -39.49 7.35
N GLU J 25 -24.26 -38.59 6.86
CA GLU J 25 -25.50 -38.99 6.20
C GLU J 25 -25.34 -39.11 4.68
N ARG J 26 -24.09 -39.15 4.20
CA ARG J 26 -23.79 -39.27 2.77
C ARG J 26 -24.26 -38.06 1.99
N ILE J 27 -24.06 -36.87 2.56
CA ILE J 27 -24.45 -35.62 1.95
C ILE J 27 -23.22 -34.78 1.70
N ILE J 28 -23.05 -34.33 0.45
CA ILE J 28 -22.00 -33.40 0.07
C ILE J 28 -22.66 -32.04 -0.14
N PHE J 29 -22.07 -31.00 0.42
CA PHE J 29 -22.63 -29.66 0.30
C PHE J 29 -21.72 -28.82 -0.59
N LEU J 30 -22.15 -28.62 -1.83
CA LEU J 30 -21.39 -27.85 -2.82
C LEU J 30 -21.75 -26.38 -2.70
N GLY J 31 -21.32 -25.78 -1.59
CA GLY J 31 -21.70 -24.44 -1.21
C GLY J 31 -20.72 -23.34 -1.56
N VAL J 32 -19.71 -23.60 -2.38
CA VAL J 32 -18.65 -22.64 -2.64
C VAL J 32 -18.45 -22.49 -4.15
N GLN J 33 -17.77 -21.41 -4.51
CA GLN J 33 -17.30 -21.27 -5.88
C GLN J 33 -16.44 -22.48 -6.22
N VAL J 34 -16.70 -23.10 -7.37
CA VAL J 34 -16.05 -24.37 -7.70
C VAL J 34 -14.70 -24.00 -8.29
N ASP J 35 -13.76 -23.73 -7.40
CA ASP J 35 -12.36 -23.52 -7.74
C ASP J 35 -11.68 -24.88 -7.87
N ASP J 36 -10.37 -24.87 -8.09
CA ASP J 36 -9.65 -26.14 -8.18
C ASP J 36 -9.58 -26.83 -6.82
N ALA J 37 -9.25 -26.09 -5.77
CA ALA J 37 -9.23 -26.66 -4.42
C ALA J 37 -10.61 -27.20 -4.05
N SER J 38 -11.66 -26.45 -4.39
CA SER J 38 -13.02 -26.92 -4.11
C SER J 38 -13.32 -28.22 -4.86
N ALA J 39 -12.92 -28.30 -6.12
CA ALA J 39 -13.14 -29.53 -6.87
C ALA J 39 -12.39 -30.69 -6.25
N ASN J 40 -11.17 -30.44 -5.77
CA ASN J 40 -10.44 -31.51 -5.09
C ASN J 40 -11.21 -32.02 -3.88
N ASP J 41 -11.72 -31.10 -3.06
CA ASP J 41 -12.48 -31.54 -1.89
C ASP J 41 -13.72 -32.32 -2.28
N ILE J 42 -14.45 -31.86 -3.29
CA ILE J 42 -15.66 -32.56 -3.70
C ILE J 42 -15.33 -33.96 -4.21
N MET J 43 -14.28 -34.08 -5.02
CA MET J 43 -13.91 -35.39 -5.56
C MET J 43 -13.46 -36.32 -4.45
N ALA J 44 -12.71 -35.80 -3.48
CA ALA J 44 -12.31 -36.62 -2.35
C ALA J 44 -13.53 -37.13 -1.60
N GLN J 45 -14.53 -36.26 -1.39
CA GLN J 45 -15.73 -36.69 -0.70
C GLN J 45 -16.48 -37.76 -1.48
N LEU J 46 -16.62 -37.58 -2.79
CA LEU J 46 -17.32 -38.59 -3.59
C LEU J 46 -16.59 -39.92 -3.54
N LEU J 47 -15.27 -39.90 -3.66
CA LEU J 47 -14.50 -41.14 -3.62
C LEU J 47 -14.66 -41.83 -2.27
N VAL J 48 -14.56 -41.08 -1.18
CA VAL J 48 -14.71 -41.68 0.15
C VAL J 48 -16.10 -42.28 0.31
N LEU J 49 -17.14 -41.54 -0.09
CA LEU J 49 -18.50 -42.05 0.09
C LEU J 49 -18.72 -43.31 -0.73
N GLU J 50 -18.20 -43.35 -1.97
CA GLU J 50 -18.33 -44.60 -2.73
C GLU J 50 -17.66 -45.75 -1.99
N SER J 51 -16.45 -45.51 -1.48
CA SER J 51 -15.76 -46.58 -0.76
C SER J 51 -16.58 -47.07 0.43
N LEU J 52 -17.16 -46.16 1.19
CA LEU J 52 -17.89 -46.56 2.40
C LEU J 52 -19.09 -47.44 2.06
N ASP J 53 -19.87 -47.05 1.04
CA ASP J 53 -21.05 -47.83 0.66
C ASP J 53 -21.35 -47.62 -0.83
N PRO J 54 -20.92 -48.56 -1.69
CA PRO J 54 -21.14 -48.39 -3.14
C PRO J 54 -22.60 -48.43 -3.57
N ASP J 55 -23.50 -49.01 -2.76
CA ASP J 55 -24.89 -49.18 -3.18
C ASP J 55 -25.81 -48.06 -2.72
N ARG J 56 -25.56 -47.51 -1.54
CA ARG J 56 -26.43 -46.49 -0.99
C ARG J 56 -26.20 -45.15 -1.69
N ASP J 57 -27.28 -44.38 -1.86
CA ASP J 57 -27.21 -43.15 -2.64
C ASP J 57 -26.38 -42.08 -1.95
N ILE J 58 -25.86 -41.17 -2.76
CA ILE J 58 -25.18 -39.96 -2.32
C ILE J 58 -26.07 -38.78 -2.71
N THR J 59 -26.26 -37.84 -1.79
CA THR J 59 -26.99 -36.61 -2.09
C THR J 59 -26.02 -35.44 -2.07
N MET J 60 -26.05 -34.66 -3.14
CA MET J 60 -25.23 -33.46 -3.26
C MET J 60 -26.13 -32.25 -3.28
N TYR J 61 -25.95 -31.36 -2.30
CA TYR J 61 -26.67 -30.09 -2.28
C TYR J 61 -25.86 -29.05 -3.01
N ILE J 62 -26.53 -28.30 -3.87
CA ILE J 62 -25.89 -27.33 -4.75
C ILE J 62 -26.39 -25.94 -4.40
N ASN J 63 -25.47 -25.09 -3.97
CA ASN J 63 -25.75 -23.66 -3.81
C ASN J 63 -24.43 -22.93 -4.08
N SER J 64 -24.23 -22.50 -5.32
CA SER J 64 -22.97 -21.87 -5.64
C SER J 64 -23.09 -20.86 -6.78
N PRO J 65 -22.46 -19.69 -6.63
CA PRO J 65 -22.58 -18.64 -7.67
C PRO J 65 -21.72 -18.87 -8.90
N GLY J 66 -20.82 -19.84 -8.92
CA GLY J 66 -20.00 -20.03 -10.09
C GLY J 66 -18.88 -21.03 -9.86
N GLY J 67 -17.98 -21.07 -10.83
CA GLY J 67 -16.86 -21.99 -10.81
C GLY J 67 -16.20 -22.05 -12.17
N GLY J 68 -15.03 -22.68 -12.20
CA GLY J 68 -14.27 -22.82 -13.44
C GLY J 68 -14.68 -24.06 -14.22
N PHE J 69 -14.31 -24.08 -15.51
CA PHE J 69 -14.70 -25.22 -16.35
C PHE J 69 -13.86 -26.45 -16.06
N THR J 70 -12.54 -26.28 -15.88
CA THR J 70 -11.70 -27.44 -15.63
C THR J 70 -12.12 -28.15 -14.36
N SER J 71 -12.41 -27.38 -13.31
CA SER J 71 -12.96 -27.95 -12.08
C SER J 71 -14.31 -28.62 -12.34
N LEU J 72 -15.12 -28.00 -13.19
CA LEU J 72 -16.41 -28.59 -13.54
C LEU J 72 -16.24 -29.99 -14.08
N MET J 73 -15.38 -30.17 -15.09
CA MET J 73 -15.26 -31.50 -15.68
C MET J 73 -14.62 -32.48 -14.71
N ALA J 74 -13.70 -32.02 -13.87
CA ALA J 74 -13.19 -32.92 -12.82
C ALA J 74 -14.34 -33.49 -12.00
N ILE J 75 -15.18 -32.62 -11.43
CA ILE J 75 -16.27 -33.10 -10.60
C ILE J 75 -17.24 -33.94 -11.43
N TYR J 76 -17.51 -33.52 -12.66
CA TYR J 76 -18.49 -34.21 -13.48
C TYR J 76 -18.09 -35.67 -13.69
N ASP J 77 -16.84 -35.90 -14.09
CA ASP J 77 -16.41 -37.28 -14.28
C ASP J 77 -16.43 -38.06 -12.98
N THR J 78 -16.03 -37.43 -11.86
CA THR J 78 -16.11 -38.20 -10.61
C THR J 78 -17.55 -38.58 -10.29
N MET J 79 -18.50 -37.67 -10.55
CA MET J 79 -19.90 -37.96 -10.28
C MET J 79 -20.42 -39.10 -11.14
N GLN J 80 -20.05 -39.12 -12.43
CA GLN J 80 -20.50 -40.21 -13.29
C GLN J 80 -19.79 -41.51 -12.96
N TYR J 81 -18.58 -41.42 -12.43
CA TYR J 81 -17.72 -42.59 -12.26
C TYR J 81 -18.17 -43.46 -11.08
N VAL J 82 -18.51 -42.83 -9.95
CA VAL J 82 -18.79 -43.59 -8.74
C VAL J 82 -20.02 -44.48 -8.94
N ARG J 83 -20.02 -45.64 -8.26
CA ARG J 83 -21.09 -46.61 -8.41
C ARG J 83 -22.42 -46.08 -7.87
N ALA J 84 -22.39 -45.34 -6.76
CA ALA J 84 -23.62 -44.90 -6.12
C ALA J 84 -24.35 -43.87 -6.97
N ASP J 85 -25.68 -43.96 -7.01
CA ASP J 85 -26.47 -42.89 -7.61
C ASP J 85 -26.22 -41.59 -6.86
N ILE J 86 -26.22 -40.49 -7.58
CA ILE J 86 -26.07 -39.17 -6.96
C ILE J 86 -27.35 -38.39 -7.17
N GLN J 87 -27.99 -38.05 -6.06
CA GLN J 87 -29.13 -37.16 -6.04
C GLN J 87 -28.61 -35.73 -5.91
N THR J 88 -29.11 -34.83 -6.76
CA THR J 88 -28.67 -33.45 -6.75
C THR J 88 -29.86 -32.56 -6.43
N VAL J 89 -29.70 -31.71 -5.42
CA VAL J 89 -30.75 -30.80 -4.98
C VAL J 89 -30.21 -29.39 -5.04
N CYS J 90 -30.88 -28.53 -5.80
CA CYS J 90 -30.47 -27.14 -5.92
C CYS J 90 -31.18 -26.30 -4.86
N LEU J 91 -30.39 -25.77 -3.93
CA LEU J 91 -30.82 -24.76 -2.99
C LEU J 91 -30.31 -23.42 -3.48
N GLY J 92 -31.06 -22.36 -3.22
CA GLY J 92 -30.55 -21.06 -3.61
C GLY J 92 -30.36 -21.03 -5.12
N GLN J 93 -29.10 -21.10 -5.57
CA GLN J 93 -28.80 -21.03 -6.99
C GLN J 93 -27.75 -22.05 -7.40
N ALA J 94 -27.81 -22.46 -8.67
CA ALA J 94 -26.81 -23.29 -9.31
C ALA J 94 -26.32 -22.54 -10.55
N ALA J 95 -25.15 -21.92 -10.46
CA ALA J 95 -24.65 -21.05 -11.53
C ALA J 95 -23.40 -21.61 -12.20
N SER J 96 -23.54 -21.82 -13.50
CA SER J 96 -22.53 -22.12 -14.52
C SER J 96 -21.91 -23.50 -14.36
N ALA J 97 -21.21 -23.77 -13.27
CA ALA J 97 -20.61 -25.08 -13.10
C ALA J 97 -21.47 -25.89 -12.18
N ALA J 98 -22.04 -25.19 -11.20
CA ALA J 98 -23.09 -25.77 -10.39
C ALA J 98 -24.31 -26.12 -11.23
N ALA J 99 -24.61 -25.33 -12.27
CA ALA J 99 -25.74 -25.67 -13.13
C ALA J 99 -25.44 -26.94 -13.91
N VAL J 100 -24.25 -27.04 -14.50
CA VAL J 100 -23.95 -28.28 -15.21
C VAL J 100 -23.99 -29.47 -14.26
N LEU J 101 -23.41 -29.32 -13.06
CA LEU J 101 -23.38 -30.42 -12.10
C LEU J 101 -24.78 -30.81 -11.64
N LEU J 102 -25.68 -29.83 -11.56
CA LEU J 102 -27.08 -30.13 -11.25
C LEU J 102 -27.68 -30.99 -12.36
N ALA J 103 -27.46 -30.60 -13.61
CA ALA J 103 -27.97 -31.42 -14.72
C ALA J 103 -27.33 -32.80 -14.72
N ALA J 104 -26.10 -32.92 -14.25
CA ALA J 104 -25.32 -34.16 -14.34
C ALA J 104 -25.72 -35.21 -13.31
N GLY J 105 -26.66 -34.92 -12.43
CA GLY J 105 -27.07 -35.91 -11.44
C GLY J 105 -27.78 -37.08 -12.09
N THR J 106 -28.07 -38.08 -11.26
CA THR J 106 -28.71 -39.30 -11.76
C THR J 106 -30.14 -38.98 -12.23
N PRO J 107 -30.53 -39.39 -13.44
CA PRO J 107 -31.88 -39.09 -13.93
C PRO J 107 -32.95 -39.60 -12.97
N GLY J 108 -33.97 -38.76 -12.75
CA GLY J 108 -35.03 -39.05 -11.83
C GLY J 108 -34.78 -38.54 -10.42
N LYS J 109 -33.55 -38.14 -10.13
CA LYS J 109 -33.16 -37.67 -8.80
C LYS J 109 -32.56 -36.27 -8.84
N ARG J 110 -32.75 -35.53 -9.93
CA ARG J 110 -32.31 -34.14 -10.04
C ARG J 110 -33.48 -33.25 -9.64
N MET J 111 -33.31 -32.50 -8.54
CA MET J 111 -34.42 -31.76 -7.95
C MET J 111 -33.97 -30.37 -7.53
N ALA J 112 -34.95 -29.48 -7.40
CA ALA J 112 -34.69 -28.11 -6.98
C ALA J 112 -35.85 -27.60 -6.13
N LEU J 113 -35.53 -26.68 -5.23
CA LEU J 113 -36.55 -26.05 -4.42
C LEU J 113 -37.32 -25.02 -5.26
N PRO J 114 -38.56 -24.69 -4.86
CA PRO J 114 -39.41 -23.85 -5.73
C PRO J 114 -38.78 -22.55 -6.20
N ASN J 115 -38.05 -21.84 -5.35
CA ASN J 115 -37.46 -20.56 -5.75
C ASN J 115 -35.99 -20.71 -6.13
N ALA J 116 -35.54 -21.94 -6.36
CA ALA J 116 -34.17 -22.16 -6.81
C ALA J 116 -33.96 -21.51 -8.17
N ARG J 117 -32.78 -20.95 -8.35
CA ARG J 117 -32.42 -20.26 -9.58
C ARG J 117 -31.29 -21.01 -10.28
N VAL J 118 -31.44 -21.27 -11.56
CA VAL J 118 -30.45 -21.98 -12.35
C VAL J 118 -29.95 -21.04 -13.44
N LEU J 119 -28.64 -20.83 -13.49
CA LEU J 119 -28.01 -19.91 -14.43
C LEU J 119 -27.02 -20.67 -15.29
N ILE J 120 -27.28 -20.71 -16.59
CA ILE J 120 -26.39 -21.37 -17.55
C ILE J 120 -25.84 -20.32 -18.51
N HIS J 121 -24.54 -20.38 -18.76
CA HIS J 121 -23.92 -19.46 -19.70
C HIS J 121 -22.60 -20.05 -20.17
N GLN J 122 -22.18 -19.60 -21.34
CA GLN J 122 -20.92 -20.05 -21.91
C GLN J 122 -19.77 -19.83 -20.93
N PRO J 123 -18.74 -20.65 -20.98
CA PRO J 123 -17.58 -20.43 -20.10
C PRO J 123 -16.85 -19.16 -20.46
N SER J 124 -16.19 -18.57 -19.46
CA SER J 124 -15.49 -17.31 -19.67
C SER J 124 -14.21 -17.28 -18.85
N LEU J 125 -13.33 -16.36 -19.22
CA LEU J 125 -12.10 -16.11 -18.49
C LEU J 125 -12.27 -14.91 -17.58
N SER J 126 -11.33 -14.78 -16.66
CA SER J 126 -11.15 -13.58 -15.85
C SER J 126 -9.67 -13.23 -15.87
N GLY J 127 -9.36 -11.96 -15.70
CA GLY J 127 -7.99 -11.57 -15.89
C GLY J 127 -7.66 -11.65 -17.38
N VAL J 128 -6.39 -11.90 -17.68
CA VAL J 128 -5.93 -11.99 -19.05
C VAL J 128 -4.88 -13.09 -19.18
N ILE J 129 -5.02 -13.90 -20.22
CA ILE J 129 -3.98 -14.84 -20.62
C ILE J 129 -3.10 -14.12 -21.63
N GLN J 130 -1.82 -13.96 -21.31
CA GLN J 130 -0.90 -13.26 -22.19
C GLN J 130 0.14 -14.22 -22.74
N GLY J 131 0.66 -13.88 -23.90
CA GLY J 131 1.68 -14.70 -24.53
C GLY J 131 1.87 -14.27 -25.97
N GLN J 132 2.62 -15.10 -26.70
CA GLN J 132 2.77 -14.86 -28.13
C GLN J 132 1.47 -15.24 -28.83
N PHE J 133 1.24 -14.62 -29.99
CA PHE J 133 0.05 -14.98 -30.75
C PHE J 133 -0.04 -16.48 -30.97
N SER J 134 1.09 -17.15 -31.18
CA SER J 134 1.07 -18.59 -31.37
C SER J 134 0.62 -19.34 -30.11
N ASP J 135 0.91 -18.81 -28.92
CA ASP J 135 0.40 -19.41 -27.70
C ASP J 135 -1.08 -19.15 -27.53
N LEU J 136 -1.53 -17.96 -27.91
CA LEU J 136 -2.91 -17.59 -27.75
C LEU J 136 -3.81 -18.26 -28.78
N GLU J 137 -3.27 -18.63 -29.95
CA GLU J 137 -4.04 -19.49 -30.85
C GLU J 137 -4.41 -20.78 -30.15
N ILE J 138 -3.44 -21.39 -29.45
CA ILE J 138 -3.70 -22.63 -28.74
C ILE J 138 -4.67 -22.42 -27.59
N GLN J 139 -4.45 -21.35 -26.81
CA GLN J 139 -5.35 -21.12 -25.68
C GLN J 139 -6.78 -20.86 -26.14
N ALA J 140 -6.94 -20.09 -27.21
CA ALA J 140 -8.28 -19.84 -27.74
C ALA J 140 -8.91 -21.12 -28.27
N ALA J 141 -8.11 -21.96 -28.93
CA ALA J 141 -8.63 -23.25 -29.38
C ALA J 141 -9.13 -24.08 -28.21
N GLU J 142 -8.36 -24.10 -27.12
CA GLU J 142 -8.77 -24.88 -25.95
C GLU J 142 -10.03 -24.31 -25.32
N ILE J 143 -10.16 -22.98 -25.30
CA ILE J 143 -11.37 -22.39 -24.71
C ILE J 143 -12.60 -22.70 -25.56
N GLU J 144 -12.44 -22.67 -26.89
CA GLU J 144 -13.55 -23.08 -27.74
C GLU J 144 -13.89 -24.55 -27.52
N ARG J 145 -12.86 -25.39 -27.33
CA ARG J 145 -13.12 -26.79 -27.00
C ARG J 145 -13.92 -26.91 -25.70
N MET J 146 -13.56 -26.13 -24.69
CA MET J 146 -14.27 -26.18 -23.42
C MET J 146 -15.73 -25.76 -23.58
N ARG J 147 -15.98 -24.72 -24.37
CA ARG J 147 -17.37 -24.35 -24.65
C ARG J 147 -18.12 -25.49 -25.31
N THR J 148 -17.52 -26.09 -26.35
CA THR J 148 -18.16 -27.20 -27.04
C THR J 148 -18.48 -28.33 -26.08
N LEU J 149 -17.53 -28.66 -25.20
CA LEU J 149 -17.73 -29.77 -24.27
C LEU J 149 -18.83 -29.45 -23.26
N MET J 150 -18.86 -28.22 -22.74
CA MET J 150 -19.94 -27.82 -21.84
C MET J 150 -21.29 -28.02 -22.50
N GLU J 151 -21.43 -27.49 -23.71
CA GLU J 151 -22.71 -27.57 -24.41
C GLU J 151 -23.09 -29.02 -24.72
N THR J 152 -22.11 -29.84 -25.13
CA THR J 152 -22.38 -31.24 -25.39
C THR J 152 -22.84 -31.97 -24.14
N THR J 153 -22.17 -31.71 -23.01
CA THR J 153 -22.56 -32.35 -21.75
C THR J 153 -23.99 -31.98 -21.37
N LEU J 154 -24.33 -30.69 -21.45
CA LEU J 154 -25.70 -30.31 -21.15
C LEU J 154 -26.68 -30.96 -22.11
N ALA J 155 -26.33 -31.06 -23.39
CA ALA J 155 -27.24 -31.74 -24.32
C ALA J 155 -27.46 -33.18 -23.90
N ARG J 156 -26.39 -33.88 -23.52
CA ARG J 156 -26.52 -35.26 -23.08
C ARG J 156 -27.50 -35.38 -21.91
N HIS J 157 -27.48 -34.41 -21.00
CA HIS J 157 -28.30 -34.54 -19.80
C HIS J 157 -29.65 -33.83 -19.83
N THR J 158 -29.88 -32.92 -20.78
CA THR J 158 -31.13 -32.17 -20.83
C THR J 158 -32.04 -32.60 -21.97
N GLY J 159 -31.51 -33.25 -23.01
CA GLY J 159 -32.29 -33.65 -24.15
C GLY J 159 -32.45 -32.58 -25.21
N LYS J 160 -31.91 -31.39 -24.98
CA LYS J 160 -31.93 -30.33 -25.99
C LYS J 160 -30.75 -30.52 -26.92
N ASP J 161 -30.94 -30.17 -28.19
CA ASP J 161 -29.83 -30.27 -29.12
C ASP J 161 -28.72 -29.32 -28.70
N ALA J 162 -27.47 -29.76 -28.88
CA ALA J 162 -26.34 -28.94 -28.47
C ALA J 162 -26.36 -27.59 -29.18
N GLY J 163 -26.90 -27.51 -30.40
CA GLY J 163 -27.01 -26.24 -31.07
C GLY J 163 -27.93 -25.27 -30.35
N VAL J 164 -29.06 -25.78 -29.85
CA VAL J 164 -29.99 -24.94 -29.11
C VAL J 164 -29.32 -24.41 -27.85
N ILE J 165 -28.60 -25.28 -27.14
CA ILE J 165 -27.90 -24.86 -25.93
C ILE J 165 -26.84 -23.83 -26.27
N ARG J 166 -26.12 -24.06 -27.36
CA ARG J 166 -25.08 -23.10 -27.78
C ARG J 166 -25.68 -21.72 -27.99
N LYS J 167 -26.87 -21.65 -28.59
CA LYS J 167 -27.52 -20.35 -28.74
C LYS J 167 -28.02 -19.82 -27.39
N ASP J 168 -28.65 -20.67 -26.58
CA ASP J 168 -29.24 -20.22 -25.32
C ASP J 168 -28.19 -19.68 -24.36
N THR J 169 -27.03 -20.29 -24.30
CA THR J 169 -26.00 -19.92 -23.34
C THR J 169 -25.14 -18.76 -23.83
N ASP J 170 -25.47 -18.16 -24.97
CA ASP J 170 -24.70 -17.03 -25.47
C ASP J 170 -24.69 -15.89 -24.45
N ARG J 171 -25.85 -15.59 -23.87
CA ARG J 171 -26.00 -14.59 -22.82
C ARG J 171 -26.53 -15.28 -21.58
N ASP J 172 -26.28 -14.68 -20.42
CA ASP J 172 -26.79 -15.26 -19.18
C ASP J 172 -28.25 -15.61 -19.33
N LYS J 173 -28.55 -16.91 -19.26
CA LYS J 173 -29.92 -17.39 -19.30
C LYS J 173 -30.29 -17.89 -17.92
N ILE J 174 -31.24 -17.22 -17.28
CA ILE J 174 -31.66 -17.53 -15.92
C ILE J 174 -32.99 -18.25 -15.98
N LEU J 175 -33.04 -19.43 -15.38
CA LEU J 175 -34.23 -20.26 -15.34
C LEU J 175 -34.77 -20.32 -13.92
N THR J 176 -36.09 -20.23 -13.80
CA THR J 176 -36.72 -20.51 -12.52
C THR J 176 -36.74 -22.01 -12.30
N ALA J 177 -37.08 -22.43 -11.08
CA ALA J 177 -37.15 -23.87 -10.81
C ALA J 177 -38.07 -24.57 -11.80
N GLU J 178 -39.25 -23.98 -12.05
CA GLU J 178 -40.19 -24.58 -12.99
C GLU J 178 -39.60 -24.61 -14.40
N GLU J 179 -38.97 -23.52 -14.82
CA GLU J 179 -38.34 -23.50 -16.14
C GLU J 179 -37.20 -24.50 -16.22
N ALA J 180 -36.40 -24.62 -15.16
CA ALA J 180 -35.36 -25.62 -15.13
C ALA J 180 -35.93 -27.01 -15.33
N LYS J 181 -37.13 -27.26 -14.78
CA LYS J 181 -37.79 -28.54 -15.05
C LYS J 181 -38.17 -28.68 -16.52
N ASP J 182 -38.85 -27.66 -17.06
CA ASP J 182 -39.28 -27.74 -18.47
C ASP J 182 -38.08 -27.79 -19.41
N TYR J 183 -36.97 -27.19 -19.03
CA TYR J 183 -35.78 -27.12 -19.88
C TYR J 183 -34.90 -28.35 -19.78
N GLY J 184 -35.22 -29.29 -18.89
CA GLY J 184 -34.49 -30.54 -18.80
C GLY J 184 -33.30 -30.55 -17.85
N ILE J 185 -33.15 -29.53 -17.00
CA ILE J 185 -32.02 -29.53 -16.07
C ILE J 185 -32.35 -30.29 -14.80
N ILE J 186 -33.60 -30.25 -14.35
CA ILE J 186 -34.03 -31.00 -13.19
C ILE J 186 -35.22 -31.86 -13.57
N ASP J 187 -35.44 -32.90 -12.77
CA ASP J 187 -36.56 -33.80 -12.99
C ASP J 187 -37.83 -33.35 -12.28
N THR J 188 -37.71 -32.69 -11.14
CA THR J 188 -38.90 -32.24 -10.43
C THR J 188 -38.54 -31.09 -9.51
N VAL J 189 -39.56 -30.30 -9.18
CA VAL J 189 -39.45 -29.20 -8.22
C VAL J 189 -39.99 -29.71 -6.89
N LEU J 190 -39.20 -29.55 -5.84
CA LEU J 190 -39.56 -30.10 -4.54
C LEU J 190 -40.77 -29.38 -3.95
N GLU J 191 -41.69 -30.16 -3.41
CA GLU J 191 -42.77 -29.61 -2.62
C GLU J 191 -42.28 -29.38 -1.19
N TYR J 192 -42.82 -28.35 -0.55
CA TYR J 192 -42.50 -28.12 0.85
C TYR J 192 -43.08 -29.24 1.69
N ARG J 193 -42.31 -29.71 2.68
CA ARG J 193 -42.73 -30.82 3.52
C ARG J 193 -43.20 -30.37 4.90
N LYS J 194 -43.43 -29.08 5.10
CA LYS J 194 -43.86 -28.61 6.42
C LYS J 194 -45.07 -29.39 6.89
N LEU J 195 -45.00 -29.90 8.12
CA LEU J 195 -46.08 -30.72 8.65
C LEU J 195 -47.37 -29.92 8.81
N SER J 196 -47.25 -28.64 9.14
CA SER J 196 -48.42 -27.78 9.31
C SER J 196 -48.59 -26.87 8.10
N ASN K 17 -11.04 -35.99 8.44
CA ASN K 17 -11.51 -35.37 7.17
C ASN K 17 -11.32 -36.35 6.00
N PRO K 18 -11.90 -36.04 4.83
CA PRO K 18 -11.81 -36.98 3.70
C PRO K 18 -10.39 -37.40 3.35
N TYR K 19 -9.43 -36.49 3.47
CA TYR K 19 -8.07 -36.83 3.05
C TYR K 19 -7.40 -37.81 3.99
N ASN K 20 -7.66 -37.72 5.29
CA ASN K 20 -7.10 -38.71 6.20
C ASN K 20 -7.70 -40.08 5.95
N LYS K 21 -9.00 -40.14 5.64
CA LYS K 21 -9.61 -41.42 5.29
C LYS K 21 -9.00 -41.99 4.01
N LEU K 22 -8.85 -41.16 2.98
CA LEU K 22 -8.20 -41.61 1.76
C LEU K 22 -6.80 -42.14 2.06
N PHE K 23 -6.05 -41.44 2.92
CA PHE K 23 -4.71 -41.93 3.25
C PHE K 23 -4.79 -43.30 3.91
N GLU K 24 -5.72 -43.48 4.84
CA GLU K 24 -5.90 -44.79 5.46
C GLU K 24 -6.22 -45.86 4.44
N GLU K 25 -6.75 -45.49 3.28
CA GLU K 25 -6.94 -46.43 2.18
C GLU K 25 -5.76 -46.46 1.23
N ARG K 26 -4.62 -45.90 1.63
CA ARG K 26 -3.41 -45.87 0.81
C ARG K 26 -3.60 -45.03 -0.45
N ILE K 27 -4.27 -43.89 -0.29
CA ILE K 27 -4.56 -42.99 -1.40
C ILE K 27 -3.88 -41.65 -1.13
N ILE K 28 -3.08 -41.20 -2.08
CA ILE K 28 -2.46 -39.87 -2.05
C ILE K 28 -3.22 -39.01 -3.05
N PHE K 29 -3.59 -37.81 -2.62
CA PHE K 29 -4.34 -36.89 -3.48
C PHE K 29 -3.44 -35.72 -3.87
N LEU K 30 -2.93 -35.75 -5.10
CA LEU K 30 -2.04 -34.71 -5.63
C LEU K 30 -2.88 -33.60 -6.24
N GLY K 31 -3.55 -32.87 -5.36
CA GLY K 31 -4.53 -31.87 -5.76
C GLY K 31 -4.06 -30.44 -5.79
N VAL K 32 -2.75 -30.19 -5.70
CA VAL K 32 -2.24 -28.83 -5.58
C VAL K 32 -1.13 -28.61 -6.61
N GLN K 33 -0.82 -27.34 -6.83
CA GLN K 33 0.38 -26.99 -7.59
C GLN K 33 1.57 -27.64 -6.92
N VAL K 34 2.41 -28.31 -7.72
CA VAL K 34 3.50 -29.11 -7.14
C VAL K 34 4.64 -28.14 -6.90
N ASP K 35 4.54 -27.44 -5.77
CA ASP K 35 5.59 -26.60 -5.25
C ASP K 35 6.59 -27.47 -4.49
N ASP K 36 7.58 -26.82 -3.87
CA ASP K 36 8.55 -27.58 -3.08
C ASP K 36 7.91 -28.15 -1.82
N ALA K 37 7.13 -27.33 -1.10
CA ALA K 37 6.43 -27.83 0.08
C ALA K 37 5.48 -28.96 -0.29
N SER K 38 4.77 -28.82 -1.42
CA SER K 38 3.88 -29.87 -1.86
C SER K 38 4.65 -31.16 -2.15
N ALA K 39 5.80 -31.04 -2.82
CA ALA K 39 6.60 -32.23 -3.09
C ALA K 39 7.06 -32.88 -1.81
N ASN K 40 7.42 -32.08 -0.81
CA ASN K 40 7.80 -32.65 0.48
C ASN K 40 6.66 -33.46 1.07
N ASP K 41 5.45 -32.91 1.06
CA ASP K 41 4.32 -33.65 1.61
C ASP K 41 4.07 -34.95 0.84
N ILE K 42 4.13 -34.89 -0.49
CA ILE K 42 3.88 -36.09 -1.29
C ILE K 42 4.93 -37.16 -0.98
N MET K 43 6.20 -36.75 -0.92
CA MET K 43 7.25 -37.73 -0.66
C MET K 43 7.11 -38.32 0.73
N ALA K 44 6.75 -37.50 1.72
CA ALA K 44 6.52 -38.03 3.05
C ALA K 44 5.40 -39.06 3.03
N GLN K 45 4.31 -38.78 2.31
CA GLN K 45 3.22 -39.73 2.24
C GLN K 45 3.65 -41.03 1.58
N LEU K 46 4.39 -40.95 0.47
CA LEU K 46 4.85 -42.16 -0.20
C LEU K 46 5.74 -42.99 0.72
N LEU K 47 6.66 -42.33 1.42
CA LEU K 47 7.56 -43.06 2.31
C LEU K 47 6.78 -43.73 3.43
N VAL K 48 5.83 -43.02 4.05
CA VAL K 48 5.04 -43.62 5.12
C VAL K 48 4.25 -44.80 4.60
N LEU K 49 3.61 -44.66 3.45
CA LEU K 49 2.79 -45.76 2.94
C LEU K 49 3.65 -46.97 2.61
N GLU K 50 4.84 -46.77 2.05
CA GLU K 50 5.71 -47.92 1.82
C GLU K 50 6.04 -48.60 3.14
N SER K 51 6.37 -47.81 4.17
CA SER K 51 6.70 -48.41 5.45
C SER K 51 5.55 -49.24 5.99
N LEU K 52 4.32 -48.72 5.90
CA LEU K 52 3.17 -49.41 6.47
C LEU K 52 2.94 -50.77 5.79
N ASP K 53 2.99 -50.80 4.46
CA ASP K 53 2.78 -52.05 3.74
C ASP K 53 3.54 -52.02 2.41
N PRO K 54 4.72 -52.63 2.34
CA PRO K 54 5.51 -52.60 1.10
C PRO K 54 4.88 -53.34 -0.08
N ASP K 55 3.96 -54.28 0.16
CA ASP K 55 3.42 -55.10 -0.91
C ASP K 55 2.12 -54.56 -1.49
N ARG K 56 1.27 -53.96 -0.67
CA ARG K 56 -0.01 -53.47 -1.13
C ARG K 56 0.15 -52.20 -1.95
N ASP K 57 -0.69 -52.04 -2.97
CA ASP K 57 -0.55 -50.94 -3.90
C ASP K 57 -0.86 -49.59 -3.26
N ILE K 58 -0.28 -48.54 -3.84
CA ILE K 58 -0.58 -47.16 -3.52
C ILE K 58 -1.30 -46.55 -4.72
N THR K 59 -2.37 -45.81 -4.47
CA THR K 59 -3.07 -45.10 -5.54
C THR K 59 -2.86 -43.60 -5.34
N MET K 60 -2.42 -42.93 -6.40
CA MET K 60 -2.24 -41.48 -6.38
C MET K 60 -3.24 -40.86 -7.33
N TYR K 61 -4.09 -39.98 -6.81
CA TYR K 61 -5.02 -39.22 -7.64
C TYR K 61 -4.36 -37.91 -8.04
N ILE K 62 -4.47 -37.59 -9.32
CA ILE K 62 -3.78 -36.44 -9.89
C ILE K 62 -4.83 -35.46 -10.39
N ASN K 63 -4.84 -34.26 -9.82
CA ASN K 63 -5.62 -33.15 -10.34
C ASN K 63 -4.85 -31.88 -9.99
N SER K 64 -4.02 -31.41 -10.92
CA SER K 64 -3.21 -30.25 -10.61
C SER K 64 -2.87 -29.42 -11.84
N PRO K 65 -2.98 -28.09 -11.75
CA PRO K 65 -2.71 -27.23 -12.93
C PRO K 65 -1.24 -27.02 -13.23
N GLY K 66 -0.31 -27.45 -12.38
CA GLY K 66 1.09 -27.22 -12.69
C GLY K 66 1.99 -27.55 -11.52
N GLY K 67 3.26 -27.17 -11.68
CA GLY K 67 4.27 -27.43 -10.68
C GLY K 67 5.65 -27.17 -11.27
N GLY K 68 6.65 -27.15 -10.37
CA GLY K 68 8.02 -26.92 -10.79
C GLY K 68 8.73 -28.20 -11.19
N PHE K 69 9.86 -28.04 -11.90
CA PHE K 69 10.57 -29.23 -12.37
C PHE K 69 11.35 -29.91 -11.24
N THR K 70 12.00 -29.12 -10.39
CA THR K 70 12.78 -29.73 -9.31
C THR K 70 11.89 -30.56 -8.40
N SER K 71 10.71 -30.02 -8.06
CA SER K 71 9.73 -30.78 -7.31
C SER K 71 9.27 -32.00 -8.09
N LEU K 72 9.12 -31.87 -9.40
CA LEU K 72 8.74 -32.99 -10.23
C LEU K 72 9.71 -34.15 -10.05
N MET K 73 11.00 -33.90 -10.22
CA MET K 73 11.95 -35.01 -10.13
C MET K 73 12.04 -35.56 -8.72
N ALA K 74 11.89 -34.70 -7.70
CA ALA K 74 11.82 -35.24 -6.34
C ALA K 74 10.72 -36.30 -6.24
N ILE K 75 9.49 -35.93 -6.61
CA ILE K 75 8.39 -36.89 -6.50
C ILE K 75 8.63 -38.09 -7.40
N TYR K 76 9.15 -37.85 -8.61
CA TYR K 76 9.33 -38.94 -9.56
C TYR K 76 10.23 -40.02 -8.99
N ASP K 77 11.39 -39.62 -8.45
CA ASP K 77 12.28 -40.62 -7.89
C ASP K 77 11.64 -41.31 -6.69
N THR K 78 10.92 -40.57 -5.84
CA THR K 78 10.29 -41.26 -4.73
C THR K 78 9.27 -42.29 -5.22
N MET K 79 8.52 -41.95 -6.28
CA MET K 79 7.55 -42.89 -6.84
C MET K 79 8.20 -44.13 -7.40
N GLN K 80 9.33 -43.98 -8.11
CA GLN K 80 10.00 -45.16 -8.64
C GLN K 80 10.69 -45.96 -7.54
N TYR K 81 11.07 -45.29 -6.46
CA TYR K 81 11.91 -45.90 -5.43
C TYR K 81 11.12 -46.87 -4.55
N VAL K 82 9.91 -46.49 -4.15
CA VAL K 82 9.17 -47.29 -3.18
C VAL K 82 8.83 -48.66 -3.76
N ARG K 83 8.78 -49.66 -2.89
CA ARG K 83 8.52 -51.04 -3.31
C ARG K 83 7.12 -51.20 -3.89
N ALA K 84 6.13 -50.54 -3.30
CA ALA K 84 4.74 -50.74 -3.71
C ALA K 84 4.50 -50.19 -5.11
N ASP K 85 3.71 -50.91 -5.90
CA ASP K 85 3.23 -50.37 -7.17
C ASP K 85 2.43 -49.10 -6.90
N ILE K 86 2.55 -48.13 -7.80
CA ILE K 86 1.76 -46.91 -7.69
C ILE K 86 0.80 -46.84 -8.87
N GLN K 87 -0.49 -46.84 -8.55
CA GLN K 87 -1.55 -46.61 -9.52
C GLN K 87 -1.80 -45.11 -9.58
N THR K 88 -1.85 -44.56 -10.80
CA THR K 88 -2.06 -43.14 -11.00
C THR K 88 -3.36 -42.94 -11.77
N VAL K 89 -4.24 -42.11 -11.21
CA VAL K 89 -5.53 -41.82 -11.82
C VAL K 89 -5.64 -40.32 -12.01
N CYS K 90 -5.85 -39.90 -13.25
CA CYS K 90 -5.99 -38.48 -13.56
C CYS K 90 -7.46 -38.08 -13.47
N LEU K 91 -7.78 -37.23 -12.51
CA LEU K 91 -9.05 -36.56 -12.41
C LEU K 91 -8.86 -35.13 -12.90
N GLY K 92 -9.88 -34.57 -13.51
CA GLY K 92 -9.74 -33.19 -13.93
C GLY K 92 -8.60 -33.07 -14.92
N GLN K 93 -7.46 -32.54 -14.48
CA GLN K 93 -6.32 -32.32 -15.35
C GLN K 93 -5.02 -32.71 -14.70
N ALA K 94 -4.05 -33.10 -15.53
CA ALA K 94 -2.67 -33.35 -15.11
C ALA K 94 -1.77 -32.46 -15.97
N ALA K 95 -1.30 -31.35 -15.41
CA ALA K 95 -0.57 -30.36 -16.17
C ALA K 95 0.90 -30.24 -15.73
N SER K 96 1.78 -30.51 -16.71
CA SER K 96 3.23 -30.28 -16.74
C SER K 96 4.00 -31.19 -15.79
N ALA K 97 3.80 -31.09 -14.49
CA ALA K 97 4.52 -31.95 -13.58
C ALA K 97 3.61 -33.07 -13.16
N ALA K 98 2.34 -32.73 -13.00
CA ALA K 98 1.31 -33.74 -12.85
C ALA K 98 1.23 -34.63 -14.09
N ALA K 99 1.47 -34.09 -15.28
CA ALA K 99 1.46 -34.93 -16.47
C ALA K 99 2.62 -35.90 -16.44
N VAL K 100 3.84 -35.41 -16.13
CA VAL K 100 4.94 -36.37 -16.06
C VAL K 100 4.68 -37.42 -14.98
N LEU K 101 4.18 -37.01 -13.82
CA LEU K 101 3.93 -37.97 -12.74
C LEU K 101 2.85 -38.97 -13.12
N LEU K 102 1.86 -38.55 -13.91
CA LEU K 102 0.88 -39.48 -14.43
C LEU K 102 1.54 -40.53 -15.31
N ALA K 103 2.41 -40.08 -16.23
CA ALA K 103 3.13 -41.04 -17.06
C ALA K 103 4.02 -41.96 -16.22
N ALA K 104 4.53 -41.46 -15.10
CA ALA K 104 5.52 -42.17 -14.30
C ALA K 104 4.93 -43.28 -13.43
N GLY K 105 3.62 -43.49 -13.44
CA GLY K 105 3.03 -44.54 -12.64
C GLY K 105 3.42 -45.92 -13.15
N THR K 106 3.02 -46.93 -12.39
CA THR K 106 3.37 -48.31 -12.73
C THR K 106 2.68 -48.71 -14.03
N PRO K 107 3.39 -49.26 -15.02
CA PRO K 107 2.77 -49.66 -16.28
C PRO K 107 1.60 -50.61 -16.06
N GLY K 108 0.51 -50.36 -16.77
CA GLY K 108 -0.72 -51.13 -16.64
C GLY K 108 -1.68 -50.56 -15.64
N LYS K 109 -1.24 -49.61 -14.82
CA LYS K 109 -2.06 -49.01 -13.79
C LYS K 109 -2.13 -47.50 -13.91
N ARG K 110 -1.77 -46.94 -15.07
CA ARG K 110 -1.91 -45.51 -15.33
C ARG K 110 -3.24 -45.29 -16.04
N MET K 111 -4.14 -44.56 -15.38
CA MET K 111 -5.52 -44.45 -15.87
C MET K 111 -6.01 -43.01 -15.76
N ALA K 112 -7.02 -42.69 -16.54
CA ALA K 112 -7.63 -41.36 -16.52
C ALA K 112 -9.12 -41.47 -16.77
N LEU K 113 -9.86 -40.51 -16.22
CA LEU K 113 -11.29 -40.44 -16.46
C LEU K 113 -11.57 -39.92 -17.87
N PRO K 114 -12.74 -40.23 -18.43
CA PRO K 114 -13.01 -39.91 -19.85
C PRO K 114 -12.73 -38.47 -20.25
N ASN K 115 -13.09 -37.48 -19.43
CA ASN K 115 -12.87 -36.08 -19.79
C ASN K 115 -11.62 -35.50 -19.13
N ALA K 116 -10.76 -36.36 -18.63
CA ALA K 116 -9.50 -35.90 -18.07
C ALA K 116 -8.66 -35.23 -19.14
N ARG K 117 -7.97 -34.17 -18.75
CA ARG K 117 -7.14 -33.40 -19.68
C ARG K 117 -5.68 -33.52 -19.25
N VAL K 118 -4.80 -33.82 -20.20
CA VAL K 118 -3.38 -33.96 -19.94
C VAL K 118 -2.65 -32.90 -20.75
N LEU K 119 -1.85 -32.09 -20.06
CA LEU K 119 -1.13 -30.99 -20.68
C LEU K 119 0.37 -31.17 -20.47
N ILE K 120 1.11 -31.35 -21.55
CA ILE K 120 2.56 -31.50 -21.51
C ILE K 120 3.19 -30.31 -22.22
N HIS K 121 4.22 -29.74 -21.61
CA HIS K 121 4.94 -28.63 -22.24
C HIS K 121 6.31 -28.52 -21.60
N GLN K 122 7.23 -27.92 -22.35
CA GLN K 122 8.59 -27.71 -21.86
C GLN K 122 8.57 -26.96 -20.53
N PRO K 123 9.56 -27.18 -19.68
CA PRO K 123 9.62 -26.43 -18.41
C PRO K 123 9.89 -24.97 -18.66
N SER K 124 9.43 -24.13 -17.73
CA SER K 124 9.58 -22.69 -17.88
C SER K 124 9.82 -22.04 -16.53
N LEU K 125 10.32 -20.82 -16.58
CA LEU K 125 10.51 -20.00 -15.40
C LEU K 125 9.37 -19.02 -15.23
N SER K 126 9.29 -18.46 -14.03
CA SER K 126 8.44 -17.32 -13.74
C SER K 126 9.27 -16.30 -12.99
N GLY K 127 8.91 -15.03 -13.10
CA GLY K 127 9.79 -14.04 -12.54
C GLY K 127 11.05 -13.96 -13.40
N VAL K 128 12.15 -13.56 -12.78
CA VAL K 128 13.42 -13.42 -13.47
C VAL K 128 14.55 -13.88 -12.58
N ILE K 129 15.47 -14.67 -13.15
CA ILE K 129 16.74 -14.99 -12.51
C ILE K 129 17.74 -13.93 -12.96
N GLN K 130 18.29 -13.18 -12.02
CA GLN K 130 19.23 -12.13 -12.34
C GLN K 130 20.61 -12.47 -11.80
N GLY K 131 21.62 -11.92 -12.45
CA GLY K 131 22.98 -12.14 -12.04
C GLY K 131 23.95 -11.70 -13.11
N GLN K 132 25.21 -12.06 -12.92
CA GLN K 132 26.20 -11.79 -13.95
C GLN K 132 25.98 -12.74 -15.12
N PHE K 133 26.42 -12.32 -16.30
CA PHE K 133 26.30 -13.19 -17.46
C PHE K 133 26.90 -14.56 -17.17
N SER K 134 28.01 -14.60 -16.43
CA SER K 134 28.63 -15.88 -16.10
C SER K 134 27.75 -16.74 -15.20
N ASP K 135 26.93 -16.13 -14.33
CA ASP K 135 25.98 -16.91 -13.54
C ASP K 135 24.83 -17.40 -14.40
N LEU K 136 24.38 -16.57 -15.33
CA LEU K 136 23.25 -16.91 -16.17
C LEU K 136 23.62 -17.93 -17.23
N GLU K 137 24.88 -18.00 -17.65
CA GLU K 137 25.32 -19.12 -18.47
C GLU K 137 25.05 -20.43 -17.75
N ILE K 138 25.40 -20.50 -16.47
CA ILE K 138 25.19 -21.71 -15.69
C ILE K 138 23.71 -21.98 -15.51
N GLN K 139 22.93 -20.96 -15.16
CA GLN K 139 21.51 -21.17 -14.94
C GLN K 139 20.82 -21.63 -16.22
N ALA K 140 21.17 -21.04 -17.36
CA ALA K 140 20.60 -21.45 -18.62
C ALA K 140 21.00 -22.88 -18.96
N ALA K 141 22.25 -23.25 -18.68
CA ALA K 141 22.68 -24.63 -18.91
C ALA K 141 21.85 -25.59 -18.07
N GLU K 142 21.61 -25.23 -16.80
CA GLU K 142 20.82 -26.12 -15.94
C GLU K 142 19.38 -26.22 -16.42
N ILE K 143 18.81 -25.12 -16.93
CA ILE K 143 17.44 -25.18 -17.41
C ILE K 143 17.34 -26.05 -18.66
N GLU K 144 18.34 -25.95 -19.55
CA GLU K 144 18.34 -26.84 -20.70
C GLU K 144 18.49 -28.29 -20.26
N ARG K 145 19.31 -28.54 -19.23
CA ARG K 145 19.41 -29.88 -18.68
C ARG K 145 18.06 -30.37 -18.17
N MET K 146 17.32 -29.50 -17.48
CA MET K 146 16.02 -29.90 -16.95
C MET K 146 15.06 -30.23 -18.07
N ARG K 147 15.07 -29.44 -19.16
CA ARG K 147 14.23 -29.78 -20.30
C ARG K 147 14.61 -31.15 -20.87
N THR K 148 15.90 -31.38 -21.06
CA THR K 148 16.36 -32.67 -21.59
C THR K 148 15.89 -33.81 -20.70
N LEU K 149 16.01 -33.64 -19.38
CA LEU K 149 15.64 -34.71 -18.46
C LEU K 149 14.13 -34.95 -18.47
N MET K 150 13.33 -33.88 -18.53
CA MET K 150 11.87 -34.06 -18.64
C MET K 150 11.52 -34.88 -19.87
N GLU K 151 12.09 -34.49 -21.01
CA GLU K 151 11.77 -35.19 -22.26
C GLU K 151 12.25 -36.63 -22.24
N THR K 152 13.43 -36.87 -21.68
CA THR K 152 13.94 -38.24 -21.57
C THR K 152 13.05 -39.10 -20.68
N THR K 153 12.60 -38.54 -19.55
CA THR K 153 11.72 -39.28 -18.65
C THR K 153 10.42 -39.65 -19.36
N LEU K 154 9.80 -38.69 -20.04
CA LEU K 154 8.58 -39.00 -20.76
C LEU K 154 8.84 -40.06 -21.84
N ALA K 155 9.98 -39.98 -22.53
CA ALA K 155 10.26 -41.00 -23.52
C ALA K 155 10.34 -42.38 -22.87
N ARG K 156 11.02 -42.47 -21.72
CA ARG K 156 11.11 -43.75 -21.03
C ARG K 156 9.73 -44.31 -20.72
N HIS K 157 8.77 -43.46 -20.36
CA HIS K 157 7.48 -43.96 -19.93
C HIS K 157 6.38 -44.00 -21.00
N THR K 158 6.57 -43.30 -22.13
CA THR K 158 5.54 -43.25 -23.17
C THR K 158 5.89 -44.08 -24.40
N GLY K 159 7.16 -44.38 -24.62
CA GLY K 159 7.57 -45.12 -25.79
C GLY K 159 7.82 -44.26 -27.01
N LYS K 160 7.60 -42.96 -26.92
CA LYS K 160 7.90 -42.04 -28.01
C LYS K 160 9.37 -41.63 -27.92
N ASP K 161 9.99 -41.43 -29.08
CA ASP K 161 11.38 -40.99 -29.07
C ASP K 161 11.47 -39.62 -28.41
N ALA K 162 12.54 -39.40 -27.64
CA ALA K 162 12.71 -38.14 -26.95
C ALA K 162 12.71 -36.96 -27.92
N GLY K 163 13.16 -37.16 -29.15
CA GLY K 163 13.11 -36.09 -30.14
C GLY K 163 11.68 -35.69 -30.48
N VAL K 164 10.79 -36.69 -30.62
CA VAL K 164 9.40 -36.38 -30.91
C VAL K 164 8.78 -35.61 -29.77
N ILE K 165 9.07 -36.02 -28.53
CA ILE K 165 8.54 -35.31 -27.37
C ILE K 165 9.09 -33.89 -27.32
N ARG K 166 10.38 -33.74 -27.62
CA ARG K 166 10.99 -32.42 -27.62
C ARG K 166 10.27 -31.49 -28.59
N LYS K 167 9.89 -32.01 -29.77
CA LYS K 167 9.12 -31.19 -30.69
C LYS K 167 7.70 -30.95 -30.18
N ASP K 168 7.04 -32.00 -29.69
CA ASP K 168 5.64 -31.89 -29.27
C ASP K 168 5.46 -30.90 -28.13
N THR K 169 6.39 -30.88 -27.17
CA THR K 169 6.27 -30.05 -25.98
C THR K 169 6.74 -28.62 -26.21
N ASP K 170 7.10 -28.26 -27.44
CA ASP K 170 7.54 -26.90 -27.72
C ASP K 170 6.45 -25.89 -27.36
N ARG K 171 5.21 -26.20 -27.72
CA ARG K 171 4.05 -25.38 -27.37
C ARG K 171 3.10 -26.24 -26.55
N ASP K 172 2.25 -25.59 -25.75
CA ASP K 172 1.28 -26.34 -24.96
C ASP K 172 0.57 -27.35 -25.83
N LYS K 173 0.77 -28.63 -25.53
CA LYS K 173 0.09 -29.71 -26.22
C LYS K 173 -0.90 -30.33 -25.27
N ILE K 174 -2.18 -30.19 -25.59
CA ILE K 174 -3.27 -30.66 -24.74
C ILE K 174 -3.84 -31.93 -25.35
N LEU K 175 -3.86 -32.99 -24.54
CA LEU K 175 -4.36 -34.29 -24.96
C LEU K 175 -5.65 -34.59 -24.22
N THR K 176 -6.63 -35.14 -24.95
CA THR K 176 -7.80 -35.69 -24.30
C THR K 176 -7.44 -37.02 -23.66
N ALA K 177 -8.34 -37.55 -22.83
CA ALA K 177 -8.07 -38.84 -22.20
C ALA K 177 -7.74 -39.90 -23.25
N GLU K 178 -8.54 -39.96 -24.32
CA GLU K 178 -8.28 -40.93 -25.37
C GLU K 178 -6.93 -40.68 -26.04
N GLU K 179 -6.61 -39.42 -26.33
CA GLU K 179 -5.32 -39.11 -26.93
C GLU K 179 -4.18 -39.44 -25.97
N ALA K 180 -4.36 -39.15 -24.68
CA ALA K 180 -3.35 -39.53 -23.70
C ALA K 180 -3.11 -41.03 -23.73
N LYS K 181 -4.15 -41.82 -23.97
CA LYS K 181 -3.95 -43.25 -24.12
C LYS K 181 -3.14 -43.56 -25.38
N ASP K 182 -3.55 -43.01 -26.52
CA ASP K 182 -2.84 -43.28 -27.77
C ASP K 182 -1.41 -42.77 -27.73
N TYR K 183 -1.17 -41.70 -26.99
CA TYR K 183 0.14 -41.06 -26.92
C TYR K 183 1.07 -41.72 -25.91
N GLY K 184 0.59 -42.69 -25.15
CA GLY K 184 1.42 -43.44 -24.22
C GLY K 184 1.54 -42.86 -22.84
N ILE K 185 0.71 -41.90 -22.45
CA ILE K 185 0.79 -41.34 -21.10
C ILE K 185 -0.02 -42.18 -20.12
N ILE K 186 -1.14 -42.73 -20.55
CA ILE K 186 -1.96 -43.60 -19.71
C ILE K 186 -2.16 -44.93 -20.41
N ASP K 187 -2.48 -45.94 -19.62
CA ASP K 187 -2.73 -47.28 -20.14
C ASP K 187 -4.18 -47.48 -20.54
N THR K 188 -5.11 -46.84 -19.85
CA THR K 188 -6.52 -47.02 -20.19
C THR K 188 -7.32 -45.83 -19.68
N VAL K 189 -8.48 -45.62 -20.32
CA VAL K 189 -9.45 -44.62 -19.92
C VAL K 189 -10.52 -45.31 -19.10
N LEU K 190 -10.80 -44.79 -17.91
CA LEU K 190 -11.72 -45.44 -17.00
C LEU K 190 -13.15 -45.39 -17.52
N GLU K 191 -13.84 -46.53 -17.44
CA GLU K 191 -15.27 -46.55 -17.68
C GLU K 191 -16.01 -46.12 -16.43
N TYR K 192 -17.15 -45.47 -16.62
CA TYR K 192 -17.98 -45.10 -15.47
C TYR K 192 -18.54 -46.36 -14.84
N ARG K 193 -18.55 -46.39 -13.50
CA ARG K 193 -19.01 -47.57 -12.77
C ARG K 193 -20.42 -47.42 -12.20
N LYS K 194 -21.15 -46.38 -12.61
CA LYS K 194 -22.49 -46.17 -12.07
C LYS K 194 -23.32 -47.45 -12.19
N LEU K 195 -23.93 -47.85 -11.08
CA LEU K 195 -24.70 -49.08 -11.06
C LEU K 195 -25.91 -49.01 -11.98
N SER K 196 -26.51 -47.83 -12.10
CA SER K 196 -27.67 -47.64 -12.96
C SER K 196 -27.27 -46.93 -14.25
N ASN L 17 -0.26 -36.83 11.48
CA ASN L 17 0.09 -36.53 10.06
C ASN L 17 1.36 -37.29 9.65
N PRO L 18 1.68 -37.30 8.35
CA PRO L 18 2.83 -38.09 7.89
C PRO L 18 4.12 -37.77 8.62
N TYR L 19 4.35 -36.51 8.98
CA TYR L 19 5.62 -36.15 9.60
C TYR L 19 5.75 -36.70 11.01
N ASN L 20 4.67 -36.73 11.78
CA ASN L 20 4.75 -37.32 13.11
C ASN L 20 5.01 -38.82 13.02
N LYS L 21 4.41 -39.49 12.03
CA LYS L 21 4.70 -40.91 11.83
C LYS L 21 6.17 -41.12 11.46
N LEU L 22 6.67 -40.32 10.51
CA LEU L 22 8.09 -40.41 10.17
C LEU L 22 8.96 -40.21 11.40
N PHE L 23 8.63 -39.23 12.25
CA PHE L 23 9.41 -39.00 13.45
C PHE L 23 9.40 -40.24 14.33
N GLU L 24 8.22 -40.85 14.52
CA GLU L 24 8.15 -42.08 15.30
C GLU L 24 9.01 -43.18 14.71
N GLU L 25 9.33 -43.10 13.42
CA GLU L 25 10.29 -44.03 12.82
C GLU L 25 11.72 -43.49 12.84
N ARG L 26 11.97 -42.44 13.63
CA ARG L 26 13.30 -41.83 13.74
C ARG L 26 13.73 -41.21 12.43
N ILE L 27 12.81 -40.52 11.77
CA ILE L 27 13.07 -39.87 10.50
C ILE L 27 12.84 -38.38 10.66
N ILE L 28 13.85 -37.59 10.28
CA ILE L 28 13.75 -36.14 10.24
C ILE L 28 13.65 -35.74 8.77
N PHE L 29 12.70 -34.87 8.46
CA PHE L 29 12.50 -34.43 7.09
C PHE L 29 12.92 -32.98 6.95
N LEU L 30 14.10 -32.77 6.36
CA LEU L 30 14.68 -31.43 6.18
C LEU L 30 14.17 -30.85 4.85
N GLY L 31 12.87 -30.53 4.85
CA GLY L 31 12.18 -30.13 3.64
C GLY L 31 12.00 -28.64 3.42
N VAL L 32 12.69 -27.80 4.19
CA VAL L 32 12.46 -26.36 4.15
C VAL L 32 13.79 -25.64 3.98
N GLN L 33 13.70 -24.37 3.58
CA GLN L 33 14.86 -23.50 3.63
C GLN L 33 15.40 -23.49 5.04
N VAL L 34 16.72 -23.67 5.19
CA VAL L 34 17.30 -23.85 6.52
C VAL L 34 17.52 -22.45 7.06
N ASP L 35 16.44 -21.88 7.59
CA ASP L 35 16.47 -20.63 8.32
C ASP L 35 16.88 -20.90 9.77
N ASP L 36 16.88 -19.86 10.60
CA ASP L 36 17.22 -20.07 12.00
C ASP L 36 16.15 -20.87 12.73
N ALA L 37 14.88 -20.51 12.52
CA ALA L 37 13.79 -21.28 13.12
C ALA L 37 13.83 -22.74 12.66
N SER L 38 14.11 -22.96 11.37
CA SER L 38 14.21 -24.32 10.85
C SER L 38 15.34 -25.08 11.53
N ALA L 39 16.49 -24.42 11.69
CA ALA L 39 17.62 -25.07 12.36
C ALA L 39 17.26 -25.43 13.79
N ASN L 40 16.52 -24.55 14.48
CA ASN L 40 16.08 -24.86 15.84
C ASN L 40 15.24 -26.12 15.85
N ASP L 41 14.27 -26.22 14.93
CA ASP L 41 13.42 -27.41 14.91
C ASP L 41 14.25 -28.66 14.62
N ILE L 42 15.18 -28.59 13.67
CA ILE L 42 15.98 -29.77 13.34
C ILE L 42 16.82 -30.20 14.54
N MET L 43 17.45 -29.23 15.21
CA MET L 43 18.28 -29.57 16.35
C MET L 43 17.46 -30.17 17.48
N ALA L 44 16.26 -29.61 17.71
CA ALA L 44 15.38 -30.18 18.72
C ALA L 44 15.04 -31.63 18.39
N GLN L 45 14.74 -31.90 17.11
CA GLN L 45 14.42 -33.26 16.71
C GLN L 45 15.61 -34.20 16.93
N LEU L 46 16.80 -33.77 16.53
CA LEU L 46 17.98 -34.62 16.73
C LEU L 46 18.21 -34.91 18.19
N LEU L 47 18.10 -33.89 19.05
CA LEU L 47 18.31 -34.08 20.47
C LEU L 47 17.28 -35.05 21.05
N VAL L 48 16.01 -34.88 20.69
CA VAL L 48 14.97 -35.78 21.20
C VAL L 48 15.24 -37.21 20.74
N LEU L 49 15.56 -37.39 19.47
CA LEU L 49 15.77 -38.75 18.97
C LEU L 49 16.97 -39.41 19.65
N GLU L 50 18.05 -38.65 19.87
CA GLU L 50 19.17 -39.24 20.61
C GLU L 50 18.71 -39.67 22.01
N SER L 51 17.95 -38.82 22.69
CA SER L 51 17.49 -39.18 24.03
C SER L 51 16.67 -40.46 23.99
N LEU L 52 15.76 -40.60 23.03
CA LEU L 52 14.88 -41.76 22.99
C LEU L 52 15.66 -43.05 22.80
N ASP L 53 16.63 -43.07 21.88
CA ASP L 53 17.43 -44.27 21.64
C ASP L 53 18.81 -43.88 21.11
N PRO L 54 19.82 -43.85 21.97
CA PRO L 54 21.17 -43.45 21.52
C PRO L 54 21.82 -44.40 20.53
N ASP L 55 21.40 -45.66 20.47
CA ASP L 55 22.07 -46.64 19.64
C ASP L 55 21.46 -46.80 18.25
N ARG L 56 20.14 -46.68 18.15
CA ARG L 56 19.46 -46.88 16.88
C ARG L 56 19.67 -45.68 15.96
N ASP L 57 19.77 -45.95 14.66
CA ASP L 57 20.12 -44.92 13.69
C ASP L 57 19.01 -43.88 13.53
N ILE L 58 19.42 -42.69 13.11
CA ILE L 58 18.52 -41.62 12.71
C ILE L 58 18.67 -41.43 11.21
N THR L 59 17.55 -41.31 10.49
CA THR L 59 17.58 -41.01 9.06
C THR L 59 17.06 -39.60 8.83
N MET L 60 17.82 -38.81 8.10
CA MET L 60 17.43 -37.46 7.75
C MET L 60 17.23 -37.39 6.24
N TYR L 61 16.01 -37.04 5.83
CA TYR L 61 15.72 -36.81 4.42
C TYR L 61 15.95 -35.36 4.09
N ILE L 62 16.65 -35.13 2.98
CA ILE L 62 17.07 -33.79 2.59
C ILE L 62 16.40 -33.44 1.27
N ASN L 63 15.59 -32.39 1.29
CA ASN L 63 15.05 -31.79 0.07
C ASN L 63 14.86 -30.31 0.37
N SER L 64 15.87 -29.50 0.03
CA SER L 64 15.77 -28.09 0.36
C SER L 64 16.54 -27.21 -0.61
N PRO L 65 15.95 -26.09 -1.05
CA PRO L 65 16.62 -25.22 -2.03
C PRO L 65 17.70 -24.32 -1.45
N GLY L 66 17.86 -24.24 -0.13
CA GLY L 66 18.89 -23.37 0.41
C GLY L 66 18.78 -23.22 1.91
N GLY L 67 19.56 -22.28 2.42
CA GLY L 67 19.63 -22.02 3.84
C GLY L 67 20.82 -21.13 4.15
N GLY L 68 20.83 -20.63 5.39
CA GLY L 68 21.91 -19.76 5.84
C GLY L 68 23.09 -20.54 6.40
N PHE L 69 24.26 -19.87 6.49
CA PHE L 69 25.44 -20.56 6.97
C PHE L 69 25.40 -20.78 8.48
N THR L 70 24.97 -19.78 9.24
CA THR L 70 24.95 -19.92 10.69
C THR L 70 24.04 -21.09 11.10
N SER L 71 22.87 -21.17 10.47
CA SER L 71 21.98 -22.31 10.68
C SER L 71 22.65 -23.61 10.24
N LEU L 72 23.40 -23.56 9.14
CA LEU L 72 24.13 -24.75 8.68
C LEU L 72 25.03 -25.29 9.78
N MET L 73 25.88 -24.44 10.35
CA MET L 73 26.82 -24.95 11.35
C MET L 73 26.10 -25.39 12.61
N ALA L 74 25.02 -24.71 12.99
CA ALA L 74 24.22 -25.21 14.11
C ALA L 74 23.82 -26.67 13.89
N ILE L 75 23.16 -26.94 12.75
CA ILE L 75 22.71 -28.31 12.49
C ILE L 75 23.90 -29.25 12.37
N TYR L 76 24.98 -28.79 11.73
CA TYR L 76 26.13 -29.66 11.50
C TYR L 76 26.70 -30.18 12.81
N ASP L 77 26.92 -29.26 13.76
CA ASP L 77 27.46 -29.71 15.03
C ASP L 77 26.47 -30.62 15.76
N THR L 78 25.17 -30.31 15.70
CA THR L 78 24.24 -31.22 16.37
C THR L 78 24.29 -32.61 15.73
N MET L 79 24.43 -32.68 14.41
CA MET L 79 24.49 -33.97 13.73
C MET L 79 25.74 -34.75 14.13
N GLN L 80 26.89 -34.08 14.24
CA GLN L 80 28.10 -34.79 14.64
C GLN L 80 28.07 -35.15 16.11
N TYR L 81 27.34 -34.38 16.91
CA TYR L 81 27.39 -34.51 18.36
C TYR L 81 26.63 -35.74 18.85
N VAL L 82 25.43 -35.99 18.30
CA VAL L 82 24.58 -37.04 18.83
C VAL L 82 25.23 -38.40 18.65
N ARG L 83 24.96 -39.31 19.60
CA ARG L 83 25.57 -40.64 19.59
C ARG L 83 25.12 -41.46 18.39
N ALA L 84 23.85 -41.36 17.99
CA ALA L 84 23.32 -42.20 16.93
C ALA L 84 23.92 -41.84 15.58
N ASP L 85 24.20 -42.85 14.77
CA ASP L 85 24.57 -42.61 13.38
C ASP L 85 23.43 -41.88 12.68
N ILE L 86 23.78 -40.98 11.77
CA ILE L 86 22.78 -40.29 10.97
C ILE L 86 22.95 -40.70 9.51
N GLN L 87 21.91 -41.32 8.98
CA GLN L 87 21.80 -41.63 7.57
C GLN L 87 21.16 -40.43 6.87
N THR L 88 21.77 -40.00 5.77
CA THR L 88 21.28 -38.84 5.03
C THR L 88 20.90 -39.29 3.63
N VAL L 89 19.67 -38.98 3.23
CA VAL L 89 19.15 -39.35 1.92
C VAL L 89 18.69 -38.09 1.22
N CYS L 90 19.26 -37.82 0.05
CA CYS L 90 18.88 -36.65 -0.73
C CYS L 90 17.75 -37.01 -1.68
N LEU L 91 16.59 -36.42 -1.45
CA LEU L 91 15.46 -36.44 -2.36
C LEU L 91 15.42 -35.10 -3.08
N GLY L 92 14.98 -35.10 -4.32
CA GLY L 92 14.89 -33.81 -5.00
C GLY L 92 16.25 -33.17 -5.08
N GLN L 93 16.49 -32.15 -4.25
CA GLN L 93 17.74 -31.42 -4.29
C GLN L 93 18.26 -31.13 -2.88
N ALA L 94 19.59 -31.00 -2.78
CA ALA L 94 20.28 -30.57 -1.58
C ALA L 94 21.13 -29.36 -1.96
N ALA L 95 20.66 -28.15 -1.63
CA ALA L 95 21.31 -26.93 -2.09
C ALA L 95 21.90 -26.12 -0.93
N SER L 96 23.22 -25.94 -1.03
CA SER L 96 24.10 -25.04 -0.26
C SER L 96 24.26 -25.46 1.20
N ALA L 97 23.21 -25.47 1.99
CA ALA L 97 23.35 -25.86 3.38
C ALA L 97 22.86 -27.28 3.52
N ALA L 98 21.84 -27.60 2.75
CA ALA L 98 21.42 -28.97 2.58
C ALA L 98 22.52 -29.81 1.94
N ALA L 99 23.29 -29.22 1.02
CA ALA L 99 24.40 -29.97 0.42
C ALA L 99 25.47 -30.25 1.46
N VAL L 100 25.86 -29.25 2.25
CA VAL L 100 26.86 -29.54 3.28
C VAL L 100 26.32 -30.60 4.26
N LEU L 101 25.06 -30.47 4.68
CA LEU L 101 24.49 -31.42 5.63
C LEU L 101 24.41 -32.83 5.03
N LEU L 102 24.18 -32.93 3.73
CA LEU L 102 24.22 -34.23 3.07
C LEU L 102 25.62 -34.83 3.19
N ALA L 103 26.64 -34.03 2.87
CA ALA L 103 28.02 -34.52 3.02
C ALA L 103 28.33 -34.89 4.46
N ALA L 104 27.72 -34.20 5.42
CA ALA L 104 28.04 -34.35 6.84
C ALA L 104 27.47 -35.61 7.49
N GLY L 105 26.71 -36.42 6.76
CA GLY L 105 26.16 -37.62 7.34
C GLY L 105 27.24 -38.63 7.66
N THR L 106 26.81 -39.72 8.30
CA THR L 106 27.75 -40.75 8.72
C THR L 106 28.33 -41.45 7.49
N PRO L 107 29.65 -41.58 7.40
CA PRO L 107 30.26 -42.25 6.22
C PRO L 107 29.69 -43.64 6.00
N GLY L 108 29.39 -43.95 4.74
CA GLY L 108 28.80 -45.21 4.36
C GLY L 108 27.28 -45.17 4.32
N LYS L 109 26.68 -44.13 4.89
CA LYS L 109 25.23 -44.00 4.94
C LYS L 109 24.74 -42.70 4.31
N ARG L 110 25.57 -42.04 3.49
CA ARG L 110 25.17 -40.85 2.74
C ARG L 110 24.72 -41.30 1.36
N MET L 111 23.44 -41.10 1.05
CA MET L 111 22.85 -41.66 -0.16
C MET L 111 21.95 -40.64 -0.83
N ALA L 112 21.73 -40.85 -2.13
CA ALA L 112 20.87 -39.98 -2.92
C ALA L 112 20.11 -40.79 -3.96
N LEU L 113 18.93 -40.30 -4.32
CA LEU L 113 18.15 -40.94 -5.37
C LEU L 113 18.75 -40.62 -6.74
N PRO L 114 18.49 -41.45 -7.74
CA PRO L 114 19.18 -41.30 -9.05
C PRO L 114 19.13 -39.91 -9.65
N ASN L 115 18.00 -39.21 -9.59
CA ASN L 115 17.89 -37.88 -10.19
C ASN L 115 18.04 -36.78 -9.15
N ALA L 116 18.56 -37.12 -7.98
CA ALA L 116 18.81 -36.10 -6.97
C ALA L 116 19.85 -35.11 -7.48
N ARG L 117 19.66 -33.84 -7.14
CA ARG L 117 20.55 -32.77 -7.56
C ARG L 117 21.24 -32.17 -6.35
N VAL L 118 22.55 -32.02 -6.42
CA VAL L 118 23.34 -31.45 -5.33
C VAL L 118 23.99 -30.18 -5.83
N LEU L 119 23.76 -29.08 -5.12
CA LEU L 119 24.25 -27.76 -5.50
C LEU L 119 25.13 -27.21 -4.39
N ILE L 120 26.41 -27.01 -4.69
CA ILE L 120 27.35 -26.44 -3.74
C ILE L 120 27.84 -25.10 -4.27
N HIS L 121 27.87 -24.10 -3.40
CA HIS L 121 28.38 -22.79 -3.79
C HIS L 121 28.77 -22.03 -2.53
N GLN L 122 29.67 -21.06 -2.73
CA GLN L 122 30.14 -20.23 -1.64
C GLN L 122 28.95 -19.57 -0.93
N PRO L 123 29.08 -19.28 0.36
CA PRO L 123 27.99 -18.60 1.07
C PRO L 123 27.82 -17.18 0.55
N SER L 124 26.60 -16.66 0.69
CA SER L 124 26.29 -15.33 0.19
C SER L 124 25.30 -14.65 1.12
N LEU L 125 25.23 -13.33 0.96
CA LEU L 125 24.26 -12.52 1.68
C LEU L 125 23.06 -12.22 0.79
N SER L 126 22.00 -11.75 1.43
CA SER L 126 20.86 -11.17 0.76
C SER L 126 20.52 -9.87 1.47
N GLY L 127 19.93 -8.93 0.74
CA GLY L 127 19.76 -7.63 1.35
C GLY L 127 21.12 -6.95 1.44
N VAL L 128 21.26 -6.08 2.44
CA VAL L 128 22.50 -5.34 2.63
C VAL L 128 22.78 -5.20 4.12
N ILE L 129 24.02 -5.45 4.51
CA ILE L 129 24.52 -5.12 5.85
C ILE L 129 25.10 -3.72 5.76
N GLN L 130 24.54 -2.79 6.53
CA GLN L 130 24.99 -1.41 6.51
C GLN L 130 25.63 -1.04 7.84
N GLY L 131 26.53 -0.07 7.78
CA GLY L 131 27.19 0.39 8.99
C GLY L 131 28.40 1.24 8.63
N GLN L 132 29.20 1.53 9.63
CA GLN L 132 30.44 2.24 9.39
C GLN L 132 31.43 1.30 8.72
N PHE L 133 32.37 1.88 7.98
CA PHE L 133 33.39 1.04 7.35
C PHE L 133 34.06 0.14 8.38
N SER L 134 34.28 0.65 9.60
CA SER L 134 34.89 -0.18 10.63
C SER L 134 34.02 -1.36 11.04
N ASP L 135 32.69 -1.22 10.98
CA ASP L 135 31.81 -2.35 11.25
C ASP L 135 31.83 -3.34 10.10
N LEU L 136 31.90 -2.82 8.88
CA LEU L 136 31.87 -3.67 7.70
C LEU L 136 33.18 -4.40 7.48
N GLU L 137 34.31 -3.84 7.96
CA GLU L 137 35.53 -4.62 7.99
C GLU L 137 35.32 -5.91 8.79
N ILE L 138 34.70 -5.78 9.97
CA ILE L 138 34.45 -6.95 10.80
C ILE L 138 33.48 -7.90 10.14
N GLN L 139 32.38 -7.37 9.59
CA GLN L 139 31.39 -8.24 8.97
C GLN L 139 31.98 -8.98 7.77
N ALA L 140 32.79 -8.29 6.96
CA ALA L 140 33.43 -8.94 5.82
C ALA L 140 34.42 -10.01 6.29
N ALA L 141 35.16 -9.72 7.37
CA ALA L 141 36.07 -10.73 7.91
C ALA L 141 35.30 -11.96 8.36
N GLU L 142 34.15 -11.77 9.02
CA GLU L 142 33.37 -12.91 9.46
C GLU L 142 32.81 -13.70 8.28
N ILE L 143 32.41 -13.01 7.21
CA ILE L 143 31.87 -13.72 6.06
C ILE L 143 32.97 -14.53 5.38
N GLU L 144 34.18 -13.97 5.29
CA GLU L 144 35.29 -14.76 4.75
C GLU L 144 35.58 -15.96 5.65
N ARG L 145 35.49 -15.77 6.97
CA ARG L 145 35.66 -16.91 7.87
C ARG L 145 34.61 -17.98 7.60
N MET L 146 33.36 -17.57 7.37
CA MET L 146 32.30 -18.54 7.11
C MET L 146 32.57 -19.30 5.82
N ARG L 147 33.04 -18.60 4.77
CA ARG L 147 33.41 -19.31 3.55
C ARG L 147 34.52 -20.33 3.82
N THR L 148 35.56 -19.91 4.53
CA THR L 148 36.66 -20.82 4.85
C THR L 148 36.15 -22.04 5.60
N LEU L 149 35.27 -21.84 6.56
CA LEU L 149 34.77 -22.95 7.38
C LEU L 149 33.90 -23.89 6.54
N MET L 150 33.05 -23.34 5.67
CA MET L 150 32.26 -24.19 4.78
C MET L 150 33.15 -25.08 3.94
N GLU L 151 34.18 -24.48 3.31
CA GLU L 151 35.06 -25.25 2.45
C GLU L 151 35.86 -26.27 3.23
N THR L 152 36.32 -25.92 4.43
CA THR L 152 37.04 -26.87 5.26
C THR L 152 36.16 -28.05 5.66
N THR L 153 34.91 -27.77 6.03
CA THR L 153 33.99 -28.84 6.41
C THR L 153 33.76 -29.80 5.24
N LEU L 154 33.50 -29.25 4.06
CA LEU L 154 33.33 -30.12 2.89
C LEU L 154 34.59 -30.92 2.61
N ALA L 155 35.77 -30.31 2.77
CA ALA L 155 36.99 -31.07 2.55
C ALA L 155 37.07 -32.24 3.54
N ARG L 156 36.75 -31.99 4.80
CA ARG L 156 36.79 -33.06 5.78
C ARG L 156 35.89 -34.22 5.38
N HIS L 157 34.73 -33.93 4.78
CA HIS L 157 33.78 -35.00 4.49
C HIS L 157 33.83 -35.55 3.06
N THR L 158 34.47 -34.86 2.12
CA THR L 158 34.51 -35.32 0.73
C THR L 158 35.86 -35.88 0.32
N GLY L 159 36.93 -35.53 1.02
CA GLY L 159 38.26 -35.98 0.65
C GLY L 159 38.94 -35.10 -0.38
N LYS L 160 38.29 -34.07 -0.87
CA LYS L 160 38.91 -33.13 -1.79
C LYS L 160 39.65 -32.07 -0.98
N ASP L 161 40.76 -31.59 -1.53
CA ASP L 161 41.49 -30.54 -0.84
C ASP L 161 40.62 -29.28 -0.75
N ALA L 162 40.71 -28.59 0.38
CA ALA L 162 39.90 -27.39 0.56
C ALA L 162 40.15 -26.37 -0.53
N GLY L 163 41.35 -26.33 -1.09
CA GLY L 163 41.61 -25.43 -2.21
C GLY L 163 40.80 -25.76 -3.44
N VAL L 164 40.68 -27.05 -3.75
CA VAL L 164 39.88 -27.46 -4.89
C VAL L 164 38.42 -27.07 -4.68
N ILE L 165 37.90 -27.29 -3.47
CA ILE L 165 36.53 -26.92 -3.18
C ILE L 165 36.36 -25.42 -3.28
N ARG L 166 37.33 -24.66 -2.77
CA ARG L 166 37.25 -23.21 -2.85
C ARG L 166 37.13 -22.75 -4.29
N LYS L 167 37.88 -23.38 -5.21
CA LYS L 167 37.73 -23.04 -6.62
C LYS L 167 36.38 -23.51 -7.17
N ASP L 168 35.99 -24.75 -6.85
CA ASP L 168 34.77 -25.32 -7.42
C ASP L 168 33.53 -24.54 -7.02
N THR L 169 33.46 -24.08 -5.78
CA THR L 169 32.28 -23.40 -5.26
C THR L 169 32.24 -21.92 -5.61
N ASP L 170 33.19 -21.44 -6.42
CA ASP L 170 33.18 -20.04 -6.81
C ASP L 170 31.88 -19.67 -7.53
N ARG L 171 31.44 -20.54 -8.43
CA ARG L 171 30.18 -20.38 -9.15
C ARG L 171 29.31 -21.59 -8.83
N ASP L 172 27.99 -21.42 -8.98
CA ASP L 172 27.09 -22.54 -8.73
C ASP L 172 27.59 -23.78 -9.46
N LYS L 173 27.96 -24.79 -8.69
CA LYS L 173 28.37 -26.07 -9.24
C LYS L 173 27.29 -27.09 -8.94
N ILE L 174 26.65 -27.59 -9.99
CA ILE L 174 25.54 -28.52 -9.86
C ILE L 174 26.03 -29.91 -10.21
N LEU L 175 25.84 -30.85 -9.30
CA LEU L 175 26.25 -32.23 -9.47
C LEU L 175 25.02 -33.12 -9.60
N THR L 176 25.09 -34.08 -10.53
CA THR L 176 24.09 -35.12 -10.57
C THR L 176 24.36 -36.11 -9.44
N ALA L 177 23.39 -37.01 -9.21
CA ALA L 177 23.59 -38.00 -8.16
C ALA L 177 24.88 -38.77 -8.39
N GLU L 178 25.13 -39.20 -9.62
CA GLU L 178 26.35 -39.94 -9.91
C GLU L 178 27.59 -39.07 -9.66
N GLU L 179 27.55 -37.82 -10.11
CA GLU L 179 28.67 -36.92 -9.88
C GLU L 179 28.86 -36.66 -8.39
N ALA L 180 27.76 -36.50 -7.65
CA ALA L 180 27.87 -36.34 -6.21
C ALA L 180 28.57 -37.53 -5.58
N LYS L 181 28.34 -38.73 -6.13
CA LYS L 181 29.08 -39.89 -5.64
C LYS L 181 30.56 -39.77 -5.97
N ASP L 182 30.88 -39.49 -7.24
CA ASP L 182 32.29 -39.39 -7.63
C ASP L 182 33.00 -38.25 -6.92
N TYR L 183 32.28 -37.20 -6.58
CA TYR L 183 32.85 -36.00 -5.96
C TYR L 183 32.99 -36.13 -4.45
N GLY L 184 32.49 -37.22 -3.86
CA GLY L 184 32.65 -37.46 -2.44
C GLY L 184 31.58 -36.89 -1.54
N ILE L 185 30.44 -36.45 -2.08
CA ILE L 185 29.38 -35.92 -1.23
C ILE L 185 28.47 -37.04 -0.72
N ILE L 186 28.25 -38.07 -1.53
CA ILE L 186 27.45 -39.21 -1.10
C ILE L 186 28.27 -40.48 -1.30
N ASP L 187 27.87 -41.53 -0.58
CA ASP L 187 28.55 -42.82 -0.67
C ASP L 187 27.96 -43.69 -1.76
N THR L 188 26.67 -43.58 -2.03
CA THR L 188 26.06 -44.41 -3.06
C THR L 188 24.79 -43.76 -3.57
N VAL L 189 24.41 -44.13 -4.79
CA VAL L 189 23.15 -43.72 -5.41
C VAL L 189 22.15 -44.85 -5.23
N LEU L 190 20.99 -44.52 -4.69
CA LEU L 190 20.00 -45.53 -4.36
C LEU L 190 19.43 -46.18 -5.62
N GLU L 191 19.31 -47.49 -5.58
CA GLU L 191 18.58 -48.21 -6.61
C GLU L 191 17.09 -48.18 -6.28
N TYR L 192 16.27 -48.17 -7.33
CA TYR L 192 14.83 -48.24 -7.11
C TYR L 192 14.47 -49.61 -6.56
N ARG L 193 13.56 -49.64 -5.58
CA ARG L 193 13.18 -50.89 -4.93
C ARG L 193 11.84 -51.42 -5.40
N LYS L 194 11.28 -50.88 -6.49
CA LYS L 194 9.98 -51.33 -6.96
C LYS L 194 9.98 -52.85 -7.12
N LEU L 195 8.97 -53.49 -6.55
CA LEU L 195 8.90 -54.95 -6.58
C LEU L 195 8.71 -55.46 -8.00
N SER L 196 8.00 -54.72 -8.85
CA SER L 196 7.78 -55.12 -10.23
C SER L 196 8.67 -54.30 -11.16
N ASN M 17 4.86 -32.37 20.43
CA ASN M 17 5.94 -31.93 19.49
C ASN M 17 7.30 -32.00 20.20
N PRO M 18 8.40 -31.86 19.44
CA PRO M 18 9.73 -31.99 20.06
C PRO M 18 9.96 -31.09 21.27
N TYR M 19 9.41 -29.88 21.25
CA TYR M 19 9.67 -28.94 22.34
C TYR M 19 8.99 -29.36 23.63
N ASN M 20 7.78 -29.91 23.55
CA ASN M 20 7.13 -30.39 24.76
C ASN M 20 7.88 -31.57 25.36
N LYS M 21 8.41 -32.45 24.50
CA LYS M 21 9.23 -33.56 25.00
C LYS M 21 10.50 -33.03 25.68
N LEU M 22 11.18 -32.09 25.03
CA LEU M 22 12.36 -31.49 25.64
C LEU M 22 12.01 -30.89 27.00
N PHE M 23 10.87 -30.19 27.08
CA PHE M 23 10.47 -29.61 28.37
C PHE M 23 10.29 -30.70 29.42
N GLU M 24 9.62 -31.80 29.04
CA GLU M 24 9.47 -32.91 29.98
C GLU M 24 10.80 -33.45 30.43
N GLU M 25 11.87 -33.24 29.66
CA GLU M 25 13.22 -33.59 30.09
C GLU M 25 13.93 -32.44 30.78
N ARG M 26 13.19 -31.39 31.17
CA ARG M 26 13.74 -30.21 31.85
C ARG M 26 14.71 -29.46 30.93
N ILE M 27 14.33 -29.31 29.68
CA ILE M 27 15.14 -28.62 28.68
C ILE M 27 14.36 -27.42 28.17
N ILE M 28 14.98 -26.25 28.24
CA ILE M 28 14.45 -25.02 27.67
C ILE M 28 15.24 -24.72 26.41
N PHE M 29 14.55 -24.41 25.32
CA PHE M 29 15.21 -24.14 24.05
C PHE M 29 15.06 -22.65 23.73
N LEU M 30 16.14 -21.90 23.93
CA LEU M 30 16.17 -20.46 23.70
C LEU M 30 16.54 -20.20 22.23
N GLY M 31 15.61 -20.54 21.35
CA GLY M 31 15.84 -20.53 19.92
C GLY M 31 15.37 -19.31 19.17
N VAL M 32 14.98 -18.24 19.85
CA VAL M 32 14.37 -17.09 19.20
C VAL M 32 15.07 -15.81 19.64
N GLN M 33 14.85 -14.75 18.88
CA GLN M 33 15.26 -13.43 19.32
C GLN M 33 14.64 -13.14 20.67
N VAL M 34 15.44 -12.69 21.62
CA VAL M 34 14.97 -12.55 23.01
C VAL M 34 14.25 -11.21 23.07
N ASP M 35 12.99 -11.23 22.62
CA ASP M 35 12.07 -10.12 22.76
C ASP M 35 11.46 -10.16 24.15
N ASP M 36 10.51 -9.25 24.41
CA ASP M 36 9.85 -9.25 25.71
C ASP M 36 8.95 -10.48 25.86
N ALA M 37 8.15 -10.78 24.83
CA ALA M 37 7.31 -11.98 24.88
C ALA M 37 8.16 -13.23 25.04
N SER M 38 9.29 -13.29 24.33
CA SER M 38 10.19 -14.44 24.47
C SER M 38 10.71 -14.55 25.89
N ALA M 39 11.11 -13.42 26.49
CA ALA M 39 11.60 -13.45 27.86
C ALA M 39 10.51 -13.93 28.81
N ASN M 40 9.27 -13.51 28.57
CA ASN M 40 8.18 -14.00 29.41
C ASN M 40 8.06 -15.51 29.33
N ASP M 41 8.10 -16.06 28.12
CA ASP M 41 8.00 -17.51 27.99
C ASP M 41 9.15 -18.22 28.69
N ILE M 42 10.38 -17.70 28.52
CA ILE M 42 11.53 -18.35 29.15
C ILE M 42 11.40 -18.31 30.66
N MET M 43 11.00 -17.17 31.22
CA MET M 43 10.88 -17.06 32.67
C MET M 43 9.77 -17.97 33.19
N ALA M 44 8.66 -18.06 32.46
CA ALA M 44 7.61 -18.98 32.86
C ALA M 44 8.12 -20.42 32.89
N GLN M 45 8.89 -20.80 31.87
CA GLN M 45 9.44 -22.16 31.84
C GLN M 45 10.38 -22.40 33.02
N LEU M 46 11.27 -21.46 33.30
CA LEU M 46 12.19 -21.63 34.43
C LEU M 46 11.43 -21.76 35.74
N LEU M 47 10.42 -20.92 35.95
CA LEU M 47 9.65 -20.98 37.18
C LEU M 47 8.94 -22.33 37.31
N VAL M 48 8.30 -22.80 36.23
CA VAL M 48 7.60 -24.08 36.28
C VAL M 48 8.58 -25.20 36.58
N LEU M 49 9.74 -25.22 35.90
CA LEU M 49 10.68 -26.30 36.11
C LEU M 49 11.21 -26.30 37.54
N GLU M 50 11.49 -25.12 38.10
CA GLU M 50 11.90 -25.10 39.50
C GLU M 50 10.82 -25.69 40.39
N SER M 51 9.56 -25.31 40.16
CA SER M 51 8.48 -25.84 40.97
C SER M 51 8.42 -27.36 40.89
N LEU M 52 8.55 -27.91 39.68
CA LEU M 52 8.41 -29.35 39.51
C LEU M 52 9.50 -30.12 40.27
N ASP M 53 10.75 -29.67 40.18
CA ASP M 53 11.85 -30.34 40.87
C ASP M 53 12.96 -29.34 41.19
N PRO M 54 13.01 -28.81 42.42
CA PRO M 54 14.03 -27.81 42.76
C PRO M 54 15.47 -28.33 42.75
N ASP M 55 15.68 -29.65 42.86
CA ASP M 55 17.03 -30.19 42.98
C ASP M 55 17.62 -30.62 41.66
N ARG M 56 16.81 -31.15 40.76
CA ARG M 56 17.31 -31.66 39.49
C ARG M 56 17.66 -30.51 38.54
N ASP M 57 18.71 -30.70 37.75
CA ASP M 57 19.23 -29.63 36.90
C ASP M 57 18.27 -29.26 35.78
N ILE M 58 18.40 -28.02 35.32
CA ILE M 58 17.72 -27.52 34.13
C ILE M 58 18.79 -27.28 33.07
N THR M 59 18.52 -27.72 31.84
CA THR M 59 19.41 -27.45 30.71
C THR M 59 18.73 -26.47 29.76
N MET M 60 19.44 -25.41 29.43
CA MET M 60 18.96 -24.41 28.49
C MET M 60 19.84 -24.45 27.24
N TYR M 61 19.22 -24.73 26.10
CA TYR M 61 19.92 -24.69 24.82
C TYR M 61 19.80 -23.29 24.23
N ILE M 62 20.91 -22.76 23.76
CA ILE M 62 20.98 -21.39 23.29
C ILE M 62 21.33 -21.40 21.81
N ASN M 63 20.42 -20.88 20.99
CA ASN M 63 20.72 -20.61 19.58
C ASN M 63 19.86 -19.41 19.19
N SER M 64 20.45 -18.21 19.29
CA SER M 64 19.67 -17.03 19.00
C SER M 64 20.52 -15.88 18.46
N PRO M 65 20.06 -15.19 17.41
CA PRO M 65 20.85 -14.11 16.81
C PRO M 65 20.83 -12.79 17.59
N GLY M 66 20.01 -12.65 18.61
CA GLY M 66 19.99 -11.39 19.33
C GLY M 66 18.84 -11.30 20.32
N GLY M 67 18.66 -10.10 20.84
CA GLY M 67 17.64 -9.83 21.84
C GLY M 67 17.89 -8.48 22.48
N GLY M 68 16.88 -8.03 23.24
CA GLY M 68 16.97 -6.75 23.91
C GLY M 68 17.61 -6.86 25.28
N PHE M 69 18.04 -5.72 25.83
CA PHE M 69 18.72 -5.75 27.12
C PHE M 69 17.74 -5.95 28.27
N THR M 70 16.59 -5.28 28.23
CA THR M 70 15.64 -5.42 29.32
C THR M 70 15.18 -6.87 29.46
N SER M 71 14.90 -7.51 28.34
CA SER M 71 14.59 -8.93 28.33
C SER M 71 15.76 -9.76 28.85
N LEU M 72 16.98 -9.35 28.47
CA LEU M 72 18.17 -10.04 28.97
C LEU M 72 18.19 -10.08 30.48
N MET M 73 18.04 -8.92 31.14
CA MET M 73 18.15 -8.92 32.59
C MET M 73 16.98 -9.65 33.23
N ALA M 74 15.78 -9.56 32.63
CA ALA M 74 14.69 -10.38 33.14
C ALA M 74 15.10 -11.86 33.21
N ILE M 75 15.55 -12.41 32.09
CA ILE M 75 15.92 -13.83 32.08
C ILE M 75 17.08 -14.08 33.01
N TYR M 76 18.05 -13.16 33.03
CA TYR M 76 19.25 -13.37 33.84
C TYR M 76 18.89 -13.55 35.30
N ASP M 77 18.07 -12.64 35.84
CA ASP M 77 17.70 -12.76 37.24
C ASP M 77 16.89 -14.03 37.47
N THR M 78 15.99 -14.39 36.55
CA THR M 78 15.25 -15.63 36.79
C THR M 78 16.20 -16.83 36.82
N MET M 79 17.22 -16.83 35.95
CA MET M 79 18.19 -17.94 35.92
C MET M 79 18.98 -18.01 37.21
N GLN M 80 19.41 -16.87 37.75
CA GLN M 80 20.16 -16.91 39.01
C GLN M 80 19.26 -17.24 40.19
N TYR M 81 17.98 -16.91 40.08
CA TYR M 81 17.06 -16.99 41.21
C TYR M 81 16.66 -18.43 41.52
N VAL M 82 16.36 -19.23 40.48
CA VAL M 82 15.83 -20.56 40.70
C VAL M 82 16.85 -21.45 41.42
N ARG M 83 16.34 -22.37 42.24
CA ARG M 83 17.19 -23.24 43.04
C ARG M 83 18.02 -24.19 42.17
N ALA M 84 17.44 -24.70 41.10
CA ALA M 84 18.11 -25.70 40.28
C ALA M 84 19.29 -25.09 39.54
N ASP M 85 20.39 -25.85 39.45
CA ASP M 85 21.49 -25.45 38.58
C ASP M 85 20.98 -25.37 37.15
N ILE M 86 21.52 -24.42 36.39
CA ILE M 86 21.19 -24.30 34.98
C ILE M 86 22.43 -24.59 34.16
N GLN M 87 22.34 -25.63 33.34
CA GLN M 87 23.34 -25.96 32.35
C GLN M 87 23.00 -25.22 31.07
N THR M 88 23.99 -24.54 30.48
CA THR M 88 23.77 -23.77 29.26
C THR M 88 24.64 -24.35 28.15
N VAL M 89 24.01 -24.68 27.03
CA VAL M 89 24.71 -25.27 25.89
C VAL M 89 24.45 -24.38 24.68
N CYS M 90 25.52 -23.88 24.08
CA CYS M 90 25.41 -23.04 22.89
C CYS M 90 25.46 -23.90 21.65
N LEU M 91 24.35 -23.93 20.92
CA LEU M 91 24.26 -24.49 19.59
C LEU M 91 24.25 -23.34 18.61
N GLY M 92 24.82 -23.55 17.43
CA GLY M 92 24.77 -22.48 16.45
C GLY M 92 25.48 -21.26 17.00
N GLN M 93 24.71 -20.25 17.41
CA GLN M 93 25.28 -19.00 17.89
C GLN M 93 24.56 -18.50 19.13
N ALA M 94 25.30 -17.75 19.95
CA ALA M 94 24.75 -17.03 21.10
C ALA M 94 25.14 -15.57 20.93
N ALA M 95 24.20 -14.73 20.49
CA ALA M 95 24.49 -13.34 20.14
C ALA M 95 23.80 -12.35 21.08
N SER M 96 24.65 -11.55 21.73
CA SER M 96 24.37 -10.34 22.52
C SER M 96 23.63 -10.63 23.82
N ALA M 97 22.41 -11.14 23.76
CA ALA M 97 21.69 -11.41 25.00
C ALA M 97 21.78 -12.89 25.27
N ALA M 98 21.76 -13.66 24.20
CA ALA M 98 22.09 -15.08 24.29
C ALA M 98 23.53 -15.26 24.76
N ALA M 99 24.45 -14.38 24.35
CA ALA M 99 25.82 -14.51 24.83
C ALA M 99 25.90 -14.24 26.33
N VAL M 100 25.25 -13.16 26.80
CA VAL M 100 25.29 -12.95 28.24
C VAL M 100 24.65 -14.12 28.98
N LEU M 101 23.51 -14.62 28.48
CA LEU M 101 22.83 -15.72 29.17
C LEU M 101 23.67 -17.00 29.15
N LEU M 102 24.45 -17.20 28.09
CA LEU M 102 25.39 -18.32 28.07
C LEU M 102 26.41 -18.18 29.18
N ALA M 103 27.00 -16.98 29.31
CA ALA M 103 27.95 -16.75 30.39
C ALA M 103 27.30 -16.91 31.76
N ALA M 104 26.00 -16.61 31.87
CA ALA M 104 25.30 -16.58 33.13
C ALA M 104 24.93 -17.96 33.68
N GLY M 105 25.22 -19.03 32.97
CA GLY M 105 24.89 -20.35 33.46
C GLY M 105 25.72 -20.72 34.67
N THR M 106 25.38 -21.87 35.25
CA THR M 106 26.06 -22.33 36.46
C THR M 106 27.52 -22.66 36.14
N PRO M 107 28.48 -22.14 36.90
CA PRO M 107 29.90 -22.43 36.62
C PRO M 107 30.18 -23.93 36.60
N GLY M 108 30.96 -24.34 35.59
CA GLY M 108 31.28 -25.73 35.38
C GLY M 108 30.32 -26.43 34.45
N LYS M 109 29.18 -25.80 34.13
CA LYS M 109 28.16 -26.39 33.27
C LYS M 109 27.84 -25.49 32.08
N ARG M 110 28.69 -24.52 31.77
CA ARG M 110 28.53 -23.68 30.59
C ARG M 110 29.34 -24.28 29.45
N MET M 111 28.66 -24.73 28.40
CA MET M 111 29.30 -25.50 27.35
C MET M 111 28.85 -25.04 25.97
N ALA M 112 29.66 -25.34 24.97
CA ALA M 112 29.34 -25.00 23.59
C ALA M 112 29.85 -26.07 22.65
N LEU M 113 29.17 -26.22 21.52
CA LEU M 113 29.61 -27.16 20.50
C LEU M 113 30.82 -26.58 19.75
N PRO M 114 31.64 -27.45 19.14
CA PRO M 114 32.90 -26.99 18.55
C PRO M 114 32.80 -25.79 17.62
N ASN M 115 31.80 -25.73 16.75
CA ASN M 115 31.67 -24.62 15.80
C ASN M 115 30.67 -23.57 16.29
N ALA M 116 30.31 -23.61 17.57
CA ALA M 116 29.43 -22.60 18.12
C ALA M 116 30.10 -21.23 18.04
N ARG M 117 29.30 -20.21 17.75
CA ARG M 117 29.79 -18.85 17.62
C ARG M 117 29.18 -17.99 18.72
N VAL M 118 30.03 -17.23 19.41
CA VAL M 118 29.59 -16.35 20.49
C VAL M 118 29.91 -14.92 20.09
N LEU M 119 28.88 -14.07 20.10
CA LEU M 119 29.00 -12.67 19.69
C LEU M 119 28.61 -11.76 20.83
N ILE M 120 29.56 -10.96 21.31
CA ILE M 120 29.32 -10.01 22.38
C ILE M 120 29.53 -8.60 21.85
N HIS M 121 28.60 -7.71 22.17
CA HIS M 121 28.74 -6.32 21.76
C HIS M 121 27.87 -5.45 22.65
N GLN M 122 28.24 -4.18 22.72
CA GLN M 122 27.50 -3.23 23.52
C GLN M 122 26.02 -3.21 23.11
N PRO M 123 25.13 -2.89 24.04
CA PRO M 123 23.70 -2.82 23.68
C PRO M 123 23.44 -1.66 22.73
N SER M 124 22.39 -1.80 21.93
CA SER M 124 22.08 -0.78 20.94
C SER M 124 20.57 -0.65 20.79
N LEU M 125 20.16 0.47 20.20
CA LEU M 125 18.76 0.72 19.87
C LEU M 125 18.51 0.41 18.41
N SER M 126 17.23 0.31 18.09
CA SER M 126 16.75 0.27 16.72
C SER M 126 15.59 1.24 16.61
N GLY M 127 15.37 1.77 15.41
CA GLY M 127 14.40 2.83 15.33
C GLY M 127 14.97 4.08 15.99
N VAL M 128 14.08 4.92 16.50
CA VAL M 128 14.48 6.16 17.15
C VAL M 128 13.60 6.42 18.35
N ILE M 129 14.22 6.80 19.46
CA ILE M 129 13.50 7.34 20.62
C ILE M 129 13.44 8.85 20.45
N GLN M 130 12.24 9.39 20.36
CA GLN M 130 12.05 10.82 20.17
C GLN M 130 11.42 11.46 21.39
N GLY M 131 11.69 12.73 21.57
CA GLY M 131 11.14 13.47 22.69
C GLY M 131 11.87 14.79 22.86
N GLN M 132 11.58 15.44 23.99
CA GLN M 132 12.30 16.65 24.31
C GLN M 132 13.72 16.30 24.73
N PHE M 133 14.63 17.26 24.56
CA PHE M 133 16.01 17.01 24.99
C PHE M 133 16.05 16.55 26.44
N SER M 134 15.17 17.10 27.29
CA SER M 134 15.15 16.68 28.69
C SER M 134 14.72 15.23 28.85
N ASP M 135 13.86 14.71 27.97
CA ASP M 135 13.52 13.29 28.01
C ASP M 135 14.66 12.43 27.51
N LEU M 136 15.35 12.91 26.48
CA LEU M 136 16.44 12.15 25.89
C LEU M 136 17.68 12.15 26.76
N GLU M 137 17.88 13.18 27.60
CA GLU M 137 18.92 13.08 28.61
C GLU M 137 18.69 11.88 29.50
N ILE M 138 17.45 11.67 29.94
CA ILE M 138 17.11 10.54 30.79
C ILE M 138 17.28 9.23 30.04
N GLN M 139 16.77 9.17 28.80
CA GLN M 139 16.87 7.92 28.05
C GLN M 139 18.32 7.56 27.77
N ALA M 140 19.14 8.54 27.44
CA ALA M 140 20.56 8.28 27.21
C ALA M 140 21.24 7.82 28.49
N ALA M 141 20.89 8.44 29.62
CA ALA M 141 21.45 8.00 30.90
C ALA M 141 21.08 6.55 31.17
N GLU M 142 19.83 6.16 30.90
CA GLU M 142 19.42 4.78 31.13
C GLU M 142 20.14 3.82 30.20
N ILE M 143 20.39 4.23 28.96
CA ILE M 143 21.08 3.34 28.03
C ILE M 143 22.53 3.16 28.45
N GLU M 144 23.17 4.23 28.92
CA GLU M 144 24.52 4.08 29.46
C GLU M 144 24.51 3.17 30.69
N ARG M 145 23.49 3.29 31.54
CA ARG M 145 23.37 2.38 32.66
C ARG M 145 23.26 0.94 32.19
N MET M 146 22.47 0.69 31.15
CA MET M 146 22.31 -0.67 30.65
C MET M 146 23.64 -1.21 30.11
N ARG M 147 24.41 -0.38 29.41
CA ARG M 147 25.72 -0.83 28.97
C ARG M 147 26.60 -1.19 30.16
N THR M 148 26.64 -0.31 31.17
CA THR M 148 27.45 -0.58 32.35
C THR M 148 27.05 -1.90 33.01
N LEU M 149 25.74 -2.14 33.12
CA LEU M 149 25.26 -3.34 33.78
C LEU M 149 25.60 -4.60 32.96
N MET M 150 25.46 -4.52 31.63
CA MET M 150 25.86 -5.65 30.78
C MET M 150 27.31 -6.00 31.01
N GLU M 151 28.18 -4.99 30.97
CA GLU M 151 29.61 -5.23 31.11
C GLU M 151 29.95 -5.75 32.50
N THR M 152 29.30 -5.22 33.53
CA THR M 152 29.53 -5.69 34.89
C THR M 152 29.10 -7.15 35.04
N THR M 153 27.96 -7.51 34.47
CA THR M 153 27.48 -8.89 34.55
C THR M 153 28.47 -9.83 33.88
N LEU M 154 28.92 -9.49 32.68
CA LEU M 154 29.90 -10.34 32.02
C LEU M 154 31.18 -10.43 32.83
N ALA M 155 31.62 -9.33 33.45
CA ALA M 155 32.82 -9.41 34.28
C ALA M 155 32.61 -10.38 35.43
N ARG M 156 31.44 -10.33 36.07
CA ARG M 156 31.16 -11.24 37.18
C ARG M 156 31.28 -12.69 36.72
N HIS M 157 30.85 -12.99 35.50
CA HIS M 157 30.81 -14.40 35.07
C HIS M 157 32.00 -14.86 34.24
N THR M 158 32.82 -13.95 33.71
CA THR M 158 33.95 -14.33 32.87
C THR M 158 35.29 -14.17 33.55
N GLY M 159 35.38 -13.36 34.60
CA GLY M 159 36.64 -13.10 35.27
C GLY M 159 37.49 -12.02 34.64
N LYS M 160 37.03 -11.43 33.55
CA LYS M 160 37.74 -10.30 32.94
C LYS M 160 37.28 -9.02 33.61
N ASP M 161 38.20 -8.07 33.72
CA ASP M 161 37.83 -6.78 34.31
C ASP M 161 36.78 -6.11 33.44
N ALA M 162 35.82 -5.45 34.09
CA ALA M 162 34.75 -4.80 33.34
C ALA M 162 35.30 -3.77 32.36
N GLY M 163 36.45 -3.17 32.65
CA GLY M 163 37.06 -2.25 31.70
C GLY M 163 37.49 -2.94 30.42
N VAL M 164 38.08 -4.13 30.55
CA VAL M 164 38.49 -4.89 29.37
C VAL M 164 37.28 -5.24 28.53
N ILE M 165 36.20 -5.68 29.17
CA ILE M 165 34.99 -6.02 28.44
C ILE M 165 34.42 -4.78 27.77
N ARG M 166 34.43 -3.64 28.47
CA ARG M 166 33.93 -2.41 27.89
C ARG M 166 34.68 -2.07 26.61
N LYS M 167 36.00 -2.27 26.60
CA LYS M 167 36.75 -2.04 25.36
C LYS M 167 36.43 -3.11 24.31
N ASP M 168 36.40 -4.38 24.71
CA ASP M 168 36.21 -5.48 23.76
C ASP M 168 34.86 -5.39 23.05
N THR M 169 33.80 -5.01 23.77
CA THR M 169 32.46 -4.98 23.21
C THR M 169 32.15 -3.70 22.44
N ASP M 170 33.14 -2.83 22.26
CA ASP M 170 32.92 -1.61 21.50
C ASP M 170 32.45 -1.92 20.09
N ARG M 171 33.09 -2.89 19.44
CA ARG M 171 32.71 -3.36 18.11
C ARG M 171 32.37 -4.83 18.23
N ASP M 172 31.56 -5.33 17.28
CA ASP M 172 31.20 -6.74 17.30
C ASP M 172 32.45 -7.59 17.47
N LYS M 173 32.52 -8.29 18.60
CA LYS M 173 33.61 -9.22 18.86
C LYS M 173 33.07 -10.63 18.78
N ILE M 174 33.55 -11.39 17.79
CA ILE M 174 33.07 -12.73 17.53
C ILE M 174 34.12 -13.71 18.02
N LEU M 175 33.69 -14.63 18.88
CA LEU M 175 34.56 -15.64 19.46
C LEU M 175 34.18 -17.01 18.93
N THR M 176 35.18 -17.81 18.61
CA THR M 176 34.94 -19.21 18.32
C THR M 176 34.69 -19.95 19.63
N ALA M 177 34.22 -21.19 19.52
CA ALA M 177 33.97 -21.97 20.73
C ALA M 177 35.22 -22.03 21.61
N GLU M 178 36.38 -22.29 20.99
CA GLU M 178 37.62 -22.35 21.76
C GLU M 178 37.94 -20.99 22.39
N GLU M 179 37.78 -19.91 21.62
CA GLU M 179 38.03 -18.59 22.17
C GLU M 179 37.04 -18.26 23.28
N ALA M 180 35.77 -18.64 23.10
CA ALA M 180 34.81 -18.44 24.17
C ALA M 180 35.24 -19.15 25.45
N LYS M 181 35.88 -20.32 25.30
CA LYS M 181 36.44 -20.97 26.48
C LYS M 181 37.57 -20.15 27.09
N ASP M 182 38.54 -19.76 26.27
CA ASP M 182 39.68 -19.00 26.79
C ASP M 182 39.24 -17.66 27.35
N TYR M 183 38.18 -17.07 26.82
CA TYR M 183 37.71 -15.75 27.22
C TYR M 183 36.80 -15.80 28.44
N GLY M 184 36.47 -16.98 28.94
CA GLY M 184 35.69 -17.11 30.15
C GLY M 184 34.18 -17.13 29.98
N ILE M 185 33.67 -17.30 28.76
CA ILE M 185 32.22 -17.34 28.58
C ILE M 185 31.69 -18.75 28.78
N ILE M 186 32.46 -19.77 28.39
CA ILE M 186 32.05 -21.15 28.60
C ILE M 186 33.16 -21.87 29.37
N ASP M 187 32.78 -22.97 30.01
CA ASP M 187 33.72 -23.78 30.77
C ASP M 187 34.40 -24.83 29.91
N THR M 188 33.71 -25.35 28.90
CA THR M 188 34.31 -26.38 28.06
C THR M 188 33.62 -26.42 26.71
N VAL M 189 34.34 -26.95 25.72
CA VAL M 189 33.81 -27.18 24.38
C VAL M 189 33.44 -28.65 24.29
N LEU M 190 32.21 -28.92 23.87
CA LEU M 190 31.70 -30.28 23.85
C LEU M 190 32.42 -31.13 22.81
N GLU M 191 32.79 -32.34 23.20
CA GLU M 191 33.28 -33.32 22.25
C GLU M 191 32.09 -34.01 21.59
N TYR M 192 32.26 -34.40 20.34
CA TYR M 192 31.22 -35.15 19.66
C TYR M 192 31.10 -36.53 20.30
N ARG M 193 29.86 -36.99 20.48
CA ARG M 193 29.60 -38.26 21.14
C ARG M 193 29.25 -39.39 20.16
N LYS M 194 29.44 -39.18 18.86
CA LYS M 194 29.10 -40.20 17.89
C LYS M 194 29.74 -41.53 18.28
N LEU M 195 28.91 -42.59 18.30
CA LEU M 195 29.41 -43.90 18.71
C LEU M 195 30.45 -44.44 17.74
N SER M 196 30.30 -44.13 16.46
CA SER M 196 31.24 -44.59 15.45
C SER M 196 32.16 -43.45 15.03
N ASN N 17 0.47 -25.96 28.54
CA ASN N 17 1.65 -25.06 28.36
C ASN N 17 2.06 -24.47 29.71
N PRO N 18 3.22 -23.81 29.77
CA PRO N 18 3.71 -23.29 31.06
C PRO N 18 2.71 -22.38 31.77
N TYR N 19 1.94 -21.58 31.03
CA TYR N 19 1.05 -20.63 31.68
C TYR N 19 -0.14 -21.32 32.34
N ASN N 20 -0.67 -22.39 31.74
CA ASN N 20 -1.74 -23.11 32.40
C ASN N 20 -1.25 -23.79 33.67
N LYS N 21 -0.02 -24.31 33.66
CA LYS N 21 0.54 -24.89 34.88
C LYS N 21 0.71 -23.81 35.96
N LEU N 22 1.27 -22.66 35.59
CA LEU N 22 1.39 -21.57 36.54
C LEU N 22 0.03 -21.20 37.12
N PHE N 23 -1.00 -21.13 36.26
CA PHE N 23 -2.33 -20.82 36.77
C PHE N 23 -2.78 -21.86 37.78
N GLU N 24 -2.58 -23.14 37.48
CA GLU N 24 -2.92 -24.18 38.44
C GLU N 24 -2.18 -24.02 39.76
N GLU N 25 -1.05 -23.32 39.76
CA GLU N 25 -0.36 -22.98 41.00
C GLU N 25 -0.78 -21.62 41.54
N ARG N 26 -1.88 -21.06 41.03
CA ARG N 26 -2.40 -19.76 41.47
C ARG N 26 -1.43 -18.63 41.13
N ILE N 27 -0.86 -18.70 39.93
CA ILE N 27 0.09 -17.70 39.47
C ILE N 27 -0.47 -17.03 38.22
N ILE N 28 -0.53 -15.69 38.26
CA ILE N 28 -0.91 -14.87 37.12
C ILE N 28 0.35 -14.24 36.58
N PHE N 29 0.54 -14.31 35.26
CA PHE N 29 1.74 -13.75 34.64
C PHE N 29 1.35 -12.52 33.82
N LEU N 30 1.63 -11.35 34.37
CA LEU N 30 1.31 -10.06 33.74
C LEU N 30 2.46 -9.67 32.80
N GLY N 31 2.59 -10.42 31.72
CA GLY N 31 3.71 -10.30 30.81
C GLY N 31 3.49 -9.47 29.58
N VAL N 32 2.40 -8.71 29.49
CA VAL N 32 2.05 -8.00 28.27
C VAL N 32 1.76 -6.53 28.59
N GLN N 33 1.76 -5.72 27.54
CA GLN N 33 1.27 -4.35 27.67
C GLN N 33 -0.16 -4.41 28.19
N VAL N 34 -0.45 -3.62 29.22
CA VAL N 34 -1.75 -3.71 29.89
C VAL N 34 -2.72 -2.89 29.07
N ASP N 35 -3.22 -3.52 28.00
CA ASP N 35 -4.29 -2.98 27.17
C ASP N 35 -5.62 -3.31 27.84
N ASP N 36 -6.71 -2.97 27.16
CA ASP N 36 -8.03 -3.28 27.71
C ASP N 36 -8.29 -4.78 27.69
N ALA N 37 -7.98 -5.44 26.57
CA ALA N 37 -8.13 -6.90 26.49
C ALA N 37 -7.26 -7.59 27.54
N SER N 38 -6.04 -7.10 27.72
CA SER N 38 -5.16 -7.67 28.73
C SER N 38 -5.75 -7.52 30.12
N ALA N 39 -6.29 -6.33 30.42
CA ALA N 39 -6.92 -6.12 31.73
C ALA N 39 -8.09 -7.05 31.92
N ASN N 40 -8.88 -7.28 30.88
CA ASN N 40 -9.98 -8.24 30.99
C ASN N 40 -9.47 -9.62 31.36
N ASP N 41 -8.42 -10.08 30.68
CA ASP N 41 -7.89 -11.41 31.01
C ASP N 41 -7.38 -11.46 32.44
N ILE N 42 -6.66 -10.42 32.88
CA ILE N 42 -6.13 -10.44 34.25
C ILE N 42 -7.26 -10.47 35.26
N MET N 43 -8.29 -9.65 35.05
CA MET N 43 -9.39 -9.61 36.00
C MET N 43 -10.14 -10.94 36.02
N ALA N 44 -10.33 -11.55 34.85
CA ALA N 44 -10.96 -12.87 34.82
C ALA N 44 -10.14 -13.87 35.62
N GLN N 45 -8.81 -13.84 35.47
CA GLN N 45 -7.98 -14.77 36.22
C GLN N 45 -8.09 -14.53 37.72
N LEU N 46 -8.04 -13.26 38.15
CA LEU N 46 -8.16 -12.97 39.58
C LEU N 46 -9.49 -13.45 40.13
N LEU N 47 -10.58 -13.20 39.40
CA LEU N 47 -11.90 -13.63 39.85
C LEU N 47 -11.98 -15.15 39.97
N VAL N 48 -11.47 -15.86 38.96
CA VAL N 48 -11.51 -17.32 39.01
C VAL N 48 -10.69 -17.84 40.18
N LEU N 49 -9.49 -17.29 40.38
CA LEU N 49 -8.64 -17.79 41.46
C LEU N 49 -9.28 -17.52 42.82
N GLU N 50 -9.90 -16.37 43.00
CA GLU N 50 -10.61 -16.14 44.26
C GLU N 50 -11.70 -17.17 44.46
N SER N 51 -12.48 -17.45 43.40
CA SER N 51 -13.54 -18.43 43.54
C SER N 51 -12.99 -19.79 43.94
N LEU N 52 -11.89 -20.22 43.32
CA LEU N 52 -11.35 -21.55 43.59
C LEU N 52 -10.91 -21.69 45.05
N ASP N 53 -10.21 -20.69 45.59
CA ASP N 53 -9.75 -20.75 46.97
C ASP N 53 -9.60 -19.33 47.53
N PRO N 54 -10.59 -18.85 48.28
CA PRO N 54 -10.51 -17.48 48.82
C PRO N 54 -9.40 -17.24 49.83
N ASP N 55 -8.89 -18.29 50.47
CA ASP N 55 -7.92 -18.12 51.56
C ASP N 55 -6.48 -18.21 51.09
N ARG N 56 -6.20 -19.08 50.11
CA ARG N 56 -4.84 -19.28 49.66
C ARG N 56 -4.37 -18.11 48.80
N ASP N 57 -3.09 -17.78 48.91
CA ASP N 57 -2.54 -16.59 48.25
C ASP N 57 -2.52 -16.74 46.73
N ILE N 58 -2.56 -15.59 46.07
CA ILE N 58 -2.36 -15.47 44.62
C ILE N 58 -1.03 -14.76 44.41
N THR N 59 -0.22 -15.28 43.49
CA THR N 59 1.04 -14.61 43.11
C THR N 59 0.91 -14.08 41.70
N MET N 60 1.22 -12.81 41.52
CA MET N 60 1.20 -12.17 40.22
C MET N 60 2.63 -11.79 39.84
N TYR N 61 3.11 -12.33 38.73
CA TYR N 61 4.42 -11.96 38.21
C TYR N 61 4.25 -10.80 37.24
N ILE N 62 5.10 -9.80 37.39
CA ILE N 62 5.00 -8.57 36.63
C ILE N 62 6.24 -8.42 35.77
N ASN N 63 6.03 -8.39 34.45
CA ASN N 63 7.09 -8.03 33.50
C ASN N 63 6.40 -7.37 32.31
N SER N 64 6.29 -6.05 32.34
CA SER N 64 5.58 -5.39 31.27
C SER N 64 6.08 -3.97 31.00
N PRO N 65 6.27 -3.60 29.73
CA PRO N 65 6.80 -2.27 29.41
C PRO N 65 5.80 -1.13 29.53
N GLY N 66 4.52 -1.39 29.74
CA GLY N 66 3.58 -0.29 29.84
C GLY N 66 2.13 -0.76 29.84
N GLY N 67 1.24 0.20 29.72
CA GLY N 67 -0.19 -0.05 29.75
C GLY N 67 -0.94 1.25 29.91
N GLY N 68 -2.26 1.17 29.71
CA GLY N 68 -3.12 2.33 29.83
C GLY N 68 -3.61 2.54 31.26
N PHE N 69 -4.10 3.76 31.53
CA PHE N 69 -4.54 4.06 32.89
C PHE N 69 -5.88 3.42 33.21
N THR N 70 -6.82 3.46 32.27
CA THR N 70 -8.13 2.88 32.55
C THR N 70 -8.01 1.40 32.86
N SER N 71 -7.20 0.68 32.08
CA SER N 71 -6.90 -0.72 32.36
C SER N 71 -6.21 -0.87 33.71
N LEU N 72 -5.32 0.08 34.04
CA LEU N 72 -4.65 0.05 35.33
C LEU N 72 -5.66 0.02 36.47
N MET N 73 -6.60 0.98 36.47
CA MET N 73 -7.52 1.03 37.60
C MET N 73 -8.46 -0.17 37.60
N ALA N 74 -8.84 -0.68 36.42
CA ALA N 74 -9.61 -1.93 36.41
C ALA N 74 -8.88 -3.01 37.20
N ILE N 75 -7.64 -3.29 36.82
CA ILE N 75 -6.90 -4.36 37.50
C ILE N 75 -6.70 -4.01 38.98
N TYR N 76 -6.41 -2.74 39.26
CA TYR N 76 -6.13 -2.34 40.64
C TYR N 76 -7.29 -2.66 41.55
N ASP N 77 -8.50 -2.25 41.15
CA ASP N 77 -9.66 -2.55 41.99
C ASP N 77 -9.89 -4.05 42.10
N THR N 78 -9.72 -4.79 41.01
CA THR N 78 -9.90 -6.24 41.16
C THR N 78 -8.90 -6.83 42.14
N MET N 79 -7.65 -6.34 42.11
CA MET N 79 -6.63 -6.84 43.03
C MET N 79 -6.98 -6.53 44.48
N GLN N 80 -7.48 -5.32 44.75
CA GLN N 80 -7.83 -4.98 46.13
C GLN N 80 -9.11 -5.71 46.56
N TYR N 81 -9.96 -6.03 45.60
CA TYR N 81 -11.29 -6.54 45.92
C TYR N 81 -11.26 -8.00 46.37
N VAL N 82 -10.46 -8.84 45.70
CA VAL N 82 -10.50 -10.28 45.98
C VAL N 82 -10.02 -10.55 47.40
N ARG N 83 -10.60 -11.60 48.01
CA ARG N 83 -10.28 -11.95 49.39
C ARG N 83 -8.83 -12.38 49.56
N ALA N 84 -8.29 -13.12 48.60
CA ALA N 84 -6.95 -13.67 48.75
C ALA N 84 -5.89 -12.58 48.71
N ASP N 85 -4.87 -12.71 49.56
CA ASP N 85 -3.70 -11.84 49.44
C ASP N 85 -3.07 -12.01 48.07
N ILE N 86 -2.55 -10.92 47.51
CA ILE N 86 -1.84 -10.99 46.24
C ILE N 86 -0.38 -10.64 46.48
N GLN N 87 0.47 -11.60 46.18
CA GLN N 87 1.91 -11.39 46.17
C GLN N 87 2.31 -10.93 44.78
N THR N 88 3.11 -9.86 44.72
CA THR N 88 3.54 -9.30 43.45
C THR N 88 5.05 -9.39 43.35
N VAL N 89 5.53 -9.98 42.27
CA VAL N 89 6.97 -10.15 42.04
C VAL N 89 7.32 -9.51 40.72
N CYS N 90 8.24 -8.55 40.75
CA CYS N 90 8.67 -7.88 39.54
C CYS N 90 9.87 -8.62 38.93
N LEU N 91 9.66 -9.18 37.75
CA LEU N 91 10.71 -9.73 36.92
C LEU N 91 10.99 -8.72 35.81
N GLY N 92 12.22 -8.63 35.37
CA GLY N 92 12.48 -7.72 34.27
C GLY N 92 12.14 -6.31 34.69
N GLN N 93 11.01 -5.79 34.19
CA GLN N 93 10.61 -4.42 34.47
C GLN N 93 9.12 -4.33 34.78
N ALA N 94 8.78 -3.31 35.56
CA ALA N 94 7.39 -2.93 35.85
C ALA N 94 7.24 -1.47 35.47
N ALA N 95 6.65 -1.19 34.30
CA ALA N 95 6.59 0.16 33.76
C ALA N 95 5.16 0.70 33.71
N SER N 96 4.97 1.82 34.42
CA SER N 96 3.84 2.74 34.43
C SER N 96 2.57 2.14 35.03
N ALA N 97 2.01 1.10 34.44
CA ALA N 97 0.80 0.52 34.99
C ALA N 97 1.18 -0.73 35.74
N ALA N 98 2.17 -1.43 35.21
CA ALA N 98 2.82 -2.50 35.93
C ALA N 98 3.49 -1.98 37.19
N ALA N 99 4.04 -0.76 37.16
CA ALA N 99 4.64 -0.20 38.36
C ALA N 99 3.58 0.07 39.42
N VAL N 100 2.47 0.71 39.02
CA VAL N 100 1.42 0.92 40.03
C VAL N 100 0.92 -0.42 40.57
N LEU N 101 0.70 -1.40 39.69
CA LEU N 101 0.18 -2.69 40.15
C LEU N 101 1.18 -3.40 41.06
N LEU N 102 2.48 -3.21 40.82
CA LEU N 102 3.48 -3.74 41.73
C LEU N 102 3.33 -3.11 43.11
N ALA N 103 3.20 -1.79 43.15
CA ALA N 103 2.99 -1.12 44.44
C ALA N 103 1.70 -1.58 45.10
N ALA N 104 0.69 -1.94 44.31
CA ALA N 104 -0.65 -2.24 44.82
C ALA N 104 -0.78 -3.62 45.44
N GLY N 105 0.28 -4.42 45.45
CA GLY N 105 0.19 -5.74 46.04
C GLY N 105 0.02 -5.66 47.56
N THR N 106 -0.19 -6.83 48.16
CA THR N 106 -0.42 -6.90 49.60
C THR N 106 0.85 -6.49 50.34
N PRO N 107 0.77 -5.57 51.30
CA PRO N 107 1.97 -5.14 52.04
C PRO N 107 2.68 -6.32 52.68
N GLY N 108 4.01 -6.31 52.56
CA GLY N 108 4.85 -7.39 53.04
C GLY N 108 5.12 -8.46 52.03
N LYS N 109 4.38 -8.46 50.91
CA LYS N 109 4.52 -9.46 49.86
C LYS N 109 4.82 -8.84 48.50
N ARG N 110 5.24 -7.57 48.47
CA ARG N 110 5.65 -6.91 47.23
C ARG N 110 7.15 -7.06 47.08
N MET N 111 7.59 -7.78 46.06
CA MET N 111 8.99 -8.15 45.93
C MET N 111 9.48 -7.97 44.50
N ALA N 112 10.80 -7.85 44.35
CA ALA N 112 11.41 -7.71 43.04
C ALA N 112 12.76 -8.41 43.02
N LEU N 113 13.15 -8.86 41.84
CA LEU N 113 14.45 -9.48 41.66
C LEU N 113 15.54 -8.39 41.65
N PRO N 114 16.78 -8.76 41.97
CA PRO N 114 17.83 -7.75 42.15
C PRO N 114 17.99 -6.75 41.02
N ASN N 115 17.91 -7.18 39.76
CA ASN N 115 18.09 -6.28 38.63
C ASN N 115 16.76 -5.83 38.04
N ALA N 116 15.67 -6.05 38.77
CA ALA N 116 14.38 -5.57 38.31
C ALA N 116 14.37 -4.06 38.21
N ARG N 117 13.70 -3.55 37.18
CA ARG N 117 13.63 -2.12 36.92
C ARG N 117 12.19 -1.65 37.08
N VAL N 118 11.99 -0.58 37.83
CA VAL N 118 10.66 -0.01 38.06
C VAL N 118 10.64 1.39 37.48
N LEU N 119 9.68 1.64 36.60
CA LEU N 119 9.56 2.92 35.91
C LEU N 119 8.20 3.53 36.21
N ILE N 120 8.20 4.69 36.87
CA ILE N 120 6.98 5.42 37.19
C ILE N 120 7.00 6.75 36.45
N HIS N 121 5.87 7.09 35.83
CA HIS N 121 5.75 8.37 35.15
C HIS N 121 4.28 8.71 35.00
N GLN N 122 4.02 10.01 34.86
CA GLN N 122 2.66 10.49 34.69
C GLN N 122 2.00 9.79 33.49
N PRO N 123 0.68 9.64 33.52
CA PRO N 123 -0.01 9.02 32.39
C PRO N 123 0.06 9.91 31.17
N SER N 124 -0.02 9.28 29.99
CA SER N 124 0.10 10.02 28.75
C SER N 124 -0.81 9.41 27.69
N LEU N 125 -1.06 10.18 26.65
CA LEU N 125 -1.81 9.73 25.49
C LEU N 125 -0.87 9.32 24.37
N SER N 126 -1.43 8.62 23.40
CA SER N 126 -0.79 8.35 22.13
C SER N 126 -1.80 8.64 21.03
N GLY N 127 -1.31 9.00 19.86
CA GLY N 127 -2.24 9.46 18.86
C GLY N 127 -2.76 10.84 19.27
N VAL N 128 -3.97 11.15 18.84
CA VAL N 128 -4.60 12.43 19.13
C VAL N 128 -6.08 12.23 19.40
N ILE N 129 -6.58 12.88 20.45
CA ILE N 129 -8.01 13.00 20.69
C ILE N 129 -8.45 14.30 20.03
N GLN N 130 -9.36 14.19 19.07
CA GLN N 130 -9.84 15.36 18.34
C GLN N 130 -11.30 15.61 18.65
N GLY N 131 -11.70 16.87 18.52
CA GLY N 131 -13.08 17.24 18.77
C GLY N 131 -13.20 18.74 18.88
N GLN N 132 -14.37 19.18 19.32
CA GLN N 132 -14.56 20.60 19.58
C GLN N 132 -13.81 20.97 20.86
N PHE N 133 -13.45 22.25 20.96
CA PHE N 133 -12.78 22.71 22.17
C PHE N 133 -13.58 22.32 23.41
N SER N 134 -14.90 22.38 23.33
CA SER N 134 -15.73 22.00 24.48
C SER N 134 -15.61 20.53 24.81
N ASP N 135 -15.38 19.66 23.83
CA ASP N 135 -15.14 18.24 24.13
C ASP N 135 -13.76 18.03 24.72
N LEU N 136 -12.79 18.80 24.24
CA LEU N 136 -11.42 18.64 24.70
C LEU N 136 -11.21 19.25 26.08
N GLU N 137 -12.02 20.24 26.47
CA GLU N 137 -12.01 20.67 27.86
C GLU N 137 -12.33 19.50 28.78
N ILE N 138 -13.37 18.73 28.42
CA ILE N 138 -13.76 17.58 29.22
C ILE N 138 -12.69 16.50 29.19
N GLN N 139 -12.15 16.19 28.01
CA GLN N 139 -11.13 15.15 27.93
C GLN N 139 -9.89 15.53 28.73
N ALA N 140 -9.47 16.79 28.65
CA ALA N 140 -8.32 17.24 29.41
C ALA N 140 -8.60 17.18 30.91
N ALA N 141 -9.82 17.55 31.31
CA ALA N 141 -10.17 17.43 32.73
C ALA N 141 -10.09 15.98 33.19
N GLU N 142 -10.57 15.05 32.37
CA GLU N 142 -10.51 13.64 32.75
C GLU N 142 -9.07 13.14 32.82
N ILE N 143 -8.22 13.61 31.92
CA ILE N 143 -6.82 13.17 31.95
C ILE N 143 -6.12 13.72 33.20
N GLU N 144 -6.41 14.96 33.57
CA GLU N 144 -5.85 15.48 34.82
C GLU N 144 -6.37 14.69 36.01
N ARG N 145 -7.65 14.29 35.97
CA ARG N 145 -8.18 13.44 37.03
C ARG N 145 -7.43 12.12 37.10
N MET N 146 -7.14 11.53 35.94
CA MET N 146 -6.42 10.26 35.93
C MET N 146 -5.02 10.41 36.52
N ARG N 147 -4.33 11.51 36.19
CA ARG N 147 -3.03 11.76 36.81
C ARG N 147 -3.16 11.87 38.32
N THR N 148 -4.13 12.65 38.79
CA THR N 148 -4.32 12.82 40.22
C THR N 148 -4.57 11.47 40.89
N LEU N 149 -5.40 10.63 40.27
CA LEU N 149 -5.73 9.33 40.86
C LEU N 149 -4.52 8.42 40.89
N MET N 150 -3.73 8.39 39.81
CA MET N 150 -2.50 7.60 39.80
C MET N 150 -1.60 8.00 40.96
N GLU N 151 -1.37 9.30 41.11
CA GLU N 151 -0.46 9.78 42.15
C GLU N 151 -1.02 9.48 43.54
N THR N 152 -2.33 9.65 43.72
CA THR N 152 -2.94 9.35 45.01
C THR N 152 -2.81 7.87 45.35
N THR N 153 -3.03 6.99 44.36
CA THR N 153 -2.91 5.55 44.59
C THR N 153 -1.48 5.20 45.01
N LEU N 154 -0.49 5.72 44.29
CA LEU N 154 0.89 5.44 44.67
C LEU N 154 1.18 5.98 46.06
N ALA N 155 0.66 7.15 46.41
CA ALA N 155 0.88 7.67 47.76
C ALA N 155 0.30 6.71 48.79
N ARG N 156 -0.91 6.21 48.55
CA ARG N 156 -1.51 5.28 49.49
C ARG N 156 -0.62 4.06 49.71
N HIS N 157 0.04 3.58 48.66
CA HIS N 157 0.79 2.34 48.79
C HIS N 157 2.30 2.50 49.05
N THR N 158 2.86 3.69 48.85
CA THR N 158 4.29 3.90 49.03
C THR N 158 4.63 4.69 50.29
N GLY N 159 3.69 5.45 50.83
CA GLY N 159 3.95 6.28 51.99
C GLY N 159 4.54 7.63 51.68
N LYS N 160 4.80 7.93 50.42
CA LYS N 160 5.26 9.25 50.01
C LYS N 160 4.06 10.16 49.81
N ASP N 161 4.24 11.44 50.13
CA ASP N 161 3.15 12.38 49.91
C ASP N 161 2.84 12.47 48.42
N ALA N 162 1.55 12.58 48.10
CA ALA N 162 1.15 12.64 46.70
C ALA N 162 1.82 13.80 45.97
N GLY N 163 2.14 14.88 46.67
CA GLY N 163 2.86 15.98 46.04
C GLY N 163 4.26 15.58 45.60
N VAL N 164 4.96 14.81 46.43
CA VAL N 164 6.29 14.35 46.07
C VAL N 164 6.22 13.45 44.85
N ILE N 165 5.24 12.55 44.82
CA ILE N 165 5.07 11.67 43.67
C ILE N 165 4.75 12.47 42.43
N ARG N 166 3.87 13.47 42.57
CA ARG N 166 3.52 14.32 41.45
C ARG N 166 4.74 14.97 40.84
N LYS N 167 5.68 15.42 41.69
CA LYS N 167 6.92 15.98 41.17
C LYS N 167 7.81 14.90 40.56
N ASP N 168 7.95 13.76 41.26
CA ASP N 168 8.86 12.71 40.81
C ASP N 168 8.46 12.14 39.45
N THR N 169 7.16 11.97 39.22
CA THR N 169 6.67 11.34 38.00
C THR N 169 6.56 12.31 36.84
N ASP N 170 7.01 13.56 37.00
CA ASP N 170 6.96 14.51 35.90
C ASP N 170 7.74 14.02 34.70
N ARG N 171 8.92 13.46 34.94
CA ARG N 171 9.75 12.86 33.89
C ARG N 171 9.96 11.41 34.26
N ASP N 172 10.26 10.59 33.25
CA ASP N 172 10.52 9.18 33.52
C ASP N 172 11.50 9.03 34.66
N LYS N 173 11.02 8.45 35.76
CA LYS N 173 11.87 8.17 36.92
C LYS N 173 12.07 6.67 37.00
N ILE N 174 13.31 6.24 36.82
CA ILE N 174 13.67 4.83 36.78
C ILE N 174 14.33 4.47 38.10
N LEU N 175 13.79 3.46 38.77
CA LEU N 175 14.30 2.99 40.05
C LEU N 175 14.91 1.61 39.88
N THR N 176 16.05 1.39 40.52
CA THR N 176 16.58 0.05 40.63
C THR N 176 15.77 -0.72 41.67
N ALA N 177 15.99 -2.04 41.73
CA ALA N 177 15.28 -2.83 42.72
C ALA N 177 15.50 -2.28 44.13
N GLU N 178 16.75 -1.95 44.46
CA GLU N 178 17.04 -1.40 45.78
C GLU N 178 16.34 -0.05 45.98
N GLU N 179 16.39 0.81 44.97
CA GLU N 179 15.71 2.10 45.07
C GLU N 179 14.21 1.92 45.19
N ALA N 180 13.64 0.97 44.42
CA ALA N 180 12.22 0.68 44.56
C ALA N 180 11.88 0.27 45.99
N LYS N 181 12.79 -0.45 46.66
CA LYS N 181 12.57 -0.76 48.07
C LYS N 181 12.60 0.51 48.92
N ASP N 182 13.65 1.33 48.77
CA ASP N 182 13.75 2.54 49.57
C ASP N 182 12.62 3.51 49.28
N TYR N 183 12.09 3.51 48.05
CA TYR N 183 11.06 4.44 47.63
C TYR N 183 9.66 3.97 47.99
N GLY N 184 9.52 2.77 48.55
CA GLY N 184 8.24 2.28 49.02
C GLY N 184 7.40 1.54 47.99
N ILE N 185 7.95 1.15 46.86
CA ILE N 185 7.17 0.41 45.86
C ILE N 185 7.18 -1.08 46.15
N ILE N 186 8.30 -1.60 46.67
CA ILE N 186 8.38 -3.01 47.05
C ILE N 186 8.81 -3.10 48.51
N ASP N 187 8.52 -4.25 49.10
CA ASP N 187 8.88 -4.51 50.49
C ASP N 187 10.27 -5.11 50.62
N THR N 188 10.71 -5.90 49.65
CA THR N 188 12.03 -6.51 49.74
C THR N 188 12.52 -6.89 48.35
N VAL N 189 13.84 -6.99 48.23
CA VAL N 189 14.49 -7.46 47.02
C VAL N 189 14.84 -8.93 47.21
N LEU N 190 14.43 -9.76 46.26
CA LEU N 190 14.59 -11.20 46.40
C LEU N 190 16.06 -11.59 46.35
N GLU N 191 16.45 -12.48 47.26
CA GLU N 191 17.76 -13.11 47.18
C GLU N 191 17.69 -14.29 46.21
N TYR N 192 18.80 -14.55 45.53
CA TYR N 192 18.85 -15.72 44.66
C TYR N 192 18.82 -16.98 45.51
N ARG N 193 18.06 -17.98 45.06
CA ARG N 193 17.89 -19.22 45.81
C ARG N 193 18.73 -20.36 45.26
N LYS N 194 19.67 -20.09 44.35
CA LYS N 194 20.46 -21.17 43.77
C LYS N 194 21.07 -22.03 44.87
N LEU N 195 20.90 -23.34 44.75
CA LEU N 195 21.39 -24.26 45.79
C LEU N 195 22.91 -24.23 45.88
N SER N 196 23.59 -24.03 44.74
CA SER N 196 25.05 -23.98 44.73
C SER N 196 25.53 -22.55 44.59
N GLY O 2 -4.91 23.71 15.31
CA GLY O 2 -6.13 24.53 15.60
C GLY O 2 -6.99 24.73 14.36
N LEU O 3 -8.30 24.61 14.52
CA LEU O 3 -9.23 24.78 13.40
C LEU O 3 -10.52 25.44 13.87
N PHE O 4 -11.21 26.31 13.10
CA PHE O 4 -12.45 27.10 13.27
C PHE O 4 -13.36 27.08 12.00
C1 0QE O 5 -14.35 25.91 11.81
N GLY P 2 -21.90 18.47 0.37
CA GLY P 2 -23.16 18.59 -0.40
C GLY P 2 -22.94 18.36 -1.89
N LEU P 3 -23.85 17.61 -2.51
CA LEU P 3 -23.74 17.31 -3.95
C LEU P 3 -25.12 17.28 -4.60
N PHE P 4 -25.33 17.70 -5.86
CA PHE P 4 -26.52 17.79 -6.74
C PHE P 4 -26.23 17.34 -8.20
C1 0QE P 5 -26.32 15.84 -8.54
N GLY Q 2 -20.74 5.64 -18.94
CA GLY Q 2 -21.06 5.14 -20.31
C GLY Q 2 -19.82 5.03 -21.17
N LEU Q 3 -19.71 3.95 -21.93
CA LEU Q 3 -18.57 3.73 -22.81
C LEU Q 3 -18.99 3.02 -24.10
N PHE Q 4 -18.41 3.30 -25.28
CA PHE Q 4 -18.61 2.81 -26.67
C PHE Q 4 -17.25 2.54 -27.41
C1 0QE Q 5 -16.56 1.18 -27.22
N GLY R 2 -2.31 -5.11 -28.09
CA GLY R 2 -1.41 -5.71 -29.12
C GLY R 2 0.01 -5.20 -28.97
N LEU R 3 0.99 -6.10 -29.10
CA LEU R 3 2.40 -5.75 -28.98
C LEU R 3 3.25 -6.58 -29.95
N PHE R 4 4.33 -6.06 -30.55
CA PHE R 4 5.33 -6.59 -31.52
C PHE R 4 6.79 -6.17 -31.17
C1 0QE R 5 7.58 -7.03 -30.15
N GLY S 2 19.51 -5.68 -20.19
CA GLY S 2 21.00 -5.77 -20.20
C GLY S 2 21.64 -4.64 -19.41
N LEU S 3 22.65 -4.97 -18.63
CA LEU S 3 23.35 -3.98 -17.81
C LEU S 3 24.85 -4.30 -17.74
N PHE S 4 25.78 -3.32 -17.71
CA PHE S 4 27.27 -3.31 -17.64
C PHE S 4 27.81 -2.24 -16.64
C1 0QE S 5 27.93 -2.60 -15.14
N GLY T 2 28.29 4.35 -1.19
CA GLY T 2 29.28 4.99 -0.28
C GLY T 2 28.76 6.29 0.31
N LEU T 3 28.98 6.49 1.60
CA LEU T 3 28.54 7.70 2.28
C LEU T 3 29.55 8.15 3.34
N PHE T 4 29.78 9.44 3.60
CA PHE T 4 30.69 10.17 4.53
C PHE T 4 29.98 11.39 5.23
C1 0QE T 5 29.16 11.12 6.51
N GLY U 2 17.42 17.43 14.60
CA GLY U 2 17.20 18.47 15.65
C GLY U 2 16.02 19.36 15.33
N LEU U 3 15.21 19.66 16.34
CA LEU U 3 14.03 20.51 16.18
C LEU U 3 13.80 21.39 17.40
N PHE U 4 13.31 22.63 17.31
CA PHE U 4 13.01 23.71 18.28
C PHE U 4 11.66 24.43 17.97
C1 0QE U 5 10.34 23.81 18.50
#